data_5XIR
#
_entry.id   5XIR
#
_entity_poly.entity_id   1
_entity_poly.type   'polypeptide(L)'
_entity_poly.pdbx_seq_one_letter_code
;HMGDKSENVQDLLLLDVAPLSLGLETAGGVMTALIKRNSTIPTKQTQIFTTYSDNQPGVLIQVYEGERAMTKDNNLLGRF
ELSGIPPAPRGVPQIEVTFDIDANGILNVTATDKSTGKANKITITNDKGRLSKEEIERMVQEAEKYKAEDEVQRERVSAK
NAYESYAFNMKSAVEDEGLKGKISE
;
_entity_poly.pdbx_strand_id   A
#
# COMPACT_ATOMS: atom_id res chain seq x y z
N HIS A 1 31.14 -11.16 -18.43
CA HIS A 1 29.71 -10.84 -18.23
C HIS A 1 29.26 -11.29 -16.85
N MET A 2 28.14 -10.73 -16.39
CA MET A 2 27.57 -11.05 -15.07
C MET A 2 28.49 -10.59 -13.93
N GLY A 3 29.33 -9.61 -14.22
CA GLY A 3 30.26 -9.12 -13.22
C GLY A 3 30.17 -7.62 -13.04
N ASP A 4 29.19 -7.01 -13.69
CA ASP A 4 28.96 -5.54 -13.61
C ASP A 4 30.10 -4.75 -14.24
N LYS A 5 29.83 -4.18 -15.40
CA LYS A 5 30.81 -3.34 -16.06
C LYS A 5 30.74 -1.95 -15.46
N SER A 6 29.56 -1.59 -15.01
CA SER A 6 29.33 -0.33 -14.37
C SER A 6 28.80 -0.56 -12.96
N GLU A 7 29.71 -0.59 -12.01
CA GLU A 7 29.34 -0.82 -10.64
C GLU A 7 29.21 0.50 -9.91
N ASN A 8 28.19 0.61 -9.09
CA ASN A 8 27.92 1.82 -8.35
C ASN A 8 28.44 1.71 -6.94
N VAL A 9 29.63 2.24 -6.74
CA VAL A 9 30.24 2.24 -5.43
C VAL A 9 30.16 3.64 -4.84
N GLN A 10 29.30 3.80 -3.86
CA GLN A 10 29.11 5.10 -3.25
C GLN A 10 28.97 4.99 -1.75
N ASP A 11 29.34 6.04 -1.06
CA ASP A 11 29.25 6.09 0.39
C ASP A 11 27.97 6.78 0.80
N LEU A 12 27.30 6.23 1.80
CA LEU A 12 26.05 6.81 2.31
C LEU A 12 25.58 6.09 3.57
N LEU A 13 24.78 6.78 4.35
CA LEU A 13 24.22 6.23 5.57
C LEU A 13 22.71 6.43 5.57
N LEU A 14 21.99 5.50 6.15
CA LEU A 14 20.55 5.57 6.16
C LEU A 14 20.01 5.95 7.54
N LEU A 15 18.70 5.94 7.68
CA LEU A 15 18.06 6.26 8.95
C LEU A 15 17.94 5.04 9.83
N ASP A 16 18.36 3.88 9.28
CA ASP A 16 18.31 2.58 9.97
C ASP A 16 16.87 2.08 10.11
N VAL A 17 16.06 2.86 10.80
CA VAL A 17 14.68 2.51 11.03
C VAL A 17 13.75 3.29 10.10
N ALA A 18 12.75 2.60 9.58
CA ALA A 18 11.77 3.22 8.71
C ALA A 18 10.87 4.14 9.53
N PRO A 19 10.68 5.39 9.06
CA PRO A 19 9.84 6.39 9.76
C PRO A 19 8.43 5.87 10.08
N LEU A 20 7.68 5.57 9.04
CA LEU A 20 6.34 5.06 9.20
C LEU A 20 6.13 3.86 8.29
N SER A 21 4.92 3.34 8.29
CA SER A 21 4.61 2.18 7.47
C SER A 21 4.27 2.62 6.04
N LEU A 22 4.32 1.68 5.11
CA LEU A 22 4.05 1.96 3.71
C LEU A 22 3.23 0.83 3.10
N GLY A 23 2.15 1.18 2.41
CA GLY A 23 1.33 0.18 1.78
C GLY A 23 0.17 0.79 1.03
N LEU A 24 -0.71 -0.06 0.53
CA LEU A 24 -1.87 0.38 -0.23
C LEU A 24 -3.15 -0.06 0.46
N GLU A 25 -4.27 0.35 -0.08
CA GLU A 25 -5.56 -0.02 0.46
C GLU A 25 -6.18 -1.11 -0.41
N THR A 26 -6.95 -1.97 0.22
CA THR A 26 -7.60 -3.06 -0.49
C THR A 26 -9.13 -2.91 -0.43
N ALA A 27 -9.85 -3.96 -0.81
CA ALA A 27 -11.31 -3.95 -0.83
C ALA A 27 -11.89 -3.50 0.50
N GLY A 28 -12.81 -2.57 0.44
CA GLY A 28 -13.44 -2.06 1.64
C GLY A 28 -12.83 -0.75 2.08
N GLY A 29 -11.80 -0.32 1.37
CA GLY A 29 -11.16 0.94 1.69
C GLY A 29 -10.32 0.85 2.95
N VAL A 30 -9.77 -0.33 3.19
CA VAL A 30 -8.92 -0.54 4.34
C VAL A 30 -7.46 -0.66 3.92
N MET A 31 -6.60 0.07 4.61
CA MET A 31 -5.18 0.08 4.31
C MET A 31 -4.51 -1.20 4.76
N THR A 32 -3.61 -1.71 3.93
CA THR A 32 -2.84 -2.88 4.26
C THR A 32 -1.36 -2.56 4.03
N ALA A 33 -0.63 -2.34 5.11
CA ALA A 33 0.77 -1.97 5.03
C ALA A 33 1.64 -3.17 4.71
N LEU A 34 2.58 -2.98 3.79
CA LEU A 34 3.52 -4.02 3.43
C LEU A 34 4.76 -3.87 4.28
N ILE A 35 5.33 -2.69 4.23
CA ILE A 35 6.50 -2.36 5.00
C ILE A 35 6.06 -1.56 6.22
N LYS A 36 6.55 -1.93 7.37
CA LYS A 36 6.18 -1.22 8.58
C LYS A 36 7.34 -0.43 9.13
N ARG A 37 7.02 0.51 10.00
CA ARG A 37 8.00 1.37 10.63
C ARG A 37 9.03 0.55 11.40
N ASN A 38 10.26 1.06 11.44
CA ASN A 38 11.39 0.41 12.14
C ASN A 38 11.91 -0.81 11.39
N SER A 39 11.43 -1.01 10.17
CA SER A 39 11.88 -2.11 9.34
C SER A 39 12.28 -1.59 7.97
N THR A 40 13.58 -1.51 7.72
CA THR A 40 14.08 -1.02 6.46
C THR A 40 14.83 -2.11 5.70
N ILE A 41 15.87 -2.65 6.33
CA ILE A 41 16.71 -3.68 5.71
C ILE A 41 17.24 -4.64 6.77
N PRO A 42 17.46 -5.91 6.41
CA PRO A 42 17.19 -6.42 5.08
C PRO A 42 15.79 -7.06 5.01
N THR A 43 14.97 -6.57 4.11
CA THR A 43 13.63 -7.09 3.96
C THR A 43 13.04 -6.70 2.60
N LYS A 44 12.13 -7.51 2.10
CA LYS A 44 11.48 -7.24 0.84
C LYS A 44 10.03 -7.67 0.93
N GLN A 45 9.12 -6.76 0.63
CA GLN A 45 7.69 -7.04 0.77
C GLN A 45 6.98 -6.98 -0.56
N THR A 46 6.03 -7.89 -0.74
CA THR A 46 5.23 -7.95 -1.94
C THR A 46 3.81 -8.39 -1.58
N GLN A 47 2.82 -7.75 -2.20
CA GLN A 47 1.43 -8.06 -1.93
C GLN A 47 0.56 -7.84 -3.15
N ILE A 48 -0.47 -8.65 -3.27
CA ILE A 48 -1.43 -8.53 -4.35
C ILE A 48 -2.70 -7.92 -3.80
N PHE A 49 -3.09 -6.78 -4.31
CA PHE A 49 -4.28 -6.11 -3.85
C PHE A 49 -5.44 -6.39 -4.76
N THR A 50 -6.55 -6.80 -4.19
CA THR A 50 -7.73 -7.15 -4.95
C THR A 50 -8.96 -6.46 -4.40
N THR A 51 -9.62 -5.67 -5.22
CA THR A 51 -10.82 -5.01 -4.79
C THR A 51 -12.00 -5.51 -5.62
N TYR A 52 -13.15 -4.89 -5.45
CA TYR A 52 -14.36 -5.26 -6.17
C TYR A 52 -14.16 -5.03 -7.66
N SER A 53 -13.87 -3.78 -8.01
CA SER A 53 -13.59 -3.44 -9.38
C SER A 53 -12.58 -2.30 -9.42
N ASP A 54 -11.45 -2.53 -10.06
CA ASP A 54 -10.42 -1.50 -10.18
C ASP A 54 -10.61 -0.69 -11.43
N ASN A 55 -11.04 -1.36 -12.50
CA ASN A 55 -11.27 -0.74 -13.83
C ASN A 55 -10.13 0.20 -14.24
N GLN A 56 -8.93 -0.15 -13.83
CA GLN A 56 -7.75 0.65 -14.14
C GLN A 56 -7.17 0.25 -15.49
N PRO A 57 -6.36 1.13 -16.11
CA PRO A 57 -5.68 0.84 -17.39
C PRO A 57 -4.43 0.00 -17.17
N GLY A 58 -4.45 -0.78 -16.11
CA GLY A 58 -3.32 -1.60 -15.74
C GLY A 58 -3.27 -1.79 -14.24
N VAL A 59 -2.37 -1.06 -13.60
CA VAL A 59 -2.22 -1.11 -12.14
C VAL A 59 -2.08 0.29 -11.55
N LEU A 60 -2.75 0.52 -10.44
CA LEU A 60 -2.73 1.81 -9.77
C LEU A 60 -2.04 1.69 -8.41
N ILE A 61 -1.10 2.57 -8.14
CA ILE A 61 -0.38 2.54 -6.87
C ILE A 61 -0.37 3.93 -6.23
N GLN A 62 -1.11 4.08 -5.14
CA GLN A 62 -1.16 5.33 -4.41
C GLN A 62 -0.17 5.26 -3.25
N VAL A 63 1.00 5.85 -3.44
CA VAL A 63 2.06 5.76 -2.46
C VAL A 63 1.87 6.74 -1.30
N TYR A 64 1.32 6.27 -0.21
CA TYR A 64 1.16 7.08 0.98
C TYR A 64 1.85 6.44 2.16
N GLU A 65 2.42 7.28 3.00
CA GLU A 65 3.17 6.83 4.16
C GLU A 65 2.34 7.01 5.43
N GLY A 66 2.52 6.10 6.36
CA GLY A 66 1.79 6.14 7.60
C GLY A 66 1.17 4.82 7.90
N GLU A 67 0.28 4.79 8.86
CA GLU A 67 -0.43 3.57 9.19
C GLU A 67 -1.74 3.90 9.85
N ARG A 68 -2.79 3.38 9.28
CA ARG A 68 -4.17 3.59 9.73
C ARG A 68 -5.05 2.65 8.94
N ALA A 69 -6.31 2.56 9.30
CA ALA A 69 -7.24 1.80 8.48
C ALA A 69 -7.83 2.75 7.46
N MET A 70 -7.97 4.01 7.87
CA MET A 70 -8.44 5.06 6.98
C MET A 70 -7.26 5.64 6.22
N THR A 71 -7.43 5.83 4.93
CA THR A 71 -6.37 6.34 4.08
C THR A 71 -6.27 7.87 4.16
N LYS A 72 -7.19 8.48 4.88
CA LYS A 72 -7.26 9.93 5.00
C LYS A 72 -6.22 10.50 5.97
N ASP A 73 -5.83 9.73 6.97
CA ASP A 73 -4.92 10.23 8.01
C ASP A 73 -3.47 9.87 7.77
N ASN A 74 -3.13 9.58 6.53
CA ASN A 74 -1.75 9.26 6.18
C ASN A 74 -1.15 10.40 5.38
N ASN A 75 0.15 10.34 5.13
CA ASN A 75 0.82 11.39 4.36
C ASN A 75 1.28 10.87 3.02
N LEU A 76 0.83 11.51 1.96
CA LEU A 76 1.15 11.11 0.60
C LEU A 76 2.62 11.31 0.27
N LEU A 77 3.21 10.33 -0.39
CA LEU A 77 4.59 10.44 -0.84
C LEU A 77 4.61 10.75 -2.33
N GLY A 78 3.75 10.08 -3.07
CA GLY A 78 3.66 10.27 -4.48
C GLY A 78 2.68 9.31 -5.12
N ARG A 79 2.54 9.37 -6.42
CA ARG A 79 1.64 8.47 -7.12
C ARG A 79 2.20 8.08 -8.48
N PHE A 80 1.94 6.85 -8.87
CA PHE A 80 2.34 6.36 -10.17
C PHE A 80 1.41 5.23 -10.58
N GLU A 81 1.06 5.19 -11.84
CA GLU A 81 0.19 4.16 -12.34
C GLU A 81 0.63 3.70 -13.71
N LEU A 82 0.36 2.45 -14.01
CA LEU A 82 0.74 1.90 -15.30
C LEU A 82 -0.47 1.91 -16.21
N SER A 83 -0.39 2.70 -17.25
CA SER A 83 -1.44 2.78 -18.23
C SER A 83 -0.93 2.22 -19.55
N GLY A 84 -1.27 0.98 -19.81
CA GLY A 84 -0.83 0.35 -21.04
C GLY A 84 -1.94 -0.39 -21.75
N ILE A 85 -2.94 -0.81 -20.99
CA ILE A 85 -4.07 -1.52 -21.55
C ILE A 85 -5.36 -0.74 -21.31
N PRO A 86 -6.39 -0.99 -22.12
CA PRO A 86 -7.69 -0.34 -21.96
C PRO A 86 -8.32 -0.69 -20.61
N PRO A 87 -8.73 0.34 -19.83
CA PRO A 87 -9.35 0.15 -18.50
C PRO A 87 -10.50 -0.85 -18.54
N ALA A 88 -10.34 -1.94 -17.82
CA ALA A 88 -11.36 -2.98 -17.78
C ALA A 88 -11.83 -3.23 -16.36
N PRO A 89 -13.16 -3.39 -16.17
CA PRO A 89 -13.72 -3.66 -14.84
C PRO A 89 -13.27 -5.02 -14.30
N ARG A 90 -13.15 -5.99 -15.19
CA ARG A 90 -12.71 -7.31 -14.82
C ARG A 90 -11.44 -7.67 -15.56
N GLY A 91 -10.61 -8.47 -14.94
CA GLY A 91 -9.37 -8.86 -15.57
C GLY A 91 -8.19 -8.19 -14.94
N VAL A 92 -8.38 -6.98 -14.43
CA VAL A 92 -7.29 -6.24 -13.79
C VAL A 92 -7.64 -5.73 -12.37
N PRO A 93 -8.28 -6.57 -11.50
CA PRO A 93 -8.56 -6.18 -10.12
C PRO A 93 -7.44 -6.62 -9.19
N GLN A 94 -6.36 -7.13 -9.79
CA GLN A 94 -5.21 -7.60 -9.05
C GLN A 94 -4.06 -6.62 -9.22
N ILE A 95 -3.83 -5.81 -8.21
CA ILE A 95 -2.74 -4.87 -8.25
C ILE A 95 -1.49 -5.54 -7.70
N GLU A 96 -0.60 -5.95 -8.60
CA GLU A 96 0.62 -6.64 -8.23
C GLU A 96 1.73 -5.64 -7.91
N VAL A 97 2.08 -5.53 -6.64
CA VAL A 97 3.08 -4.57 -6.19
C VAL A 97 4.19 -5.26 -5.40
N THR A 98 5.42 -5.08 -5.83
CA THR A 98 6.57 -5.66 -5.16
C THR A 98 7.59 -4.57 -4.81
N PHE A 99 7.90 -4.44 -3.52
CA PHE A 99 8.86 -3.43 -3.07
C PHE A 99 10.24 -4.04 -2.88
N ASP A 100 11.15 -3.72 -3.79
CA ASP A 100 12.52 -4.20 -3.68
C ASP A 100 13.37 -3.14 -3.01
N ILE A 101 13.71 -3.38 -1.77
CA ILE A 101 14.49 -2.42 -1.01
C ILE A 101 15.98 -2.64 -1.23
N ASP A 102 16.63 -1.68 -1.85
CA ASP A 102 18.06 -1.75 -2.09
C ASP A 102 18.81 -1.37 -0.83
N ALA A 103 19.96 -1.99 -0.61
CA ALA A 103 20.77 -1.75 0.59
C ALA A 103 21.24 -0.29 0.67
N ASN A 104 21.19 0.42 -0.45
CA ASN A 104 21.58 1.83 -0.47
C ASN A 104 20.42 2.73 -0.06
N GLY A 105 19.31 2.11 0.32
CA GLY A 105 18.15 2.87 0.76
C GLY A 105 17.27 3.30 -0.38
N ILE A 106 17.26 2.51 -1.44
CA ILE A 106 16.45 2.82 -2.60
C ILE A 106 15.23 1.91 -2.64
N LEU A 107 14.06 2.50 -2.54
CA LEU A 107 12.82 1.74 -2.58
C LEU A 107 12.39 1.55 -4.03
N ASN A 108 12.70 0.40 -4.58
CA ASN A 108 12.34 0.10 -5.96
C ASN A 108 11.04 -0.67 -6.00
N VAL A 109 9.96 0.04 -6.23
CA VAL A 109 8.67 -0.59 -6.29
C VAL A 109 8.36 -1.02 -7.73
N THR A 110 8.08 -2.30 -7.89
CA THR A 110 7.79 -2.86 -9.18
C THR A 110 6.33 -3.28 -9.27
N ALA A 111 5.62 -2.72 -10.22
CA ALA A 111 4.25 -3.08 -10.47
C ALA A 111 4.14 -3.78 -11.82
N THR A 112 3.31 -4.79 -11.92
CA THR A 112 3.18 -5.52 -13.17
C THR A 112 1.71 -5.88 -13.45
N ASP A 113 1.29 -5.66 -14.69
CA ASP A 113 -0.07 -6.00 -15.12
C ASP A 113 -0.22 -7.52 -15.26
N LYS A 114 -1.44 -8.00 -15.05
CA LYS A 114 -1.72 -9.42 -15.11
C LYS A 114 -2.14 -9.85 -16.52
N SER A 115 -2.53 -8.89 -17.33
CA SER A 115 -2.98 -9.18 -18.68
C SER A 115 -1.78 -9.37 -19.61
N THR A 116 -0.92 -8.38 -19.65
CA THR A 116 0.26 -8.41 -20.47
C THR A 116 1.49 -8.08 -19.61
N GLY A 117 2.67 -8.38 -20.12
CA GLY A 117 3.89 -8.15 -19.36
C GLY A 117 4.30 -6.69 -19.33
N LYS A 118 3.47 -5.86 -18.74
CA LYS A 118 3.79 -4.46 -18.60
C LYS A 118 4.21 -4.17 -17.18
N ALA A 119 5.48 -3.85 -17.01
CA ALA A 119 6.03 -3.58 -15.71
C ALA A 119 6.38 -2.11 -15.57
N ASN A 120 6.16 -1.58 -14.39
CA ASN A 120 6.47 -0.20 -14.11
C ASN A 120 7.25 -0.10 -12.81
N LYS A 121 8.37 0.60 -12.86
CA LYS A 121 9.21 0.77 -11.69
C LYS A 121 9.48 2.24 -11.44
N ILE A 122 9.52 2.61 -10.19
CA ILE A 122 9.84 3.96 -9.79
C ILE A 122 10.66 3.94 -8.51
N THR A 123 11.67 4.78 -8.46
CA THR A 123 12.54 4.84 -7.31
C THR A 123 12.01 5.81 -6.25
N ILE A 124 11.51 5.25 -5.18
CA ILE A 124 11.04 6.05 -4.06
C ILE A 124 12.18 6.24 -3.09
N THR A 125 12.54 7.48 -2.85
CA THR A 125 13.65 7.76 -1.97
C THR A 125 13.31 8.79 -0.90
N ASN A 126 13.87 8.59 0.26
CA ASN A 126 13.74 9.51 1.39
C ASN A 126 15.13 9.99 1.78
N ASP A 127 16.00 10.00 0.77
CA ASP A 127 17.40 10.39 0.91
C ASP A 127 17.56 11.77 1.54
N LYS A 128 16.72 12.70 1.15
CA LYS A 128 16.81 14.04 1.67
C LYS A 128 16.36 14.11 3.11
N GLY A 129 17.34 14.17 4.00
CA GLY A 129 17.08 14.23 5.41
C GLY A 129 16.42 15.52 5.82
N ARG A 130 15.12 15.46 6.01
CA ARG A 130 14.34 16.61 6.40
C ARG A 130 13.14 16.18 7.23
N LEU A 131 13.20 14.98 7.76
CA LEU A 131 12.12 14.44 8.56
C LEU A 131 12.46 14.54 10.04
N SER A 132 11.88 15.50 10.71
CA SER A 132 12.10 15.69 12.13
C SER A 132 11.53 14.50 12.91
N LYS A 133 12.20 14.11 13.99
CA LYS A 133 11.75 12.96 14.78
C LYS A 133 10.35 13.20 15.36
N GLU A 134 10.00 14.46 15.58
CA GLU A 134 8.70 14.82 16.11
C GLU A 134 7.58 14.31 15.20
N GLU A 135 7.83 14.33 13.89
CA GLU A 135 6.85 13.87 12.91
C GLU A 135 6.48 12.41 13.15
N ILE A 136 7.49 11.56 13.26
CA ILE A 136 7.26 10.14 13.47
C ILE A 136 6.82 9.85 14.90
N GLU A 137 7.29 10.66 15.84
CA GLU A 137 6.93 10.50 17.25
C GLU A 137 5.44 10.75 17.47
N ARG A 138 4.91 11.79 16.83
CA ARG A 138 3.51 12.09 16.97
C ARG A 138 2.66 11.09 16.20
N MET A 139 3.08 10.76 14.98
CA MET A 139 2.32 9.86 14.14
C MET A 139 2.31 8.43 14.68
N VAL A 140 3.42 7.99 15.25
CA VAL A 140 3.50 6.62 15.80
C VAL A 140 2.52 6.46 16.96
N GLN A 141 2.21 7.55 17.64
CA GLN A 141 1.31 7.52 18.77
C GLN A 141 -0.12 7.84 18.35
N GLU A 142 -0.29 8.93 17.60
CA GLU A 142 -1.62 9.38 17.17
C GLU A 142 -2.31 8.36 16.28
N ALA A 143 -1.58 7.85 15.29
CA ALA A 143 -2.16 6.88 14.35
C ALA A 143 -2.68 5.65 15.09
N GLU A 144 -1.92 5.21 16.07
CA GLU A 144 -2.29 4.08 16.89
C GLU A 144 -3.47 4.46 17.79
N LYS A 145 -3.37 5.64 18.38
CA LYS A 145 -4.39 6.15 19.29
C LYS A 145 -5.74 6.31 18.57
N TYR A 146 -5.69 6.81 17.35
CA TYR A 146 -6.89 7.05 16.57
C TYR A 146 -7.38 5.78 15.87
N LYS A 147 -6.82 4.63 16.22
CA LYS A 147 -7.31 3.37 15.65
C LYS A 147 -8.73 3.12 16.14
N ALA A 148 -9.10 3.81 17.21
CA ALA A 148 -10.45 3.75 17.74
C ALA A 148 -11.43 4.27 16.70
N GLU A 149 -10.95 5.22 15.88
CA GLU A 149 -11.75 5.75 14.81
C GLU A 149 -11.73 4.79 13.64
N ASP A 150 -10.66 4.05 13.51
CA ASP A 150 -10.54 3.04 12.46
C ASP A 150 -11.58 1.97 12.66
N GLU A 151 -11.91 1.72 13.91
CA GLU A 151 -12.89 0.71 14.27
C GLU A 151 -14.26 1.05 13.68
N VAL A 152 -14.55 2.34 13.50
CA VAL A 152 -15.86 2.75 12.96
C VAL A 152 -15.96 2.43 11.48
N GLN A 153 -14.83 2.45 10.77
CA GLN A 153 -14.84 2.11 9.35
C GLN A 153 -14.72 0.61 9.18
N ARG A 154 -14.09 -0.05 10.16
CA ARG A 154 -14.00 -1.50 10.18
C ARG A 154 -15.39 -2.08 10.37
N GLU A 155 -16.22 -1.32 11.08
CA GLU A 155 -17.60 -1.68 11.36
C GLU A 155 -18.37 -1.93 10.07
N ARG A 156 -18.37 -0.94 9.18
CA ARG A 156 -19.09 -1.05 7.92
C ARG A 156 -18.48 -2.09 6.99
N VAL A 157 -17.23 -2.44 7.24
CA VAL A 157 -16.56 -3.48 6.47
C VAL A 157 -17.05 -4.84 6.96
N SER A 158 -17.17 -4.97 8.27
CA SER A 158 -17.67 -6.19 8.88
C SER A 158 -19.17 -6.31 8.61
N ALA A 159 -19.81 -5.17 8.42
CA ALA A 159 -21.23 -5.12 8.11
C ALA A 159 -21.51 -5.67 6.72
N LYS A 160 -20.48 -5.72 5.88
CA LYS A 160 -20.61 -6.24 4.53
C LYS A 160 -21.01 -7.70 4.56
N ASN A 161 -20.22 -8.51 5.26
CA ASN A 161 -20.50 -9.93 5.36
C ASN A 161 -21.68 -10.19 6.30
N ALA A 162 -21.96 -9.22 7.19
CA ALA A 162 -23.10 -9.32 8.08
C ALA A 162 -24.39 -9.11 7.28
N TYR A 163 -24.38 -8.12 6.39
CA TYR A 163 -25.51 -7.85 5.51
C TYR A 163 -25.71 -9.00 4.54
N GLU A 164 -24.62 -9.68 4.24
CA GLU A 164 -24.64 -10.85 3.36
C GLU A 164 -25.46 -11.97 3.99
N SER A 165 -25.62 -11.90 5.30
CA SER A 165 -26.37 -12.89 6.03
C SER A 165 -27.88 -12.60 5.95
N TYR A 166 -28.22 -11.48 5.35
CA TYR A 166 -29.62 -11.11 5.19
C TYR A 166 -30.21 -11.81 3.98
N ALA A 167 -31.17 -12.67 4.22
CA ALA A 167 -31.82 -13.40 3.16
C ALA A 167 -33.09 -12.68 2.72
N PHE A 168 -33.22 -12.47 1.43
CA PHE A 168 -34.41 -11.84 0.89
C PHE A 168 -35.56 -12.84 0.83
N ASN A 169 -36.78 -12.33 0.85
CA ASN A 169 -37.95 -13.19 0.86
C ASN A 169 -38.19 -13.82 -0.51
N MET A 170 -38.40 -13.00 -1.51
CA MET A 170 -38.65 -13.47 -2.86
C MET A 170 -37.49 -13.12 -3.76
N LYS A 171 -37.52 -13.65 -4.97
CA LYS A 171 -36.48 -13.37 -5.95
C LYS A 171 -36.85 -12.15 -6.77
N SER A 172 -38.05 -12.15 -7.29
CA SER A 172 -38.54 -11.05 -8.10
C SER A 172 -40.06 -11.05 -8.13
N ALA A 173 -40.65 -9.87 -8.10
CA ALA A 173 -42.09 -9.73 -8.12
C ALA A 173 -42.65 -10.05 -9.50
N VAL A 174 -43.62 -10.94 -9.54
CA VAL A 174 -44.24 -11.33 -10.79
C VAL A 174 -45.22 -10.24 -11.23
N GLU A 175 -44.88 -9.53 -12.29
CA GLU A 175 -45.72 -8.47 -12.78
C GLU A 175 -46.94 -9.02 -13.51
N ASP A 176 -48.03 -8.29 -13.44
CA ASP A 176 -49.27 -8.69 -14.06
C ASP A 176 -49.23 -8.41 -15.56
N GLU A 177 -49.22 -9.45 -16.35
CA GLU A 177 -49.20 -9.31 -17.79
C GLU A 177 -50.62 -9.27 -18.34
N GLY A 178 -50.84 -8.40 -19.31
CA GLY A 178 -52.16 -8.29 -19.90
C GLY A 178 -52.25 -9.07 -21.19
N LEU A 179 -53.16 -10.02 -21.24
CA LEU A 179 -53.35 -10.81 -22.43
C LEU A 179 -54.78 -10.69 -22.92
N LYS A 180 -54.97 -9.89 -23.94
CA LYS A 180 -56.27 -9.69 -24.55
C LYS A 180 -56.10 -9.49 -26.04
N GLY A 181 -57.21 -9.44 -26.75
CA GLY A 181 -57.15 -9.28 -28.19
C GLY A 181 -58.11 -8.25 -28.69
N LYS A 182 -57.59 -7.15 -29.18
CA LYS A 182 -58.41 -6.11 -29.75
C LYS A 182 -58.32 -6.17 -31.27
N ILE A 183 -59.37 -6.67 -31.89
CA ILE A 183 -59.40 -6.80 -33.34
C ILE A 183 -59.33 -5.43 -34.02
N SER A 184 -58.15 -5.10 -34.50
CA SER A 184 -57.91 -3.85 -35.18
C SER A 184 -57.05 -4.08 -36.42
N GLU A 185 -56.73 -5.38 -36.67
CA GLU A 185 -55.86 -5.82 -37.78
C GLU A 185 -54.76 -4.80 -38.12
N HIS A 1 53.53 1.65 18.98
CA HIS A 1 52.31 2.37 19.35
C HIS A 1 51.74 3.11 18.15
N MET A 2 50.52 3.62 18.26
CA MET A 2 49.88 4.34 17.17
C MET A 2 50.54 5.71 16.96
N GLY A 3 51.55 5.72 16.12
CA GLY A 3 52.25 6.95 15.82
C GLY A 3 52.01 7.40 14.41
N ASP A 4 51.23 6.64 13.68
CA ASP A 4 50.92 6.96 12.30
C ASP A 4 49.83 8.02 12.23
N LYS A 5 50.11 9.09 11.52
CA LYS A 5 49.15 10.17 11.36
C LYS A 5 48.41 10.01 10.05
N SER A 6 47.22 9.45 10.12
CA SER A 6 46.39 9.23 8.95
C SER A 6 44.97 8.88 9.38
N GLU A 7 44.01 9.56 8.81
CA GLU A 7 42.61 9.29 9.10
C GLU A 7 41.75 9.35 7.85
N ASN A 8 40.73 8.53 7.82
CA ASN A 8 39.82 8.50 6.69
C ASN A 8 38.38 8.46 7.18
N VAL A 9 37.53 9.25 6.58
CA VAL A 9 36.15 9.33 6.98
C VAL A 9 35.27 8.42 6.14
N GLN A 10 34.58 7.50 6.82
CA GLN A 10 33.68 6.58 6.16
C GLN A 10 32.24 6.94 6.50
N ASP A 11 31.60 7.68 5.62
CA ASP A 11 30.23 8.10 5.83
C ASP A 11 29.25 7.01 5.44
N LEU A 12 28.22 6.85 6.24
CA LEU A 12 27.21 5.84 5.97
C LEU A 12 25.83 6.47 5.97
N LEU A 13 25.10 6.28 4.89
CA LEU A 13 23.75 6.81 4.77
C LEU A 13 22.76 5.68 4.63
N LEU A 14 23.13 4.51 5.12
CA LEU A 14 22.28 3.33 5.05
C LEU A 14 21.09 3.47 5.96
N LEU A 15 19.91 3.45 5.38
CA LEU A 15 18.69 3.59 6.15
C LEU A 15 18.12 2.21 6.47
N ASP A 16 18.32 1.76 7.70
CA ASP A 16 17.83 0.46 8.12
C ASP A 16 16.56 0.59 8.95
N VAL A 17 16.12 1.81 9.14
CA VAL A 17 14.89 2.09 9.87
C VAL A 17 14.02 3.06 9.09
N ALA A 18 12.80 2.65 8.79
CA ALA A 18 11.85 3.50 8.10
C ALA A 18 11.10 4.36 9.11
N PRO A 19 10.68 5.56 8.70
CA PRO A 19 9.92 6.46 9.58
C PRO A 19 8.55 5.88 9.94
N LEU A 20 7.75 5.60 8.92
CA LEU A 20 6.41 5.05 9.11
C LEU A 20 6.22 3.82 8.24
N SER A 21 5.01 3.28 8.30
CA SER A 21 4.65 2.12 7.50
C SER A 21 4.39 2.53 6.05
N LEU A 22 4.54 1.59 5.14
CA LEU A 22 4.29 1.86 3.74
C LEU A 22 3.31 0.85 3.18
N GLY A 23 2.36 1.32 2.38
CA GLY A 23 1.37 0.44 1.81
C GLY A 23 0.67 1.07 0.63
N LEU A 24 -0.34 0.38 0.13
CA LEU A 24 -1.09 0.86 -1.03
C LEU A 24 -2.56 1.03 -0.66
N GLU A 25 -3.33 1.57 -1.58
CA GLU A 25 -4.76 1.79 -1.37
C GLU A 25 -5.56 0.63 -1.95
N THR A 26 -6.76 0.45 -1.43
CA THR A 26 -7.66 -0.57 -1.92
C THR A 26 -9.11 -0.06 -1.82
N ALA A 27 -9.99 -0.59 -2.66
CA ALA A 27 -11.40 -0.19 -2.69
C ALA A 27 -12.02 -0.22 -1.31
N GLY A 28 -12.66 0.86 -0.93
CA GLY A 28 -13.27 0.96 0.37
C GLY A 28 -12.49 1.87 1.31
N GLY A 29 -11.38 2.40 0.80
CA GLY A 29 -10.54 3.27 1.60
C GLY A 29 -9.67 2.47 2.54
N VAL A 30 -9.34 1.25 2.13
CA VAL A 30 -8.56 0.36 2.97
C VAL A 30 -7.06 0.60 2.79
N MET A 31 -6.37 0.68 3.91
CA MET A 31 -4.93 0.82 3.92
C MET A 31 -4.30 -0.49 4.36
N THR A 32 -3.36 -0.98 3.58
CA THR A 32 -2.68 -2.21 3.91
C THR A 32 -1.18 -2.00 3.97
N ALA A 33 -0.66 -1.96 5.18
CA ALA A 33 0.75 -1.74 5.40
C ALA A 33 1.50 -3.06 5.39
N LEU A 34 2.28 -3.28 4.35
CA LEU A 34 3.07 -4.49 4.24
C LEU A 34 4.51 -4.22 4.65
N ILE A 35 4.82 -2.94 4.83
CA ILE A 35 6.15 -2.52 5.26
C ILE A 35 6.03 -1.79 6.59
N LYS A 36 6.76 -2.26 7.59
CA LYS A 36 6.72 -1.66 8.91
C LYS A 36 8.02 -0.93 9.18
N ARG A 37 7.99 -0.01 10.13
CA ARG A 37 9.18 0.74 10.48
C ARG A 37 10.17 -0.12 11.24
N ASN A 38 11.40 0.40 11.41
CA ASN A 38 12.48 -0.30 12.12
C ASN A 38 12.98 -1.54 11.37
N SER A 39 12.52 -1.71 10.13
CA SER A 39 12.93 -2.85 9.31
C SER A 39 12.79 -2.55 7.82
N THR A 40 13.89 -2.17 7.19
CA THR A 40 13.90 -1.87 5.77
C THR A 40 14.87 -2.76 5.02
N ILE A 41 16.11 -2.80 5.47
CA ILE A 41 17.14 -3.59 4.83
C ILE A 41 17.74 -4.60 5.80
N PRO A 42 18.10 -5.78 5.29
CA PRO A 42 17.89 -6.17 3.91
C PRO A 42 16.63 -7.03 3.73
N THR A 43 15.58 -6.41 3.21
CA THR A 43 14.34 -7.14 2.97
C THR A 43 13.54 -6.46 1.85
N LYS A 44 12.72 -7.25 1.17
CA LYS A 44 11.90 -6.74 0.10
C LYS A 44 10.53 -7.40 0.14
N GLN A 45 9.50 -6.59 0.08
CA GLN A 45 8.14 -7.09 0.19
C GLN A 45 7.55 -7.38 -1.18
N THR A 46 6.77 -8.44 -1.26
CA THR A 46 6.10 -8.81 -2.50
C THR A 46 4.74 -9.43 -2.20
N GLN A 47 3.68 -8.71 -2.53
CA GLN A 47 2.33 -9.18 -2.29
C GLN A 47 1.42 -8.74 -3.43
N ILE A 48 0.38 -9.51 -3.69
CA ILE A 48 -0.56 -9.18 -4.74
C ILE A 48 -1.66 -8.25 -4.24
N PHE A 49 -1.91 -7.20 -4.99
CA PHE A 49 -2.94 -6.23 -4.66
C PHE A 49 -3.94 -6.13 -5.80
N THR A 50 -5.18 -5.85 -5.46
CA THR A 50 -6.22 -5.70 -6.44
C THR A 50 -7.41 -4.98 -5.83
N THR A 51 -8.17 -4.30 -6.66
CA THR A 51 -9.31 -3.55 -6.21
C THR A 51 -10.59 -4.22 -6.71
N TYR A 52 -11.72 -3.60 -6.48
CA TYR A 52 -12.99 -4.11 -6.93
C TYR A 52 -13.43 -3.42 -8.21
N SER A 53 -13.26 -2.11 -8.24
CA SER A 53 -13.56 -1.32 -9.42
C SER A 53 -12.61 -0.13 -9.53
N ASP A 54 -11.89 -0.05 -10.62
CA ASP A 54 -10.96 1.06 -10.83
C ASP A 54 -11.52 1.99 -11.89
N ASN A 55 -11.80 1.41 -13.08
CA ASN A 55 -12.43 2.12 -14.22
C ASN A 55 -11.43 2.94 -15.05
N GLN A 56 -10.17 2.97 -14.64
CA GLN A 56 -9.15 3.66 -15.43
C GLN A 56 -8.45 2.68 -16.36
N PRO A 57 -7.75 3.18 -17.40
CA PRO A 57 -6.96 2.34 -18.34
C PRO A 57 -5.74 1.69 -17.66
N GLY A 58 -5.97 1.14 -16.49
CA GLY A 58 -4.94 0.50 -15.73
C GLY A 58 -5.37 0.32 -14.31
N VAL A 59 -4.50 0.69 -13.38
CA VAL A 59 -4.79 0.59 -11.96
C VAL A 59 -4.23 1.80 -11.23
N LEU A 60 -5.02 2.35 -10.32
CA LEU A 60 -4.58 3.50 -9.56
C LEU A 60 -3.76 3.08 -8.34
N ILE A 61 -2.46 3.03 -8.52
CA ILE A 61 -1.56 2.65 -7.45
C ILE A 61 -1.03 3.87 -6.73
N GLN A 62 -1.45 4.05 -5.49
CA GLN A 62 -0.99 5.17 -4.69
C GLN A 62 -0.02 4.70 -3.62
N VAL A 63 1.18 5.25 -3.65
CA VAL A 63 2.19 4.91 -2.67
C VAL A 63 2.23 5.97 -1.58
N TYR A 64 1.67 5.65 -0.43
CA TYR A 64 1.62 6.59 0.66
C TYR A 64 2.18 5.98 1.94
N GLU A 65 2.69 6.84 2.79
CA GLU A 65 3.35 6.44 4.00
C GLU A 65 2.50 6.76 5.22
N GLY A 66 2.62 5.92 6.24
CA GLY A 66 1.90 6.14 7.46
C GLY A 66 0.89 5.04 7.74
N GLU A 67 0.47 4.97 8.98
CA GLU A 67 -0.55 4.03 9.39
C GLU A 67 -1.65 4.78 10.11
N ARG A 68 -2.88 4.47 9.79
CA ARG A 68 -4.01 5.19 10.34
C ARG A 68 -5.27 4.36 10.21
N ALA A 69 -6.41 4.98 10.41
CA ALA A 69 -7.68 4.30 10.25
C ALA A 69 -8.09 4.34 8.79
N MET A 70 -8.14 5.54 8.24
CA MET A 70 -8.51 5.71 6.85
C MET A 70 -7.29 6.07 6.00
N THR A 71 -7.32 5.62 4.77
CA THR A 71 -6.22 5.84 3.82
C THR A 71 -5.98 7.34 3.57
N LYS A 72 -7.03 8.14 3.71
CA LYS A 72 -6.95 9.58 3.42
C LYS A 72 -6.26 10.39 4.52
N ASP A 73 -5.83 9.73 5.58
CA ASP A 73 -5.19 10.45 6.68
C ASP A 73 -3.69 10.17 6.72
N ASN A 74 -3.18 9.55 5.67
CA ASN A 74 -1.75 9.28 5.55
C ASN A 74 -1.11 10.24 4.56
N ASN A 75 0.21 10.30 4.55
CA ASN A 75 0.92 11.22 3.66
C ASN A 75 1.39 10.52 2.40
N LEU A 76 1.21 11.18 1.27
CA LEU A 76 1.56 10.64 -0.03
C LEU A 76 3.06 10.72 -0.29
N LEU A 77 3.61 9.65 -0.88
CA LEU A 77 5.01 9.64 -1.28
C LEU A 77 5.12 9.78 -2.78
N GLY A 78 4.33 8.98 -3.49
CA GLY A 78 4.32 9.02 -4.93
C GLY A 78 3.25 8.14 -5.51
N ARG A 79 3.17 8.08 -6.83
CA ARG A 79 2.18 7.26 -7.50
C ARG A 79 2.67 6.90 -8.89
N PHE A 80 2.11 5.85 -9.45
CA PHE A 80 2.47 5.42 -10.79
C PHE A 80 1.38 4.56 -11.40
N GLU A 81 1.31 4.55 -12.71
CA GLU A 81 0.32 3.79 -13.44
C GLU A 81 0.95 2.58 -14.11
N LEU A 82 0.19 1.52 -14.25
CA LEU A 82 0.66 0.36 -14.97
C LEU A 82 0.28 0.55 -16.44
N SER A 83 1.27 0.72 -17.29
CA SER A 83 1.01 1.00 -18.67
C SER A 83 1.04 -0.28 -19.52
N GLY A 84 0.08 -0.38 -20.43
CA GLY A 84 0.02 -1.51 -21.31
C GLY A 84 -1.16 -2.42 -21.05
N ILE A 85 -1.77 -2.28 -19.89
CA ILE A 85 -2.93 -3.10 -19.55
C ILE A 85 -4.22 -2.37 -19.88
N PRO A 86 -5.23 -3.11 -20.36
CA PRO A 86 -6.54 -2.53 -20.70
C PRO A 86 -7.27 -2.05 -19.44
N PRO A 87 -8.12 -1.01 -19.57
CA PRO A 87 -8.89 -0.46 -18.45
C PRO A 87 -9.64 -1.54 -17.68
N ALA A 88 -9.48 -1.53 -16.37
CA ALA A 88 -10.10 -2.52 -15.53
C ALA A 88 -11.31 -1.95 -14.80
N PRO A 89 -12.53 -2.24 -15.28
CA PRO A 89 -13.75 -1.80 -14.62
C PRO A 89 -14.02 -2.63 -13.38
N ARG A 90 -13.60 -3.87 -13.43
CA ARG A 90 -13.71 -4.78 -12.32
C ARG A 90 -12.32 -5.23 -11.92
N GLY A 91 -12.12 -5.52 -10.65
CA GLY A 91 -10.82 -5.96 -10.18
C GLY A 91 -10.48 -7.38 -10.60
N VAL A 92 -10.34 -7.59 -11.88
CA VAL A 92 -9.97 -8.88 -12.41
C VAL A 92 -8.45 -9.10 -12.30
N PRO A 93 -7.61 -8.13 -12.78
CA PRO A 93 -6.15 -8.27 -12.70
C PRO A 93 -5.64 -8.10 -11.28
N GLN A 94 -4.67 -8.93 -10.92
CA GLN A 94 -4.04 -8.85 -9.63
C GLN A 94 -2.60 -8.40 -9.80
N ILE A 95 -2.30 -7.25 -9.23
CA ILE A 95 -1.00 -6.65 -9.39
C ILE A 95 -0.05 -7.05 -8.28
N GLU A 96 1.01 -7.73 -8.65
CA GLU A 96 2.04 -8.12 -7.71
C GLU A 96 3.02 -6.99 -7.54
N VAL A 97 3.06 -6.41 -6.37
CA VAL A 97 3.94 -5.30 -6.11
C VAL A 97 5.15 -5.73 -5.29
N THR A 98 6.31 -5.42 -5.82
CA THR A 98 7.55 -5.73 -5.15
C THR A 98 8.20 -4.45 -4.63
N PHE A 99 8.29 -4.33 -3.33
CA PHE A 99 8.93 -3.19 -2.69
C PHE A 99 10.34 -3.55 -2.31
N ASP A 100 11.28 -3.20 -3.16
CA ASP A 100 12.68 -3.48 -2.90
C ASP A 100 13.35 -2.25 -2.33
N ILE A 101 13.69 -2.30 -1.06
CA ILE A 101 14.30 -1.18 -0.39
C ILE A 101 15.81 -1.25 -0.48
N ASP A 102 16.39 -0.24 -1.10
CA ASP A 102 17.84 -0.18 -1.24
C ASP A 102 18.47 0.46 0.00
N ALA A 103 19.68 0.05 0.31
CA ALA A 103 20.40 0.52 1.51
C ALA A 103 20.60 2.04 1.48
N ASN A 104 20.66 2.62 0.29
CA ASN A 104 20.89 4.06 0.17
C ASN A 104 19.59 4.84 0.32
N GLY A 105 18.54 4.16 0.73
CA GLY A 105 17.27 4.80 0.95
C GLY A 105 16.49 5.02 -0.33
N ILE A 106 16.39 3.97 -1.14
CA ILE A 106 15.64 4.04 -2.37
C ILE A 106 14.52 3.02 -2.36
N LEU A 107 13.30 3.47 -2.43
CA LEU A 107 12.16 2.60 -2.44
C LEU A 107 11.85 2.22 -3.88
N ASN A 108 12.18 1.00 -4.24
CA ASN A 108 11.94 0.51 -5.60
C ASN A 108 10.69 -0.34 -5.61
N VAL A 109 9.58 0.25 -6.00
CA VAL A 109 8.34 -0.49 -6.08
C VAL A 109 8.04 -0.90 -7.51
N THR A 110 8.09 -2.19 -7.77
CA THR A 110 7.82 -2.73 -9.08
C THR A 110 6.48 -3.44 -9.08
N ALA A 111 5.57 -2.97 -9.90
CA ALA A 111 4.25 -3.57 -10.00
C ALA A 111 4.16 -4.39 -11.26
N THR A 112 3.75 -5.64 -11.12
CA THR A 112 3.62 -6.52 -12.25
C THR A 112 2.28 -7.25 -12.22
N ASP A 113 1.57 -7.22 -13.32
CA ASP A 113 0.28 -7.89 -13.42
C ASP A 113 0.46 -9.40 -13.60
N LYS A 114 -0.52 -10.17 -13.12
CA LYS A 114 -0.48 -11.62 -13.25
C LYS A 114 -1.18 -12.08 -14.52
N SER A 115 -2.12 -11.28 -15.00
CA SER A 115 -2.86 -11.62 -16.21
C SER A 115 -1.93 -11.57 -17.43
N THR A 116 -1.26 -10.45 -17.60
CA THR A 116 -0.33 -10.28 -18.67
C THR A 116 1.03 -9.84 -18.11
N GLY A 117 2.09 -10.06 -18.87
CA GLY A 117 3.43 -9.72 -18.41
C GLY A 117 3.76 -8.24 -18.51
N LYS A 118 2.94 -7.41 -17.90
CA LYS A 118 3.16 -5.98 -17.89
C LYS A 118 3.66 -5.53 -16.52
N ALA A 119 4.72 -4.74 -16.51
CA ALA A 119 5.32 -4.30 -15.27
C ALA A 119 5.85 -2.88 -15.37
N ASN A 120 5.72 -2.14 -14.29
CA ASN A 120 6.24 -0.78 -14.20
C ASN A 120 6.75 -0.54 -12.79
N LYS A 121 7.80 0.24 -12.68
CA LYS A 121 8.38 0.54 -11.38
C LYS A 121 8.70 2.01 -11.26
N ILE A 122 8.73 2.48 -10.03
CA ILE A 122 9.09 3.85 -9.75
C ILE A 122 10.07 3.88 -8.59
N THR A 123 11.12 4.65 -8.73
CA THR A 123 12.13 4.74 -7.70
C THR A 123 11.91 5.97 -6.85
N ILE A 124 11.40 5.76 -5.65
CA ILE A 124 11.16 6.86 -4.74
C ILE A 124 12.30 6.98 -3.76
N THR A 125 12.95 8.11 -3.76
CA THR A 125 14.07 8.35 -2.88
C THR A 125 13.57 8.72 -1.49
N ASN A 126 13.98 7.97 -0.49
CA ASN A 126 13.60 8.27 0.87
C ASN A 126 14.60 9.23 1.47
N ASP A 127 14.49 10.48 1.08
CA ASP A 127 15.38 11.52 1.60
C ASP A 127 14.75 12.20 2.80
N LYS A 128 15.58 12.85 3.59
CA LYS A 128 15.10 13.52 4.79
C LYS A 128 14.71 14.95 4.49
N GLY A 129 13.53 15.32 4.96
CA GLY A 129 13.08 16.68 4.80
C GLY A 129 13.36 17.49 6.03
N ARG A 130 12.39 18.26 6.46
CA ARG A 130 12.56 19.07 7.67
C ARG A 130 11.69 18.55 8.80
N LEU A 131 11.21 17.33 8.63
CA LEU A 131 10.38 16.71 9.65
C LEU A 131 11.25 15.97 10.64
N SER A 132 11.20 16.39 11.89
CA SER A 132 11.96 15.75 12.94
C SER A 132 11.37 14.38 13.24
N LYS A 133 12.17 13.49 13.81
CA LYS A 133 11.71 12.13 14.10
C LYS A 133 10.59 12.12 15.14
N GLU A 134 10.33 13.28 15.75
CA GLU A 134 9.26 13.41 16.72
C GLU A 134 7.92 13.05 16.06
N GLU A 135 7.78 13.45 14.79
CA GLU A 135 6.56 13.22 14.04
C GLU A 135 6.35 11.75 13.76
N ILE A 136 7.42 11.05 13.40
CA ILE A 136 7.31 9.64 13.08
C ILE A 136 7.01 8.82 14.33
N GLU A 137 7.42 9.35 15.48
CA GLU A 137 7.16 8.71 16.75
C GLU A 137 5.71 8.89 17.14
N ARG A 138 5.13 10.04 16.82
CA ARG A 138 3.74 10.28 17.17
C ARG A 138 2.80 9.46 16.28
N MET A 139 3.10 9.44 14.98
CA MET A 139 2.24 8.78 14.01
C MET A 139 2.15 7.27 14.23
N VAL A 140 3.24 6.65 14.64
CA VAL A 140 3.23 5.20 14.89
C VAL A 140 2.37 4.87 16.11
N GLN A 141 2.30 5.81 17.04
CA GLN A 141 1.49 5.64 18.24
C GLN A 141 0.04 5.97 17.96
N GLU A 142 -0.17 7.00 17.14
CA GLU A 142 -1.51 7.42 16.76
C GLU A 142 -2.22 6.32 15.98
N ALA A 143 -1.44 5.50 15.28
CA ALA A 143 -1.98 4.37 14.53
C ALA A 143 -2.78 3.45 15.46
N GLU A 144 -2.34 3.40 16.71
CA GLU A 144 -3.00 2.59 17.71
C GLU A 144 -3.97 3.45 18.53
N LYS A 145 -3.61 4.71 18.71
CA LYS A 145 -4.44 5.65 19.47
C LYS A 145 -5.78 5.85 18.78
N TYR A 146 -5.77 5.87 17.46
CA TYR A 146 -6.97 6.09 16.67
C TYR A 146 -7.85 4.85 16.57
N LYS A 147 -7.59 3.83 17.39
CA LYS A 147 -8.39 2.61 17.35
C LYS A 147 -9.87 2.87 17.62
N ALA A 148 -10.16 3.91 18.38
CA ALA A 148 -11.55 4.28 18.69
C ALA A 148 -12.27 4.73 17.42
N GLU A 149 -11.52 5.34 16.52
CA GLU A 149 -12.03 5.81 15.25
C GLU A 149 -11.93 4.68 14.23
N ASP A 150 -10.81 3.97 14.30
CA ASP A 150 -10.50 2.86 13.42
C ASP A 150 -11.58 1.81 13.43
N GLU A 151 -11.91 1.32 14.62
CA GLU A 151 -12.87 0.22 14.78
C GLU A 151 -14.22 0.52 14.10
N VAL A 152 -14.53 1.80 13.94
CA VAL A 152 -15.78 2.20 13.29
C VAL A 152 -15.70 1.92 11.79
N GLN A 153 -14.67 2.42 11.13
CA GLN A 153 -14.51 2.24 9.70
C GLN A 153 -13.92 0.87 9.38
N ARG A 154 -13.18 0.31 10.32
CA ARG A 154 -12.58 -0.99 10.15
C ARG A 154 -13.63 -2.05 9.93
N GLU A 155 -14.79 -1.84 10.54
CA GLU A 155 -15.91 -2.76 10.43
C GLU A 155 -16.37 -2.91 8.97
N ARG A 156 -16.49 -1.80 8.25
CA ARG A 156 -16.98 -1.83 6.88
C ARG A 156 -15.95 -2.46 5.92
N VAL A 157 -14.67 -2.22 6.21
CA VAL A 157 -13.61 -2.76 5.36
C VAL A 157 -13.25 -4.19 5.80
N SER A 158 -13.80 -4.59 6.94
CA SER A 158 -13.58 -5.92 7.46
C SER A 158 -14.54 -6.90 6.81
N ALA A 159 -15.52 -6.38 6.08
CA ALA A 159 -16.51 -7.22 5.41
C ALA A 159 -15.84 -8.18 4.44
N LYS A 160 -15.00 -7.64 3.56
CA LYS A 160 -14.28 -8.46 2.59
C LYS A 160 -13.30 -9.40 3.28
N ASN A 161 -12.74 -8.93 4.39
CA ASN A 161 -11.77 -9.70 5.14
C ASN A 161 -12.43 -10.84 5.90
N ALA A 162 -13.64 -10.60 6.39
CA ALA A 162 -14.40 -11.59 7.16
C ALA A 162 -14.65 -12.87 6.38
N TYR A 163 -14.62 -12.77 5.06
CA TYR A 163 -14.78 -13.92 4.20
C TYR A 163 -13.60 -14.88 4.37
N GLU A 164 -12.42 -14.32 4.57
CA GLU A 164 -11.20 -15.10 4.70
C GLU A 164 -10.88 -15.36 6.18
N SER A 165 -11.19 -14.39 7.04
CA SER A 165 -10.90 -14.50 8.45
C SER A 165 -12.01 -15.25 9.19
N TYR A 166 -12.93 -15.84 8.43
CA TYR A 166 -14.04 -16.61 8.98
C TYR A 166 -13.56 -17.60 10.03
N ALA A 167 -14.29 -17.70 11.13
CA ALA A 167 -13.92 -18.57 12.21
C ALA A 167 -14.38 -20.01 11.95
N PHE A 168 -13.46 -20.84 11.50
CA PHE A 168 -13.74 -22.25 11.24
C PHE A 168 -13.57 -23.06 12.52
N ASN A 169 -13.52 -24.38 12.39
CA ASN A 169 -13.34 -25.27 13.53
C ASN A 169 -12.00 -24.98 14.22
N MET A 170 -12.04 -24.87 15.53
CA MET A 170 -10.87 -24.50 16.30
C MET A 170 -10.66 -25.46 17.45
N LYS A 171 -9.61 -25.22 18.23
CA LYS A 171 -9.30 -26.03 19.39
C LYS A 171 -9.97 -25.45 20.64
N SER A 172 -10.01 -26.22 21.70
CA SER A 172 -10.58 -25.76 22.94
C SER A 172 -9.55 -24.93 23.71
N ALA A 173 -10.00 -23.99 24.50
CA ALA A 173 -9.09 -23.11 25.21
C ALA A 173 -8.98 -23.45 26.70
N VAL A 174 -9.93 -23.00 27.49
CA VAL A 174 -9.88 -23.21 28.94
C VAL A 174 -10.92 -24.24 29.38
N GLU A 175 -10.43 -25.30 30.03
CA GLU A 175 -11.30 -26.34 30.55
C GLU A 175 -11.72 -26.00 31.97
N ASP A 176 -12.89 -26.45 32.35
CA ASP A 176 -13.40 -26.20 33.69
C ASP A 176 -12.71 -27.14 34.67
N GLU A 177 -12.00 -26.57 35.60
CA GLU A 177 -11.30 -27.34 36.60
C GLU A 177 -12.19 -27.62 37.80
N GLY A 178 -11.88 -28.67 38.55
CA GLY A 178 -12.64 -29.00 39.73
C GLY A 178 -12.60 -27.87 40.74
N LEU A 179 -13.75 -27.46 41.22
CA LEU A 179 -13.82 -26.37 42.16
C LEU A 179 -13.75 -26.89 43.58
N LYS A 180 -12.72 -26.51 44.29
CA LYS A 180 -12.53 -26.92 45.66
C LYS A 180 -12.48 -25.70 46.58
N GLY A 181 -13.52 -25.53 47.37
CA GLY A 181 -13.59 -24.41 48.28
C GLY A 181 -12.75 -24.63 49.51
N LYS A 182 -13.30 -25.32 50.47
CA LYS A 182 -12.60 -25.61 51.70
C LYS A 182 -12.64 -27.11 51.96
N ILE A 183 -11.52 -27.76 51.76
CA ILE A 183 -11.44 -29.20 51.95
C ILE A 183 -10.40 -29.55 53.02
N SER A 184 -10.71 -30.55 53.83
CA SER A 184 -9.79 -30.98 54.86
C SER A 184 -8.72 -31.89 54.26
N GLU A 185 -7.48 -31.46 54.37
CA GLU A 185 -6.36 -32.21 53.86
C GLU A 185 -5.97 -33.31 54.82
N HIS A 1 31.36 13.32 -32.95
CA HIS A 1 29.91 13.28 -32.67
C HIS A 1 29.51 11.98 -31.96
N MET A 2 30.48 11.30 -31.39
CA MET A 2 30.23 10.07 -30.64
C MET A 2 30.27 10.38 -29.15
N GLY A 3 29.17 10.15 -28.47
CA GLY A 3 29.13 10.44 -27.05
C GLY A 3 28.17 9.55 -26.30
N ASP A 4 28.45 9.35 -25.03
CA ASP A 4 27.59 8.55 -24.17
C ASP A 4 27.50 9.19 -22.81
N LYS A 5 26.77 8.57 -21.91
CA LYS A 5 26.59 9.12 -20.58
C LYS A 5 26.56 8.02 -19.53
N SER A 6 27.06 8.33 -18.36
CA SER A 6 27.06 7.40 -17.25
C SER A 6 26.31 8.02 -16.08
N GLU A 7 25.10 7.54 -15.85
CA GLU A 7 24.28 8.08 -14.78
C GLU A 7 23.31 7.04 -14.25
N ASN A 8 23.02 7.11 -12.97
CA ASN A 8 22.08 6.21 -12.33
C ASN A 8 21.48 6.89 -11.11
N VAL A 9 20.46 6.28 -10.53
CA VAL A 9 19.79 6.86 -9.38
C VAL A 9 20.28 6.25 -8.07
N GLN A 10 21.22 6.93 -7.44
CA GLN A 10 21.75 6.51 -6.15
C GLN A 10 22.15 7.73 -5.34
N ASP A 11 22.28 7.56 -4.04
CA ASP A 11 22.66 8.66 -3.17
C ASP A 11 23.42 8.09 -1.99
N LEU A 12 24.26 8.91 -1.36
CA LEU A 12 25.03 8.46 -0.21
C LEU A 12 24.21 8.53 1.07
N LEU A 13 23.10 9.25 1.00
CA LEU A 13 22.19 9.37 2.13
C LEU A 13 21.47 8.04 2.33
N LEU A 14 21.38 7.58 3.56
CA LEU A 14 20.77 6.30 3.84
C LEU A 14 19.86 6.35 5.06
N LEU A 15 18.80 5.55 5.01
CA LEU A 15 17.87 5.43 6.12
C LEU A 15 18.06 4.08 6.80
N ASP A 16 18.71 4.10 7.95
CA ASP A 16 18.98 2.88 8.73
C ASP A 16 17.67 2.22 9.15
N VAL A 17 16.71 3.04 9.51
CA VAL A 17 15.41 2.57 9.93
C VAL A 17 14.32 3.31 9.18
N ALA A 18 13.17 2.70 9.10
CA ALA A 18 12.03 3.32 8.45
C ALA A 18 11.26 4.16 9.45
N PRO A 19 11.20 5.49 9.24
CA PRO A 19 10.47 6.41 10.12
C PRO A 19 9.09 5.89 10.47
N LEU A 20 8.33 5.53 9.45
CA LEU A 20 7.00 4.98 9.64
C LEU A 20 6.84 3.72 8.78
N SER A 21 5.64 3.17 8.79
CA SER A 21 5.33 2.01 7.99
C SER A 21 5.13 2.46 6.53
N LEU A 22 5.21 1.51 5.61
CA LEU A 22 5.00 1.82 4.21
C LEU A 22 4.01 0.85 3.60
N GLY A 23 3.10 1.37 2.79
CA GLY A 23 2.10 0.52 2.20
C GLY A 23 1.36 1.20 1.07
N LEU A 24 0.45 0.47 0.46
CA LEU A 24 -0.33 0.97 -0.66
C LEU A 24 -1.80 0.87 -0.34
N GLU A 25 -2.63 1.30 -1.28
CA GLU A 25 -4.06 1.30 -1.07
C GLU A 25 -4.68 0.01 -1.58
N THR A 26 -5.83 -0.31 -1.06
CA THR A 26 -6.54 -1.51 -1.44
C THR A 26 -8.05 -1.21 -1.52
N ALA A 27 -8.83 -2.17 -2.02
CA ALA A 27 -10.28 -2.00 -2.17
C ALA A 27 -10.92 -1.52 -0.88
N GLY A 28 -11.84 -0.59 -1.01
CA GLY A 28 -12.49 -0.03 0.14
C GLY A 28 -11.88 1.30 0.52
N GLY A 29 -10.64 1.51 0.09
CA GLY A 29 -9.95 2.74 0.40
C GLY A 29 -9.07 2.61 1.62
N VAL A 30 -8.75 1.38 1.99
CA VAL A 30 -7.93 1.14 3.15
C VAL A 30 -6.46 0.98 2.77
N MET A 31 -5.59 1.21 3.74
CA MET A 31 -4.16 1.11 3.52
C MET A 31 -3.62 -0.25 3.99
N THR A 32 -2.86 -0.88 3.14
CA THR A 32 -2.24 -2.14 3.47
C THR A 32 -0.73 -1.95 3.59
N ALA A 33 -0.23 -2.00 4.82
CA ALA A 33 1.18 -1.81 5.08
C ALA A 33 1.92 -3.14 5.02
N LEU A 34 2.71 -3.33 3.99
CA LEU A 34 3.47 -4.55 3.83
C LEU A 34 4.89 -4.39 4.37
N ILE A 35 5.29 -3.15 4.59
CA ILE A 35 6.60 -2.84 5.13
C ILE A 35 6.47 -2.42 6.59
N LYS A 36 7.10 -3.18 7.46
CA LYS A 36 7.02 -2.95 8.89
C LYS A 36 7.79 -1.69 9.31
N ARG A 37 7.24 -0.98 10.28
CA ARG A 37 7.87 0.23 10.81
C ARG A 37 9.27 -0.07 11.32
N ASN A 38 10.19 0.88 11.11
CA ASN A 38 11.60 0.75 11.54
C ASN A 38 12.31 -0.42 10.84
N SER A 39 11.68 -0.97 9.81
CA SER A 39 12.24 -2.08 9.09
C SER A 39 12.15 -1.87 7.57
N THR A 40 13.21 -1.33 6.99
CA THR A 40 13.25 -1.10 5.56
C THR A 40 14.40 -1.86 4.91
N ILE A 41 15.45 -2.12 5.69
CA ILE A 41 16.60 -2.85 5.16
C ILE A 41 17.12 -3.85 6.18
N PRO A 42 17.46 -5.08 5.74
CA PRO A 42 17.29 -5.53 4.37
C PRO A 42 15.99 -6.31 4.20
N THR A 43 15.07 -5.79 3.41
CA THR A 43 13.81 -6.47 3.18
C THR A 43 13.25 -6.15 1.80
N LYS A 44 12.53 -7.11 1.24
CA LYS A 44 11.90 -6.98 -0.05
C LYS A 44 10.54 -7.67 -0.02
N GLN A 45 9.48 -6.89 -0.10
CA GLN A 45 8.13 -7.42 0.01
C GLN A 45 7.38 -7.34 -1.30
N THR A 46 6.44 -8.26 -1.48
CA THR A 46 5.62 -8.32 -2.68
C THR A 46 4.15 -8.59 -2.30
N GLN A 47 3.28 -7.64 -2.60
CA GLN A 47 1.86 -7.76 -2.25
C GLN A 47 0.98 -7.68 -3.49
N ILE A 48 -0.07 -8.48 -3.50
CA ILE A 48 -1.02 -8.50 -4.61
C ILE A 48 -2.24 -7.66 -4.23
N PHE A 49 -2.54 -6.67 -5.05
CA PHE A 49 -3.69 -5.82 -4.83
C PHE A 49 -4.77 -6.10 -5.84
N THR A 50 -5.96 -6.40 -5.36
CA THR A 50 -7.08 -6.70 -6.24
C THR A 50 -8.41 -6.29 -5.57
N THR A 51 -9.37 -5.87 -6.38
CA THR A 51 -10.68 -5.48 -5.87
C THR A 51 -11.78 -6.35 -6.51
N TYR A 52 -13.02 -5.99 -6.27
CA TYR A 52 -14.14 -6.73 -6.82
C TYR A 52 -14.50 -6.23 -8.21
N SER A 53 -14.42 -4.92 -8.41
CA SER A 53 -14.76 -4.32 -9.69
C SER A 53 -13.89 -3.08 -9.94
N ASP A 54 -13.23 -3.04 -11.10
CA ASP A 54 -12.36 -1.90 -11.44
C ASP A 54 -12.97 -1.03 -12.54
N ASN A 55 -13.27 -1.66 -13.68
CA ASN A 55 -13.81 -0.97 -14.86
C ASN A 55 -12.79 0.00 -15.45
N GLN A 56 -11.55 -0.12 -15.00
CA GLN A 56 -10.48 0.76 -15.44
C GLN A 56 -9.54 0.05 -16.40
N PRO A 57 -8.98 0.79 -17.36
CA PRO A 57 -7.99 0.25 -18.30
C PRO A 57 -6.59 0.27 -17.70
N GLY A 58 -6.50 0.74 -16.48
CA GLY A 58 -5.25 0.82 -15.77
C GLY A 58 -5.46 1.33 -14.38
N VAL A 59 -4.45 1.24 -13.55
CA VAL A 59 -4.57 1.68 -12.17
C VAL A 59 -3.51 2.72 -11.83
N LEU A 60 -3.88 3.64 -10.96
CA LEU A 60 -2.97 4.65 -10.49
C LEU A 60 -2.56 4.32 -9.06
N ILE A 61 -1.26 4.15 -8.84
CA ILE A 61 -0.75 3.76 -7.54
C ILE A 61 -0.10 4.94 -6.85
N GLN A 62 -0.40 5.10 -5.57
CA GLN A 62 0.20 6.16 -4.77
C GLN A 62 0.98 5.56 -3.61
N VAL A 63 2.27 5.87 -3.56
CA VAL A 63 3.12 5.36 -2.50
C VAL A 63 3.23 6.40 -1.40
N TYR A 64 2.49 6.18 -0.33
CA TYR A 64 2.47 7.10 0.77
C TYR A 64 3.13 6.52 2.01
N GLU A 65 3.72 7.40 2.80
CA GLU A 65 4.45 7.03 3.99
C GLU A 65 3.60 7.26 5.22
N GLY A 66 3.78 6.41 6.21
CA GLY A 66 3.04 6.54 7.44
C GLY A 66 2.17 5.34 7.67
N GLU A 67 1.34 5.41 8.68
CA GLU A 67 0.42 4.33 8.92
C GLU A 67 -0.88 4.89 9.45
N ARG A 68 -1.97 4.52 8.78
CA ARG A 68 -3.31 4.95 9.12
C ARG A 68 -4.31 4.19 8.29
N ALA A 69 -5.54 4.16 8.74
CA ALA A 69 -6.60 3.55 7.98
C ALA A 69 -7.17 4.59 7.02
N MET A 70 -6.83 5.84 7.28
CA MET A 70 -7.26 6.96 6.46
C MET A 70 -6.12 7.41 5.57
N THR A 71 -6.30 7.28 4.27
CA THR A 71 -5.26 7.63 3.29
C THR A 71 -4.99 9.13 3.24
N LYS A 72 -5.89 9.91 3.83
CA LYS A 72 -5.79 11.37 3.85
C LYS A 72 -4.68 11.88 4.77
N ASP A 73 -4.28 11.07 5.73
CA ASP A 73 -3.32 11.54 6.73
C ASP A 73 -1.87 11.22 6.35
N ASN A 74 -1.69 10.20 5.55
CA ASN A 74 -0.34 9.79 5.15
C ASN A 74 0.26 10.74 4.12
N ASN A 75 1.59 10.82 4.11
CA ASN A 75 2.28 11.72 3.19
C ASN A 75 2.77 10.98 1.95
N LEU A 76 2.42 11.51 0.80
CA LEU A 76 2.77 10.90 -0.48
C LEU A 76 4.25 11.10 -0.80
N LEU A 77 4.95 10.00 -1.08
CA LEU A 77 6.37 10.04 -1.42
C LEU A 77 6.57 9.93 -2.92
N GLY A 78 5.71 9.18 -3.57
CA GLY A 78 5.84 8.97 -4.99
C GLY A 78 4.60 8.35 -5.57
N ARG A 79 4.42 8.50 -6.87
CA ARG A 79 3.23 7.97 -7.51
C ARG A 79 3.52 7.59 -8.96
N PHE A 80 2.78 6.60 -9.46
CA PHE A 80 2.95 6.11 -10.81
C PHE A 80 1.73 5.28 -11.22
N GLU A 81 1.62 4.94 -12.49
CA GLU A 81 0.47 4.19 -12.96
C GLU A 81 0.89 2.97 -13.79
N LEU A 82 -0.03 2.04 -13.94
CA LEU A 82 0.15 0.86 -14.77
C LEU A 82 -1.12 0.66 -15.58
N SER A 83 -1.02 0.88 -16.87
CA SER A 83 -2.16 0.77 -17.76
C SER A 83 -1.76 0.08 -19.06
N GLY A 84 -2.70 -0.67 -19.66
CA GLY A 84 -2.38 -1.35 -20.90
C GLY A 84 -3.43 -2.37 -21.33
N ILE A 85 -4.42 -2.59 -20.50
CA ILE A 85 -5.47 -3.56 -20.84
C ILE A 85 -6.83 -2.88 -20.95
N PRO A 86 -7.75 -3.48 -21.74
CA PRO A 86 -9.12 -2.95 -21.86
C PRO A 86 -9.81 -2.90 -20.51
N PRO A 87 -10.70 -1.90 -20.31
CA PRO A 87 -11.43 -1.74 -19.04
C PRO A 87 -12.13 -3.02 -18.61
N ALA A 88 -11.61 -3.63 -17.56
CA ALA A 88 -12.17 -4.86 -17.04
C ALA A 88 -13.18 -4.57 -15.95
N PRO A 89 -14.47 -4.88 -16.19
CA PRO A 89 -15.54 -4.67 -15.21
C PRO A 89 -15.22 -5.32 -13.87
N ARG A 90 -14.88 -6.59 -13.91
CA ARG A 90 -14.54 -7.33 -12.71
C ARG A 90 -13.09 -7.11 -12.34
N GLY A 91 -12.81 -7.18 -11.05
CA GLY A 91 -11.45 -7.02 -10.58
C GLY A 91 -10.57 -8.21 -10.93
N VAL A 92 -10.18 -8.30 -12.17
CA VAL A 92 -9.31 -9.35 -12.64
C VAL A 92 -7.81 -8.94 -12.70
N PRO A 93 -7.46 -7.62 -12.95
CA PRO A 93 -6.06 -7.20 -12.93
C PRO A 93 -5.48 -7.25 -11.53
N GLN A 94 -4.66 -8.25 -11.28
CA GLN A 94 -4.05 -8.42 -10.00
C GLN A 94 -2.70 -7.74 -9.97
N ILE A 95 -2.66 -6.59 -9.35
CA ILE A 95 -1.45 -5.80 -9.31
C ILE A 95 -0.52 -6.31 -8.23
N GLU A 96 0.48 -7.05 -8.65
CA GLU A 96 1.47 -7.58 -7.74
C GLU A 96 2.63 -6.60 -7.64
N VAL A 97 2.72 -5.92 -6.53
CA VAL A 97 3.73 -4.91 -6.35
C VAL A 97 4.90 -5.41 -5.52
N THR A 98 6.08 -5.32 -6.08
CA THR A 98 7.29 -5.72 -5.40
C THR A 98 8.09 -4.49 -4.99
N PHE A 99 8.38 -4.38 -3.71
CA PHE A 99 9.17 -3.28 -3.21
C PHE A 99 10.61 -3.70 -3.09
N ASP A 100 11.40 -3.34 -4.08
CA ASP A 100 12.83 -3.65 -4.05
C ASP A 100 13.56 -2.51 -3.39
N ILE A 101 13.84 -2.66 -2.13
CA ILE A 101 14.45 -1.62 -1.36
C ILE A 101 15.97 -1.66 -1.49
N ASP A 102 16.55 -0.51 -1.75
CA ASP A 102 18.00 -0.38 -1.89
C ASP A 102 18.66 -0.42 -0.52
N ALA A 103 19.96 -0.73 -0.51
CA ALA A 103 20.72 -0.82 0.74
C ALA A 103 20.69 0.49 1.53
N ASN A 104 20.45 1.60 0.84
CA ASN A 104 20.41 2.90 1.51
C ASN A 104 18.98 3.27 1.93
N GLY A 105 18.05 2.36 1.73
CA GLY A 105 16.68 2.61 2.12
C GLY A 105 15.89 3.32 1.03
N ILE A 106 16.35 3.18 -0.20
CA ILE A 106 15.66 3.77 -1.34
C ILE A 106 14.52 2.86 -1.78
N LEU A 107 13.34 3.43 -1.98
CA LEU A 107 12.18 2.64 -2.33
C LEU A 107 12.01 2.50 -3.83
N ASN A 108 12.44 1.37 -4.36
CA ASN A 108 12.26 1.09 -5.77
C ASN A 108 11.03 0.21 -5.93
N VAL A 109 9.92 0.83 -6.24
CA VAL A 109 8.65 0.13 -6.33
C VAL A 109 8.45 -0.44 -7.73
N THR A 110 7.97 -1.67 -7.78
CA THR A 110 7.70 -2.34 -9.04
C THR A 110 6.25 -2.84 -9.08
N ALA A 111 5.44 -2.26 -9.94
CA ALA A 111 4.06 -2.69 -10.09
C ALA A 111 3.94 -3.61 -11.29
N THR A 112 3.62 -4.86 -11.03
CA THR A 112 3.50 -5.84 -12.08
C THR A 112 2.12 -6.49 -12.05
N ASP A 113 1.36 -6.31 -13.10
CA ASP A 113 0.06 -6.92 -13.20
C ASP A 113 0.20 -8.38 -13.61
N LYS A 114 -0.65 -9.22 -13.08
CA LYS A 114 -0.59 -10.64 -13.37
C LYS A 114 -1.47 -10.99 -14.56
N SER A 115 -2.26 -10.04 -15.02
CA SER A 115 -3.12 -10.25 -16.18
C SER A 115 -2.35 -9.97 -17.47
N THR A 116 -1.78 -8.78 -17.56
CA THR A 116 -0.98 -8.40 -18.72
C THR A 116 0.52 -8.48 -18.36
N GLY A 117 1.38 -8.50 -19.37
CA GLY A 117 2.80 -8.61 -19.12
C GLY A 117 3.49 -7.27 -18.94
N LYS A 118 2.84 -6.35 -18.23
CA LYS A 118 3.40 -5.03 -18.00
C LYS A 118 3.90 -4.87 -16.59
N ALA A 119 5.03 -4.18 -16.46
CA ALA A 119 5.63 -3.91 -15.17
C ALA A 119 6.27 -2.53 -15.18
N ASN A 120 5.83 -1.68 -14.26
CA ASN A 120 6.36 -0.33 -14.20
C ASN A 120 7.07 -0.11 -12.86
N LYS A 121 8.22 0.55 -12.91
CA LYS A 121 9.00 0.80 -11.71
C LYS A 121 9.13 2.28 -11.42
N ILE A 122 9.49 2.59 -10.20
CA ILE A 122 9.72 3.97 -9.79
C ILE A 122 10.73 4.00 -8.64
N THR A 123 11.79 4.77 -8.82
CA THR A 123 12.80 4.90 -7.80
C THR A 123 12.53 6.12 -6.92
N ILE A 124 12.02 5.88 -5.74
CA ILE A 124 11.69 6.95 -4.82
C ILE A 124 12.85 7.20 -3.86
N THR A 125 13.59 8.26 -4.11
CA THR A 125 14.69 8.63 -3.27
C THR A 125 14.21 9.51 -2.12
N ASN A 126 14.57 9.13 -0.91
CA ASN A 126 14.17 9.86 0.27
C ASN A 126 15.32 10.71 0.82
N ASP A 127 14.97 11.80 1.48
CA ASP A 127 15.95 12.71 2.05
C ASP A 127 15.60 13.01 3.49
N LYS A 128 16.45 12.55 4.40
CA LYS A 128 16.22 12.76 5.82
C LYS A 128 16.42 14.23 6.20
N GLY A 129 15.42 14.78 6.85
CA GLY A 129 15.53 16.16 7.30
C GLY A 129 15.96 16.23 8.75
N ARG A 130 15.07 16.67 9.60
CA ARG A 130 15.35 16.78 11.03
C ARG A 130 14.31 16.00 11.82
N LEU A 131 13.55 15.18 11.11
CA LEU A 131 12.49 14.36 11.68
C LEU A 131 12.98 13.52 12.86
N SER A 132 12.56 13.93 14.04
CA SER A 132 12.92 13.23 15.25
C SER A 132 11.83 12.23 15.62
N LYS A 133 12.02 11.46 16.69
CA LYS A 133 11.06 10.42 17.06
C LYS A 133 9.64 10.96 17.29
N GLU A 134 9.50 12.10 17.95
CA GLU A 134 8.17 12.65 18.21
C GLU A 134 7.51 13.16 16.93
N GLU A 135 8.31 13.49 15.94
CA GLU A 135 7.81 13.99 14.68
C GLU A 135 7.27 12.86 13.83
N ILE A 136 7.87 11.69 13.95
CA ILE A 136 7.45 10.53 13.18
C ILE A 136 6.44 9.66 13.93
N GLU A 137 6.72 9.39 15.21
CA GLU A 137 5.89 8.51 16.02
C GLU A 137 4.50 9.10 16.29
N ARG A 138 4.31 10.36 15.91
CA ARG A 138 3.01 11.00 16.06
C ARG A 138 1.92 10.15 15.39
N MET A 139 2.29 9.49 14.29
CA MET A 139 1.33 8.68 13.55
C MET A 139 0.89 7.45 14.33
N VAL A 140 1.81 6.81 15.05
CA VAL A 140 1.46 5.63 15.81
C VAL A 140 0.66 6.02 17.06
N GLN A 141 0.96 7.20 17.60
CA GLN A 141 0.23 7.71 18.75
C GLN A 141 -1.20 8.03 18.36
N GLU A 142 -1.35 8.67 17.20
CA GLU A 142 -2.67 9.00 16.67
C GLU A 142 -3.41 7.72 16.26
N ALA A 143 -2.70 6.81 15.61
CA ALA A 143 -3.28 5.54 15.17
C ALA A 143 -3.81 4.72 16.34
N GLU A 144 -3.16 4.84 17.48
CA GLU A 144 -3.56 4.13 18.68
C GLU A 144 -4.85 4.74 19.25
N LYS A 145 -4.95 6.05 19.20
CA LYS A 145 -6.11 6.75 19.71
C LYS A 145 -7.30 6.62 18.76
N TYR A 146 -7.00 6.53 17.48
CA TYR A 146 -8.03 6.45 16.46
C TYR A 146 -8.38 5.00 16.11
N LYS A 147 -8.02 4.07 16.98
CA LYS A 147 -8.34 2.65 16.77
C LYS A 147 -9.85 2.43 16.74
N ALA A 148 -10.57 3.20 17.56
CA ALA A 148 -12.03 3.13 17.56
C ALA A 148 -12.58 3.63 16.24
N GLU A 149 -11.88 4.59 15.65
CA GLU A 149 -12.24 5.15 14.36
C GLU A 149 -11.92 4.15 13.26
N ASP A 150 -10.82 3.42 13.44
CA ASP A 150 -10.42 2.39 12.49
C ASP A 150 -11.53 1.39 12.29
N GLU A 151 -12.05 0.87 13.39
CA GLU A 151 -13.10 -0.14 13.35
C GLU A 151 -14.34 0.34 12.60
N VAL A 152 -14.81 1.54 12.93
CA VAL A 152 -16.02 2.07 12.30
C VAL A 152 -15.81 2.37 10.82
N GLN A 153 -14.61 2.81 10.47
CA GLN A 153 -14.32 3.12 9.07
C GLN A 153 -14.00 1.86 8.30
N ARG A 154 -13.54 0.82 9.00
CA ARG A 154 -13.25 -0.47 8.38
C ARG A 154 -14.53 -1.16 7.94
N GLU A 155 -15.66 -0.66 8.43
CA GLU A 155 -16.95 -1.23 8.10
C GLU A 155 -17.21 -1.18 6.59
N ARG A 156 -16.58 -0.21 5.91
CA ARG A 156 -16.72 -0.09 4.45
C ARG A 156 -16.19 -1.35 3.76
N VAL A 157 -15.24 -2.00 4.41
CA VAL A 157 -14.66 -3.23 3.89
C VAL A 157 -15.41 -4.42 4.47
N SER A 158 -15.74 -4.33 5.75
CA SER A 158 -16.47 -5.40 6.43
C SER A 158 -17.83 -5.65 5.77
N ALA A 159 -18.52 -4.56 5.43
CA ALA A 159 -19.85 -4.63 4.83
C ALA A 159 -19.86 -5.30 3.47
N LYS A 160 -18.67 -5.51 2.90
CA LYS A 160 -18.58 -6.18 1.60
C LYS A 160 -18.99 -7.64 1.75
N ASN A 161 -18.46 -8.30 2.77
CA ASN A 161 -18.78 -9.71 2.99
C ASN A 161 -19.90 -9.85 4.01
N ALA A 162 -19.96 -8.92 4.97
CA ALA A 162 -20.99 -8.94 6.01
C ALA A 162 -22.37 -8.76 5.43
N TYR A 163 -22.45 -8.17 4.24
CA TYR A 163 -23.74 -7.97 3.57
C TYR A 163 -24.39 -9.32 3.25
N GLU A 164 -23.56 -10.34 3.11
CA GLU A 164 -24.04 -11.67 2.84
C GLU A 164 -24.15 -12.48 4.14
N SER A 165 -23.64 -11.93 5.23
CA SER A 165 -23.60 -12.65 6.50
C SER A 165 -24.59 -12.10 7.54
N TYR A 166 -24.94 -10.82 7.45
CA TYR A 166 -25.82 -10.20 8.44
C TYR A 166 -27.16 -10.92 8.54
N ALA A 167 -27.73 -10.92 9.72
CA ALA A 167 -28.98 -11.61 10.00
C ALA A 167 -30.17 -10.79 9.54
N PHE A 168 -31.23 -11.48 9.16
CA PHE A 168 -32.45 -10.83 8.71
C PHE A 168 -33.51 -10.86 9.80
N ASN A 169 -33.06 -11.14 11.01
CA ASN A 169 -33.94 -11.21 12.18
C ASN A 169 -34.66 -9.89 12.39
N MET A 170 -35.91 -9.98 12.79
CA MET A 170 -36.74 -8.81 13.02
C MET A 170 -36.51 -8.28 14.43
N LYS A 171 -36.31 -6.98 14.54
CA LYS A 171 -36.11 -6.35 15.83
C LYS A 171 -37.44 -6.27 16.58
N SER A 172 -37.37 -5.99 17.86
CA SER A 172 -38.57 -5.90 18.67
C SER A 172 -38.94 -4.44 18.92
N ALA A 173 -40.21 -4.12 18.71
CA ALA A 173 -40.69 -2.77 18.94
C ALA A 173 -41.08 -2.60 20.39
N VAL A 174 -40.35 -1.76 21.09
CA VAL A 174 -40.61 -1.52 22.50
C VAL A 174 -41.72 -0.50 22.67
N GLU A 175 -42.88 -0.97 23.09
CA GLU A 175 -44.01 -0.10 23.34
C GLU A 175 -43.97 0.37 24.79
N ASP A 176 -43.57 1.61 24.97
CA ASP A 176 -43.46 2.17 26.31
C ASP A 176 -44.83 2.54 26.88
N GLU A 177 -45.12 2.04 28.06
CA GLU A 177 -46.35 2.34 28.76
C GLU A 177 -46.16 3.61 29.58
N GLY A 178 -46.94 4.64 29.30
CA GLY A 178 -46.78 5.90 30.00
C GLY A 178 -48.02 6.38 30.74
N LEU A 179 -48.84 5.44 31.17
CA LEU A 179 -50.04 5.79 31.93
C LEU A 179 -49.66 6.00 33.39
N LYS A 180 -49.72 7.23 33.84
CA LYS A 180 -49.38 7.56 35.21
C LYS A 180 -50.62 7.84 36.02
N GLY A 181 -50.45 8.05 37.31
CA GLY A 181 -51.56 8.36 38.17
C GLY A 181 -51.57 9.82 38.53
N LYS A 182 -52.44 10.57 37.88
CA LYS A 182 -52.55 11.99 38.15
C LYS A 182 -53.65 12.24 39.17
N ILE A 183 -53.26 12.54 40.39
CA ILE A 183 -54.22 12.83 41.45
C ILE A 183 -53.97 14.21 42.02
N SER A 184 -52.84 14.36 42.69
CA SER A 184 -52.48 15.60 43.32
C SER A 184 -50.97 15.80 43.22
N GLU A 185 -50.56 16.83 42.47
CA GLU A 185 -49.14 17.14 42.25
C GLU A 185 -48.44 16.03 41.47
N HIS A 1 54.01 5.87 26.10
CA HIS A 1 54.31 6.33 24.74
C HIS A 1 53.30 7.36 24.29
N MET A 2 53.33 7.72 23.02
CA MET A 2 52.41 8.72 22.50
C MET A 2 51.09 8.09 22.07
N GLY A 3 50.17 7.98 23.01
CA GLY A 3 48.85 7.46 22.72
C GLY A 3 48.85 5.97 22.42
N ASP A 4 47.66 5.43 22.19
CA ASP A 4 47.51 4.01 21.86
C ASP A 4 47.35 3.83 20.37
N LYS A 5 46.76 4.84 19.72
CA LYS A 5 46.50 4.84 18.26
C LYS A 5 45.39 3.86 17.89
N SER A 6 45.57 2.60 18.24
CA SER A 6 44.58 1.59 17.95
C SER A 6 43.42 1.65 18.95
N GLU A 7 42.34 2.30 18.53
CA GLU A 7 41.17 2.44 19.38
C GLU A 7 39.90 2.12 18.59
N ASN A 8 38.82 1.85 19.30
CA ASN A 8 37.55 1.53 18.67
C ASN A 8 36.38 2.01 19.52
N VAL A 9 35.39 2.60 18.87
CA VAL A 9 34.21 3.11 19.56
C VAL A 9 32.95 2.45 19.02
N GLN A 10 31.84 2.68 19.71
CA GLN A 10 30.57 2.11 19.30
C GLN A 10 29.44 3.13 19.41
N ASP A 11 28.52 3.05 18.47
CA ASP A 11 27.36 3.93 18.44
C ASP A 11 26.26 3.33 17.59
N LEU A 12 25.03 3.39 18.08
CA LEU A 12 23.90 2.86 17.35
C LEU A 12 23.51 3.84 16.25
N LEU A 13 23.91 3.54 15.03
CA LEU A 13 23.61 4.40 13.88
C LEU A 13 22.10 4.52 13.69
N LEU A 14 21.65 5.73 13.40
CA LEU A 14 20.23 5.99 13.21
C LEU A 14 19.75 5.48 11.86
N LEU A 15 19.61 4.17 11.77
CA LEU A 15 19.17 3.49 10.56
C LEU A 15 18.37 2.26 10.95
N ASP A 16 18.11 1.37 9.98
CA ASP A 16 17.41 0.10 10.21
C ASP A 16 15.92 0.26 10.45
N VAL A 17 15.53 1.30 11.18
CA VAL A 17 14.13 1.50 11.52
C VAL A 17 13.47 2.56 10.64
N ALA A 18 12.22 2.30 10.30
CA ALA A 18 11.42 3.23 9.52
C ALA A 18 10.37 3.86 10.41
N PRO A 19 10.14 5.18 10.29
CA PRO A 19 9.16 5.89 11.12
C PRO A 19 7.73 5.41 10.90
N LEU A 20 7.35 5.25 9.63
CA LEU A 20 6.01 4.79 9.29
C LEU A 20 6.09 3.50 8.49
N SER A 21 4.95 2.87 8.28
CA SER A 21 4.87 1.65 7.50
C SER A 21 4.81 2.00 6.02
N LEU A 22 5.24 1.08 5.17
CA LEU A 22 5.21 1.29 3.75
C LEU A 22 4.19 0.36 3.11
N GLY A 23 3.33 0.90 2.28
CA GLY A 23 2.33 0.11 1.63
C GLY A 23 1.75 0.80 0.43
N LEU A 24 0.71 0.20 -0.12
CA LEU A 24 0.07 0.74 -1.31
C LEU A 24 -1.43 0.83 -1.08
N GLU A 25 -2.12 1.35 -2.07
CA GLU A 25 -3.57 1.48 -2.00
C GLU A 25 -4.22 0.90 -3.22
N THR A 26 -5.37 0.29 -3.02
CA THR A 26 -6.14 -0.25 -4.10
C THR A 26 -7.43 0.54 -4.26
N ALA A 27 -8.31 0.11 -5.17
CA ALA A 27 -9.58 0.80 -5.39
C ALA A 27 -10.36 0.90 -4.09
N GLY A 28 -10.56 2.12 -3.64
CA GLY A 28 -11.25 2.35 -2.39
C GLY A 28 -10.43 3.21 -1.45
N GLY A 29 -9.13 3.26 -1.69
CA GLY A 29 -8.25 4.06 -0.86
C GLY A 29 -7.96 3.41 0.47
N VAL A 30 -7.72 2.11 0.44
CA VAL A 30 -7.42 1.36 1.64
C VAL A 30 -5.91 1.12 1.76
N MET A 31 -5.38 1.32 2.95
CA MET A 31 -3.96 1.14 3.19
C MET A 31 -3.60 -0.31 3.45
N THR A 32 -2.79 -0.87 2.57
CA THR A 32 -2.31 -2.23 2.71
C THR A 32 -0.79 -2.21 2.84
N ALA A 33 -0.31 -2.48 4.05
CA ALA A 33 1.12 -2.43 4.34
C ALA A 33 1.82 -3.74 4.00
N LEU A 34 2.82 -3.65 3.13
CA LEU A 34 3.64 -4.80 2.78
C LEU A 34 4.95 -4.78 3.55
N ILE A 35 5.35 -3.58 3.97
CA ILE A 35 6.54 -3.40 4.76
C ILE A 35 6.18 -2.64 6.02
N LYS A 36 6.41 -3.25 7.15
CA LYS A 36 6.07 -2.64 8.42
C LYS A 36 7.17 -1.70 8.88
N ARG A 37 6.81 -0.77 9.74
CA ARG A 37 7.74 0.22 10.24
C ARG A 37 8.80 -0.44 11.13
N ASN A 38 9.77 0.37 11.57
CA ASN A 38 10.90 -0.11 12.37
C ASN A 38 11.83 -0.99 11.54
N SER A 39 11.59 -1.02 10.24
CA SER A 39 12.41 -1.78 9.31
C SER A 39 12.45 -1.10 7.94
N THR A 40 13.48 -0.30 7.71
CA THR A 40 13.62 0.39 6.44
C THR A 40 14.57 -0.35 5.50
N ILE A 41 15.70 -0.80 6.04
CA ILE A 41 16.68 -1.56 5.27
C ILE A 41 17.37 -2.58 6.17
N PRO A 42 17.69 -3.76 5.63
CA PRO A 42 17.39 -4.14 4.27
C PRO A 42 16.01 -4.77 4.16
N THR A 43 15.37 -4.65 3.01
CA THR A 43 14.06 -5.23 2.83
C THR A 43 13.69 -5.35 1.34
N LYS A 44 13.14 -6.52 1.00
CA LYS A 44 12.65 -6.80 -0.34
C LYS A 44 11.40 -7.65 -0.21
N GLN A 45 10.25 -7.05 -0.39
CA GLN A 45 8.99 -7.75 -0.22
C GLN A 45 8.19 -7.80 -1.51
N THR A 46 7.81 -9.00 -1.91
CA THR A 46 7.01 -9.20 -3.08
C THR A 46 5.67 -9.81 -2.67
N GLN A 47 4.60 -9.04 -2.81
CA GLN A 47 3.29 -9.52 -2.42
C GLN A 47 2.26 -9.21 -3.50
N ILE A 48 1.30 -10.10 -3.64
CA ILE A 48 0.24 -9.95 -4.61
C ILE A 48 -1.01 -9.38 -3.94
N PHE A 49 -1.43 -8.20 -4.37
CA PHE A 49 -2.59 -7.54 -3.79
C PHE A 49 -3.82 -7.76 -4.63
N THR A 50 -4.97 -7.83 -3.98
CA THR A 50 -6.23 -8.00 -4.67
C THR A 50 -7.00 -6.67 -4.71
N THR A 51 -8.04 -6.61 -5.50
CA THR A 51 -8.85 -5.42 -5.64
C THR A 51 -10.29 -5.83 -6.00
N TYR A 52 -11.26 -5.09 -5.50
CA TYR A 52 -12.67 -5.38 -5.79
C TYR A 52 -13.03 -4.98 -7.23
N SER A 53 -13.14 -3.68 -7.46
CA SER A 53 -13.42 -3.16 -8.78
C SER A 53 -12.78 -1.80 -8.97
N ASP A 54 -11.91 -1.68 -9.96
CA ASP A 54 -11.26 -0.40 -10.23
C ASP A 54 -11.99 0.32 -11.36
N ASN A 55 -12.32 -0.44 -12.41
CA ASN A 55 -13.12 0.03 -13.55
C ASN A 55 -12.32 0.91 -14.53
N GLN A 56 -11.08 1.24 -14.21
CA GLN A 56 -10.25 2.04 -15.10
C GLN A 56 -9.52 1.16 -16.11
N PRO A 57 -9.05 1.74 -17.25
CA PRO A 57 -8.29 1.01 -18.28
C PRO A 57 -6.82 0.84 -17.88
N GLY A 58 -6.61 0.46 -16.65
CA GLY A 58 -5.28 0.28 -16.13
C GLY A 58 -5.30 0.27 -14.63
N VAL A 59 -4.15 0.40 -14.01
CA VAL A 59 -4.09 0.40 -12.57
C VAL A 59 -3.45 1.68 -12.05
N LEU A 60 -4.05 2.25 -11.03
CA LEU A 60 -3.55 3.46 -10.41
C LEU A 60 -3.09 3.16 -9.00
N ILE A 61 -1.79 3.20 -8.79
CA ILE A 61 -1.23 2.89 -7.50
C ILE A 61 -0.41 4.07 -6.98
N GLN A 62 -0.57 4.36 -5.70
CA GLN A 62 0.15 5.46 -5.08
C GLN A 62 1.01 4.96 -3.93
N VAL A 63 2.22 5.49 -3.85
CA VAL A 63 3.15 5.11 -2.79
C VAL A 63 3.14 6.16 -1.70
N TYR A 64 2.92 5.73 -0.46
CA TYR A 64 2.82 6.65 0.65
C TYR A 64 3.33 6.01 1.95
N GLU A 65 3.65 6.86 2.91
CA GLU A 65 4.16 6.40 4.21
C GLU A 65 3.09 6.53 5.26
N GLY A 66 2.92 5.50 6.05
CA GLY A 66 1.95 5.54 7.11
C GLY A 66 1.25 4.24 7.30
N GLU A 67 0.23 4.26 8.12
CA GLU A 67 -0.57 3.09 8.38
C GLU A 67 -1.87 3.54 9.00
N ARG A 68 -2.99 3.13 8.42
CA ARG A 68 -4.33 3.55 8.86
C ARG A 68 -5.40 2.91 7.98
N ALA A 69 -6.65 3.24 8.25
CA ALA A 69 -7.76 2.73 7.45
C ALA A 69 -7.78 3.39 6.08
N MET A 70 -7.69 4.71 6.08
CA MET A 70 -7.71 5.48 4.85
C MET A 70 -6.32 5.98 4.50
N THR A 71 -6.14 6.36 3.25
CA THR A 71 -4.85 6.86 2.80
C THR A 71 -4.71 8.33 3.16
N LYS A 72 -5.83 8.95 3.49
CA LYS A 72 -5.90 10.37 3.82
C LYS A 72 -5.22 10.68 5.16
N ASP A 73 -4.84 9.64 5.88
CA ASP A 73 -4.18 9.81 7.17
C ASP A 73 -2.67 9.65 7.02
N ASN A 74 -2.23 9.36 5.81
CA ASN A 74 -0.81 9.10 5.55
C ASN A 74 -0.24 10.13 4.59
N ASN A 75 1.09 10.21 4.51
CA ASN A 75 1.75 11.17 3.63
C ASN A 75 2.17 10.50 2.32
N LEU A 76 1.89 11.18 1.21
CA LEU A 76 2.18 10.65 -0.12
C LEU A 76 3.64 10.86 -0.52
N LEU A 77 4.18 9.92 -1.29
CA LEU A 77 5.54 10.02 -1.77
C LEU A 77 5.56 10.19 -3.30
N GLY A 78 4.91 9.25 -3.98
CA GLY A 78 4.87 9.30 -5.44
C GLY A 78 3.69 8.52 -5.99
N ARG A 79 3.40 8.72 -7.26
CA ARG A 79 2.28 8.08 -7.91
C ARG A 79 2.70 7.48 -9.24
N PHE A 80 2.02 6.41 -9.66
CA PHE A 80 2.30 5.78 -10.94
C PHE A 80 1.08 4.99 -11.43
N GLU A 81 0.94 4.88 -12.73
CA GLU A 81 -0.16 4.16 -13.30
C GLU A 81 0.29 3.39 -14.55
N LEU A 82 -0.26 2.23 -14.75
CA LEU A 82 0.06 1.45 -15.92
C LEU A 82 -1.12 1.48 -16.87
N SER A 83 -0.96 2.18 -17.96
CA SER A 83 -2.00 2.33 -18.95
C SER A 83 -1.79 1.32 -20.08
N GLY A 84 -2.88 0.87 -20.66
CA GLY A 84 -2.81 -0.11 -21.73
C GLY A 84 -3.44 -1.43 -21.35
N ILE A 85 -4.33 -1.39 -20.38
CA ILE A 85 -5.03 -2.58 -19.91
C ILE A 85 -6.52 -2.40 -20.14
N PRO A 86 -7.23 -3.44 -20.60
CA PRO A 86 -8.69 -3.39 -20.73
C PRO A 86 -9.33 -3.02 -19.40
N PRO A 87 -10.31 -2.07 -19.40
CA PRO A 87 -11.00 -1.61 -18.19
C PRO A 87 -11.32 -2.74 -17.20
N ALA A 88 -10.72 -2.65 -16.01
CA ALA A 88 -10.87 -3.67 -14.99
C ALA A 88 -12.34 -3.84 -14.58
N PRO A 89 -12.91 -5.01 -14.87
CA PRO A 89 -14.31 -5.30 -14.56
C PRO A 89 -14.49 -5.77 -13.12
N ARG A 90 -15.69 -6.26 -12.82
CA ARG A 90 -15.99 -6.75 -11.48
C ARG A 90 -15.18 -8.01 -11.17
N GLY A 91 -14.32 -7.90 -10.18
CA GLY A 91 -13.45 -9.00 -9.82
C GLY A 91 -12.03 -8.54 -9.74
N VAL A 92 -11.54 -8.01 -10.88
CA VAL A 92 -10.18 -7.43 -11.00
C VAL A 92 -9.06 -8.43 -10.69
N PRO A 93 -8.20 -8.70 -11.68
CA PRO A 93 -7.02 -9.54 -11.48
C PRO A 93 -6.10 -8.94 -10.44
N GLN A 94 -5.36 -9.77 -9.74
CA GLN A 94 -4.48 -9.30 -8.70
C GLN A 94 -3.19 -8.73 -9.28
N ILE A 95 -2.49 -7.94 -8.48
CA ILE A 95 -1.25 -7.31 -8.91
C ILE A 95 -0.07 -7.80 -8.07
N GLU A 96 0.96 -8.26 -8.76
CA GLU A 96 2.16 -8.74 -8.09
C GLU A 96 3.17 -7.59 -7.99
N VAL A 97 3.30 -7.02 -6.82
CA VAL A 97 4.17 -5.88 -6.63
C VAL A 97 5.38 -6.21 -5.77
N THR A 98 6.53 -5.70 -6.18
CA THR A 98 7.76 -5.90 -5.46
C THR A 98 8.25 -4.57 -4.87
N PHE A 99 8.56 -4.59 -3.58
CA PHE A 99 9.04 -3.42 -2.88
C PHE A 99 10.46 -3.66 -2.36
N ASP A 100 11.41 -2.92 -2.88
CA ASP A 100 12.80 -3.04 -2.44
C ASP A 100 13.38 -1.67 -2.17
N ILE A 101 13.90 -1.48 -0.98
CA ILE A 101 14.47 -0.20 -0.59
C ILE A 101 15.99 -0.28 -0.55
N ASP A 102 16.64 0.57 -1.34
CA ASP A 102 18.10 0.62 -1.36
C ASP A 102 18.63 1.33 -0.14
N ALA A 103 19.85 1.00 0.24
CA ALA A 103 20.49 1.63 1.39
C ALA A 103 20.79 3.09 1.10
N ASN A 104 20.74 3.45 -0.17
CA ASN A 104 20.99 4.82 -0.62
C ASN A 104 19.71 5.65 -0.53
N GLY A 105 18.61 4.99 -0.16
CA GLY A 105 17.34 5.68 -0.05
C GLY A 105 16.59 5.71 -1.36
N ILE A 106 16.50 4.56 -2.00
CA ILE A 106 15.78 4.44 -3.26
C ILE A 106 14.64 3.45 -3.12
N LEU A 107 13.43 3.91 -3.32
CA LEU A 107 12.28 3.06 -3.24
C LEU A 107 11.99 2.47 -4.62
N ASN A 108 12.23 1.19 -4.77
CA ASN A 108 12.00 0.51 -6.03
C ASN A 108 10.72 -0.29 -5.96
N VAL A 109 9.72 0.15 -6.67
CA VAL A 109 8.45 -0.54 -6.69
C VAL A 109 8.12 -1.04 -8.08
N THR A 110 8.07 -2.36 -8.23
CA THR A 110 7.73 -2.98 -9.48
C THR A 110 6.32 -3.55 -9.42
N ALA A 111 5.42 -2.96 -10.15
CA ALA A 111 4.05 -3.42 -10.19
C ALA A 111 3.83 -4.27 -11.43
N THR A 112 3.65 -5.55 -11.22
CA THR A 112 3.41 -6.47 -12.31
C THR A 112 1.95 -6.88 -12.35
N ASP A 113 1.25 -6.44 -13.37
CA ASP A 113 -0.15 -6.78 -13.56
C ASP A 113 -0.27 -8.20 -14.11
N LYS A 114 -1.34 -8.88 -13.74
CA LYS A 114 -1.56 -10.25 -14.19
C LYS A 114 -2.38 -10.30 -15.48
N SER A 115 -2.89 -9.15 -15.90
CA SER A 115 -3.66 -9.08 -17.13
C SER A 115 -2.72 -9.00 -18.34
N THR A 116 -1.84 -8.03 -18.32
CA THR A 116 -0.87 -7.85 -19.37
C THR A 116 0.52 -8.28 -18.87
N GLY A 117 1.45 -8.50 -19.79
CA GLY A 117 2.78 -8.93 -19.40
C GLY A 117 3.74 -7.78 -19.22
N LYS A 118 3.19 -6.59 -19.02
CA LYS A 118 3.99 -5.39 -18.89
C LYS A 118 4.11 -4.97 -17.42
N ALA A 119 5.32 -5.02 -16.90
CA ALA A 119 5.57 -4.62 -15.53
C ALA A 119 5.98 -3.15 -15.48
N ASN A 120 5.59 -2.47 -14.42
CA ASN A 120 5.92 -1.05 -14.29
C ASN A 120 6.83 -0.82 -13.09
N LYS A 121 7.99 -0.27 -13.35
CA LYS A 121 8.98 0.01 -12.31
C LYS A 121 9.18 1.51 -12.17
N ILE A 122 9.01 2.01 -10.97
CA ILE A 122 9.24 3.42 -10.73
C ILE A 122 10.14 3.62 -9.51
N THR A 123 11.21 4.35 -9.71
CA THR A 123 12.15 4.61 -8.66
C THR A 123 11.86 5.91 -7.95
N ILE A 124 11.55 5.82 -6.67
CA ILE A 124 11.27 7.01 -5.88
C ILE A 124 12.43 7.28 -4.94
N THR A 125 13.13 8.36 -5.18
CA THR A 125 14.26 8.74 -4.38
C THR A 125 13.81 9.54 -3.17
N ASN A 126 14.01 8.98 -1.98
CA ASN A 126 13.63 9.68 -0.77
C ASN A 126 14.85 10.35 -0.17
N ASP A 127 14.61 11.41 0.55
CA ASP A 127 15.69 12.14 1.20
C ASP A 127 15.68 11.83 2.68
N LYS A 128 16.62 12.39 3.41
CA LYS A 128 16.68 12.17 4.84
C LYS A 128 15.52 12.85 5.52
N GLY A 129 15.44 14.15 5.36
CA GLY A 129 14.42 14.91 6.00
C GLY A 129 14.88 15.40 7.34
N ARG A 130 13.95 15.72 8.20
CA ARG A 130 14.28 16.19 9.53
C ARG A 130 13.54 15.36 10.56
N LEU A 131 13.20 14.14 10.16
CA LEU A 131 12.46 13.22 11.01
C LEU A 131 13.18 12.97 12.33
N SER A 132 12.51 13.25 13.40
CA SER A 132 13.06 13.04 14.71
C SER A 132 12.28 11.96 15.44
N LYS A 133 12.89 11.33 16.42
CA LYS A 133 12.22 10.28 17.17
C LYS A 133 11.10 10.84 18.04
N GLU A 134 11.02 12.16 18.10
CA GLU A 134 10.01 12.83 18.89
C GLU A 134 8.67 12.89 18.15
N GLU A 135 8.71 12.87 16.82
CA GLU A 135 7.49 12.96 16.03
C GLU A 135 6.77 11.61 16.00
N ILE A 136 7.55 10.52 15.96
CA ILE A 136 6.97 9.18 15.92
C ILE A 136 6.24 8.88 17.23
N GLU A 137 6.70 9.53 18.31
CA GLU A 137 6.07 9.40 19.61
C GLU A 137 4.62 9.86 19.54
N ARG A 138 4.39 10.94 18.80
CA ARG A 138 3.06 11.46 18.63
C ARG A 138 2.28 10.61 17.65
N MET A 139 2.94 10.19 16.58
CA MET A 139 2.29 9.37 15.55
C MET A 139 1.73 8.07 16.10
N VAL A 140 2.53 7.40 16.94
CA VAL A 140 2.10 6.12 17.52
C VAL A 140 0.92 6.31 18.49
N GLN A 141 0.85 7.49 19.10
CA GLN A 141 -0.24 7.79 20.03
C GLN A 141 -1.45 8.33 19.29
N GLU A 142 -1.20 9.16 18.29
CA GLU A 142 -2.26 9.76 17.49
C GLU A 142 -3.05 8.67 16.75
N ALA A 143 -2.33 7.67 16.26
CA ALA A 143 -2.94 6.55 15.57
C ALA A 143 -3.85 5.77 16.50
N GLU A 144 -3.48 5.74 17.78
CA GLU A 144 -4.27 5.07 18.80
C GLU A 144 -5.46 5.94 19.19
N LYS A 145 -5.21 7.25 19.27
CA LYS A 145 -6.23 8.23 19.61
C LYS A 145 -7.35 8.22 18.55
N TYR A 146 -6.97 8.15 17.29
CA TYR A 146 -7.94 8.14 16.21
C TYR A 146 -8.41 6.73 15.88
N LYS A 147 -7.96 5.75 16.65
CA LYS A 147 -8.36 4.37 16.43
C LYS A 147 -9.83 4.20 16.81
N ALA A 148 -10.31 5.07 17.70
CA ALA A 148 -11.71 5.06 18.09
C ALA A 148 -12.59 5.37 16.88
N GLU A 149 -12.09 6.25 16.02
CA GLU A 149 -12.79 6.60 14.80
C GLU A 149 -12.50 5.57 13.73
N ASP A 150 -11.30 4.99 13.79
CA ASP A 150 -10.84 3.96 12.85
C ASP A 150 -11.86 2.83 12.72
N GLU A 151 -12.57 2.54 13.80
CA GLU A 151 -13.58 1.50 13.81
C GLU A 151 -14.62 1.70 12.71
N VAL A 152 -15.23 2.89 12.66
CA VAL A 152 -16.25 3.16 11.66
C VAL A 152 -15.62 3.46 10.30
N GLN A 153 -14.42 4.01 10.32
CA GLN A 153 -13.72 4.34 9.08
C GLN A 153 -13.24 3.06 8.38
N ARG A 154 -12.99 2.04 9.17
CA ARG A 154 -12.59 0.75 8.64
C ARG A 154 -13.83 0.03 8.11
N GLU A 155 -14.96 0.29 8.74
CA GLU A 155 -16.21 -0.33 8.36
C GLU A 155 -16.70 0.16 7.00
N ARG A 156 -16.64 1.47 6.78
CA ARG A 156 -17.10 2.08 5.52
C ARG A 156 -16.35 1.50 4.32
N VAL A 157 -15.06 1.20 4.49
CA VAL A 157 -14.28 0.64 3.40
C VAL A 157 -14.43 -0.88 3.34
N SER A 158 -14.81 -1.48 4.48
CA SER A 158 -15.00 -2.92 4.56
C SER A 158 -16.30 -3.32 3.84
N ALA A 159 -17.19 -2.35 3.67
CA ALA A 159 -18.46 -2.58 2.98
C ALA A 159 -18.23 -2.96 1.52
N LYS A 160 -17.05 -2.65 1.03
CA LYS A 160 -16.67 -2.96 -0.35
C LYS A 160 -16.37 -4.45 -0.51
N ASN A 161 -15.67 -5.01 0.47
CA ASN A 161 -15.30 -6.43 0.42
C ASN A 161 -16.38 -7.30 1.07
N ALA A 162 -17.39 -6.65 1.62
CA ALA A 162 -18.50 -7.36 2.26
C ALA A 162 -19.36 -8.06 1.21
N TYR A 163 -19.12 -7.73 -0.06
CA TYR A 163 -19.84 -8.35 -1.17
C TYR A 163 -19.53 -9.84 -1.26
N GLU A 164 -18.38 -10.24 -0.70
CA GLU A 164 -17.93 -11.64 -0.71
C GLU A 164 -18.84 -12.55 0.11
N SER A 165 -19.86 -11.98 0.73
CA SER A 165 -20.81 -12.73 1.54
C SER A 165 -21.70 -13.65 0.67
N TYR A 166 -21.61 -13.48 -0.64
CA TYR A 166 -22.41 -14.30 -1.56
C TYR A 166 -21.80 -15.70 -1.68
N ALA A 167 -22.49 -16.57 -2.39
CA ALA A 167 -22.00 -17.91 -2.62
C ALA A 167 -20.88 -17.90 -3.64
N PHE A 168 -19.66 -17.86 -3.16
CA PHE A 168 -18.48 -17.81 -4.01
C PHE A 168 -18.25 -19.15 -4.71
N ASN A 169 -17.29 -19.17 -5.62
CA ASN A 169 -16.96 -20.38 -6.36
C ASN A 169 -16.41 -21.45 -5.43
N MET A 170 -16.62 -22.71 -5.80
CA MET A 170 -16.19 -23.85 -4.98
C MET A 170 -14.69 -23.84 -4.76
N LYS A 171 -14.29 -23.68 -3.51
CA LYS A 171 -12.88 -23.66 -3.13
C LYS A 171 -12.45 -25.05 -2.68
N SER A 172 -11.17 -25.20 -2.40
CA SER A 172 -10.65 -26.46 -1.92
C SER A 172 -11.19 -26.74 -0.52
N ALA A 173 -11.91 -27.85 -0.38
CA ALA A 173 -12.50 -28.23 0.88
C ALA A 173 -11.55 -29.06 1.72
N VAL A 174 -11.89 -29.24 2.97
CA VAL A 174 -11.06 -30.00 3.90
C VAL A 174 -11.13 -31.50 3.59
N GLU A 175 -10.02 -32.18 3.77
CA GLU A 175 -9.93 -33.62 3.55
C GLU A 175 -10.50 -34.38 4.73
N ASP A 176 -10.51 -35.70 4.63
CA ASP A 176 -11.02 -36.54 5.68
C ASP A 176 -9.91 -37.44 6.21
N GLU A 177 -9.82 -37.55 7.51
CA GLU A 177 -8.80 -38.39 8.14
C GLU A 177 -9.21 -39.85 8.12
N GLY A 178 -8.22 -40.72 8.12
CA GLY A 178 -8.49 -42.14 8.12
C GLY A 178 -8.84 -42.64 9.51
N LEU A 179 -8.91 -43.94 9.67
CA LEU A 179 -9.22 -44.52 10.95
C LEU A 179 -7.95 -45.01 11.64
N LYS A 180 -7.76 -44.59 12.88
CA LYS A 180 -6.60 -44.99 13.64
C LYS A 180 -7.03 -45.63 14.95
N GLY A 181 -6.10 -46.30 15.60
CA GLY A 181 -6.41 -46.98 16.84
C GLY A 181 -6.67 -48.44 16.61
N LYS A 182 -6.59 -48.84 15.35
CA LYS A 182 -6.82 -50.22 14.97
C LYS A 182 -5.51 -50.98 14.96
N ILE A 183 -5.60 -52.30 15.00
CA ILE A 183 -4.42 -53.15 15.00
C ILE A 183 -3.63 -52.97 13.70
N SER A 184 -2.35 -52.78 13.84
CA SER A 184 -1.48 -52.61 12.72
C SER A 184 -0.23 -53.45 12.91
N GLU A 185 0.39 -53.85 11.83
CA GLU A 185 1.59 -54.65 11.92
C GLU A 185 2.78 -53.85 11.44
N HIS A 1 55.63 9.33 12.49
CA HIS A 1 55.38 8.16 13.35
C HIS A 1 53.89 7.79 13.34
N MET A 2 53.02 8.75 13.07
CA MET A 2 51.58 8.49 13.03
C MET A 2 50.97 8.97 11.72
N GLY A 3 51.61 8.64 10.62
CA GLY A 3 51.11 9.04 9.32
C GLY A 3 50.85 7.87 8.41
N ASP A 4 50.27 6.81 8.97
CA ASP A 4 49.97 5.60 8.20
C ASP A 4 48.67 5.73 7.43
N LYS A 5 47.82 6.63 7.87
CA LYS A 5 46.54 6.85 7.22
C LYS A 5 46.22 8.33 7.07
N SER A 6 45.29 8.63 6.19
CA SER A 6 44.84 9.99 5.99
C SER A 6 43.33 10.03 6.17
N GLU A 7 42.87 10.73 7.20
CA GLU A 7 41.46 10.77 7.51
C GLU A 7 40.72 11.80 6.67
N ASN A 8 39.41 11.68 6.66
CA ASN A 8 38.54 12.56 5.91
C ASN A 8 37.21 12.70 6.61
N VAL A 9 36.55 13.81 6.40
CA VAL A 9 35.24 14.03 6.99
C VAL A 9 34.17 13.31 6.16
N GLN A 10 33.72 12.17 6.67
CA GLN A 10 32.73 11.37 5.98
C GLN A 10 31.46 11.22 6.82
N ASP A 11 30.34 11.62 6.26
CA ASP A 11 29.07 11.51 6.95
C ASP A 11 27.99 11.02 6.00
N LEU A 12 27.76 9.73 6.01
CA LEU A 12 26.76 9.11 5.15
C LEU A 12 25.40 9.11 5.82
N LEU A 13 24.43 9.73 5.18
CA LEU A 13 23.07 9.78 5.71
C LEU A 13 22.08 9.18 4.74
N LEU A 14 21.77 7.92 4.93
CA LEU A 14 20.83 7.22 4.07
C LEU A 14 19.62 6.81 4.88
N LEU A 15 18.68 6.14 4.24
CA LEU A 15 17.51 5.65 4.94
C LEU A 15 17.85 4.33 5.60
N ASP A 16 18.28 4.42 6.85
CA ASP A 16 18.71 3.23 7.59
C ASP A 16 17.52 2.47 8.11
N VAL A 17 16.66 3.17 8.84
CA VAL A 17 15.46 2.57 9.39
C VAL A 17 14.27 3.51 9.23
N ALA A 18 13.17 2.97 8.76
CA ALA A 18 11.95 3.73 8.62
C ALA A 18 11.05 3.47 9.81
N PRO A 19 10.84 4.48 10.68
CA PRO A 19 10.00 4.35 11.88
C PRO A 19 8.51 4.30 11.53
N LEU A 20 8.20 4.47 10.26
CA LEU A 20 6.83 4.45 9.77
C LEU A 20 6.63 3.24 8.88
N SER A 21 5.40 2.74 8.85
CA SER A 21 5.06 1.60 8.02
C SER A 21 4.92 2.04 6.56
N LEU A 22 5.12 1.13 5.64
CA LEU A 22 5.02 1.45 4.22
C LEU A 22 4.06 0.49 3.52
N GLY A 23 3.39 0.97 2.50
CA GLY A 23 2.48 0.12 1.76
C GLY A 23 1.54 0.89 0.88
N LEU A 24 0.57 0.19 0.31
CA LEU A 24 -0.42 0.78 -0.57
C LEU A 24 -1.78 0.70 0.10
N GLU A 25 -2.79 1.23 -0.56
CA GLU A 25 -4.12 1.14 -0.04
C GLU A 25 -4.87 0.02 -0.77
N THR A 26 -5.64 -0.73 -0.03
CA THR A 26 -6.43 -1.79 -0.62
C THR A 26 -7.82 -1.29 -0.93
N ALA A 27 -8.59 -2.07 -1.68
CA ALA A 27 -9.95 -1.69 -2.07
C ALA A 27 -10.77 -1.29 -0.86
N GLY A 28 -11.06 0.00 -0.78
CA GLY A 28 -11.83 0.52 0.33
C GLY A 28 -11.29 1.85 0.79
N GLY A 29 -10.04 2.11 0.44
CA GLY A 29 -9.42 3.36 0.82
C GLY A 29 -8.66 3.23 2.11
N VAL A 30 -8.31 2.01 2.45
CA VAL A 30 -7.58 1.75 3.68
C VAL A 30 -6.11 1.50 3.40
N MET A 31 -5.26 2.25 4.09
CA MET A 31 -3.82 2.13 3.94
C MET A 31 -3.36 0.83 4.57
N THR A 32 -2.82 -0.04 3.77
CA THR A 32 -2.41 -1.33 4.22
C THR A 32 -0.89 -1.37 4.41
N ALA A 33 -0.46 -1.71 5.60
CA ALA A 33 0.96 -1.78 5.90
C ALA A 33 1.57 -3.09 5.44
N LEU A 34 2.11 -3.09 4.23
CA LEU A 34 2.78 -4.27 3.70
C LEU A 34 4.14 -4.40 4.34
N ILE A 35 4.77 -3.26 4.58
CA ILE A 35 6.05 -3.21 5.20
C ILE A 35 5.90 -2.65 6.60
N LYS A 36 6.13 -3.47 7.60
CA LYS A 36 5.99 -3.06 8.99
C LYS A 36 7.05 -2.03 9.35
N ARG A 37 6.69 -1.09 10.21
CA ARG A 37 7.60 -0.06 10.66
C ARG A 37 8.80 -0.64 11.39
N ASN A 38 9.90 0.10 11.36
CA ASN A 38 11.17 -0.28 12.00
C ASN A 38 11.84 -1.43 11.26
N SER A 39 11.26 -1.82 10.15
CA SER A 39 11.78 -2.87 9.32
C SER A 39 11.98 -2.33 7.91
N THR A 40 13.22 -2.08 7.56
CA THR A 40 13.53 -1.49 6.27
C THR A 40 14.48 -2.38 5.48
N ILE A 41 15.62 -2.72 6.06
CA ILE A 41 16.60 -3.51 5.37
C ILE A 41 17.15 -4.63 6.24
N PRO A 42 17.13 -5.89 5.74
CA PRO A 42 16.60 -6.23 4.43
C PRO A 42 15.13 -6.65 4.51
N THR A 43 14.23 -5.75 4.14
CA THR A 43 12.81 -6.06 4.15
C THR A 43 12.22 -5.92 2.75
N LYS A 44 11.77 -7.03 2.20
CA LYS A 44 11.18 -7.05 0.87
C LYS A 44 9.78 -7.65 0.92
N GLN A 45 8.84 -7.04 0.22
CA GLN A 45 7.44 -7.49 0.24
C GLN A 45 6.89 -7.64 -1.18
N THR A 46 5.98 -8.59 -1.34
CA THR A 46 5.31 -8.82 -2.61
C THR A 46 3.86 -9.27 -2.37
N GLN A 47 2.90 -8.49 -2.84
CA GLN A 47 1.50 -8.82 -2.63
C GLN A 47 0.67 -8.57 -3.88
N ILE A 48 -0.39 -9.37 -4.04
CA ILE A 48 -1.29 -9.24 -5.17
C ILE A 48 -2.41 -8.24 -4.85
N PHE A 49 -2.62 -7.30 -5.74
CA PHE A 49 -3.67 -6.32 -5.59
C PHE A 49 -4.70 -6.48 -6.70
N THR A 50 -5.93 -6.72 -6.34
CA THR A 50 -6.99 -6.88 -7.30
C THR A 50 -7.83 -5.61 -7.40
N THR A 51 -8.61 -5.48 -8.45
CA THR A 51 -9.41 -4.29 -8.67
C THR A 51 -10.90 -4.63 -8.77
N TYR A 52 -11.71 -3.93 -7.97
CA TYR A 52 -13.16 -4.10 -8.00
C TYR A 52 -13.81 -2.90 -8.69
N SER A 53 -12.97 -1.98 -9.11
CA SER A 53 -13.40 -0.77 -9.80
C SER A 53 -13.52 -1.02 -11.30
N ASP A 54 -13.85 0.03 -12.07
CA ASP A 54 -13.97 -0.08 -13.54
C ASP A 54 -12.73 -0.73 -14.15
N ASN A 55 -11.57 -0.47 -13.54
CA ASN A 55 -10.30 -1.08 -13.94
C ASN A 55 -9.95 -0.78 -15.39
N GLN A 56 -9.89 0.49 -15.70
CA GLN A 56 -9.53 0.96 -17.03
C GLN A 56 -8.02 0.79 -17.25
N PRO A 57 -7.54 0.85 -18.53
CA PRO A 57 -6.09 0.69 -18.87
C PRO A 57 -5.18 1.81 -18.30
N GLY A 58 -5.55 2.35 -17.16
CA GLY A 58 -4.79 3.39 -16.54
C GLY A 58 -5.17 3.52 -15.08
N VAL A 59 -4.37 2.93 -14.20
CA VAL A 59 -4.65 2.96 -12.77
C VAL A 59 -3.50 3.60 -12.02
N LEU A 60 -3.80 4.14 -10.85
CA LEU A 60 -2.80 4.84 -10.05
C LEU A 60 -2.32 4.02 -8.87
N ILE A 61 -1.03 3.80 -8.78
CA ILE A 61 -0.45 3.11 -7.64
C ILE A 61 0.15 4.14 -6.70
N GLN A 62 -0.50 4.34 -5.57
CA GLN A 62 -0.11 5.37 -4.63
C GLN A 62 0.52 4.76 -3.37
N VAL A 63 1.78 5.13 -3.10
CA VAL A 63 2.52 4.59 -1.96
C VAL A 63 2.42 5.54 -0.77
N TYR A 64 1.96 5.01 0.36
CA TYR A 64 1.80 5.80 1.57
C TYR A 64 2.89 5.47 2.59
N GLU A 65 3.11 6.40 3.51
CA GLU A 65 4.04 6.21 4.59
C GLU A 65 3.33 6.50 5.91
N GLY A 66 3.56 5.66 6.90
CA GLY A 66 2.93 5.82 8.18
C GLY A 66 2.07 4.64 8.50
N GLU A 67 1.36 4.72 9.60
CA GLU A 67 0.47 3.65 9.98
C GLU A 67 -0.88 4.22 10.36
N ARG A 68 -1.92 3.73 9.70
CA ARG A 68 -3.29 4.18 9.89
C ARG A 68 -4.12 3.73 8.71
N ALA A 69 -5.20 3.00 8.97
CA ALA A 69 -6.08 2.53 7.90
C ALA A 69 -6.65 3.70 7.09
N MET A 70 -6.84 4.82 7.77
CA MET A 70 -7.33 6.04 7.14
C MET A 70 -6.24 6.65 6.25
N THR A 71 -6.35 6.41 4.95
CA THR A 71 -5.34 6.85 3.97
C THR A 71 -5.03 8.35 4.03
N LYS A 72 -6.08 9.15 4.16
CA LYS A 72 -5.94 10.61 4.17
C LYS A 72 -5.14 11.10 5.38
N ASP A 73 -5.01 10.26 6.39
CA ASP A 73 -4.32 10.63 7.61
C ASP A 73 -2.86 10.20 7.59
N ASN A 74 -2.44 9.63 6.47
CA ASN A 74 -1.04 9.23 6.29
C ASN A 74 -0.37 10.21 5.33
N ASN A 75 0.94 10.11 5.19
CA ASN A 75 1.65 10.98 4.27
C ASN A 75 2.02 10.23 2.99
N LEU A 76 2.13 10.95 1.91
CA LEU A 76 2.39 10.36 0.61
C LEU A 76 3.87 10.37 0.27
N LEU A 77 4.34 9.26 -0.28
CA LEU A 77 5.72 9.16 -0.73
C LEU A 77 5.80 9.45 -2.21
N GLY A 78 5.10 8.65 -2.98
CA GLY A 78 5.08 8.83 -4.42
C GLY A 78 4.00 8.01 -5.04
N ARG A 79 3.75 8.22 -6.32
CA ARG A 79 2.73 7.49 -7.03
C ARG A 79 3.09 7.36 -8.51
N PHE A 80 2.64 6.30 -9.12
CA PHE A 80 2.87 6.07 -10.52
C PHE A 80 1.67 5.39 -11.15
N GLU A 81 1.45 5.63 -12.41
CA GLU A 81 0.33 5.04 -13.09
C GLU A 81 0.76 3.84 -13.91
N LEU A 82 -0.16 2.93 -14.12
CA LEU A 82 0.09 1.74 -14.92
C LEU A 82 -0.83 1.77 -16.13
N SER A 83 -0.25 1.90 -17.30
CA SER A 83 -1.03 1.96 -18.52
C SER A 83 -1.00 0.61 -19.24
N GLY A 84 -2.11 0.26 -19.87
CA GLY A 84 -2.19 -0.98 -20.62
C GLY A 84 -2.92 -2.08 -19.88
N ILE A 85 -3.58 -1.72 -18.80
CA ILE A 85 -4.33 -2.69 -18.00
C ILE A 85 -5.64 -3.10 -18.71
N PRO A 86 -5.91 -4.42 -18.82
CA PRO A 86 -7.14 -4.91 -19.44
C PRO A 86 -8.39 -4.37 -18.72
N PRO A 87 -9.32 -3.73 -19.47
CA PRO A 87 -10.53 -3.14 -18.89
C PRO A 87 -11.52 -4.20 -18.38
N ALA A 88 -11.25 -4.69 -17.19
CA ALA A 88 -12.11 -5.68 -16.56
C ALA A 88 -12.59 -5.18 -15.21
N PRO A 89 -13.88 -4.80 -15.11
CA PRO A 89 -14.49 -4.29 -13.86
C PRO A 89 -14.28 -5.22 -12.67
N ARG A 90 -14.19 -6.51 -12.94
CA ARG A 90 -13.91 -7.46 -11.89
C ARG A 90 -12.46 -7.89 -11.96
N GLY A 91 -11.90 -8.24 -10.81
CA GLY A 91 -10.49 -8.57 -10.70
C GLY A 91 -10.04 -9.79 -11.50
N VAL A 92 -9.99 -9.65 -12.80
CA VAL A 92 -9.46 -10.68 -13.67
C VAL A 92 -7.93 -10.50 -13.81
N PRO A 93 -7.45 -9.26 -14.12
CA PRO A 93 -6.04 -8.96 -14.18
C PRO A 93 -5.55 -8.40 -12.85
N GLN A 94 -4.91 -9.24 -12.06
CA GLN A 94 -4.42 -8.81 -10.76
C GLN A 94 -3.04 -8.21 -10.87
N ILE A 95 -2.82 -7.14 -10.14
CA ILE A 95 -1.56 -6.42 -10.17
C ILE A 95 -0.66 -6.93 -9.06
N GLU A 96 0.49 -7.45 -9.44
CA GLU A 96 1.46 -7.94 -8.49
C GLU A 96 2.47 -6.85 -8.20
N VAL A 97 2.41 -6.31 -7.00
CA VAL A 97 3.31 -5.23 -6.62
C VAL A 97 4.48 -5.77 -5.81
N THR A 98 5.68 -5.47 -6.28
CA THR A 98 6.89 -5.92 -5.64
C THR A 98 7.64 -4.73 -5.03
N PHE A 99 8.00 -4.87 -3.75
CA PHE A 99 8.75 -3.83 -3.04
C PHE A 99 10.16 -4.31 -2.74
N ASP A 100 11.14 -3.66 -3.33
CA ASP A 100 12.54 -3.99 -3.08
C ASP A 100 13.25 -2.79 -2.49
N ILE A 101 13.48 -2.83 -1.20
CA ILE A 101 14.17 -1.76 -0.52
C ILE A 101 15.67 -1.95 -0.65
N ASP A 102 16.32 -0.99 -1.27
CA ASP A 102 17.76 -1.06 -1.46
C ASP A 102 18.48 -0.63 -0.19
N ALA A 103 19.69 -1.14 0.01
CA ALA A 103 20.49 -0.84 1.19
C ALA A 103 20.78 0.65 1.32
N ASN A 104 20.78 1.36 0.21
CA ASN A 104 21.04 2.80 0.21
C ASN A 104 19.79 3.57 0.66
N GLY A 105 18.66 2.87 0.73
CA GLY A 105 17.44 3.51 1.13
C GLY A 105 16.56 3.84 -0.04
N ILE A 106 16.70 3.07 -1.11
CA ILE A 106 15.93 3.29 -2.32
C ILE A 106 14.72 2.36 -2.33
N LEU A 107 13.54 2.93 -2.33
CA LEU A 107 12.32 2.16 -2.37
C LEU A 107 11.98 1.83 -3.83
N ASN A 108 12.28 0.62 -4.24
CA ASN A 108 12.00 0.19 -5.60
C ASN A 108 10.67 -0.53 -5.66
N VAL A 109 9.65 0.19 -6.06
CA VAL A 109 8.33 -0.38 -6.19
C VAL A 109 8.01 -0.66 -7.66
N THR A 110 7.51 -1.84 -7.94
CA THR A 110 7.15 -2.21 -9.28
C THR A 110 5.83 -2.95 -9.31
N ALA A 111 4.91 -2.45 -10.10
CA ALA A 111 3.61 -3.07 -10.25
C ALA A 111 3.56 -3.80 -11.58
N THR A 112 3.40 -5.10 -11.54
CA THR A 112 3.35 -5.91 -12.74
C THR A 112 2.04 -6.67 -12.83
N ASP A 113 1.30 -6.45 -13.90
CA ASP A 113 0.06 -7.16 -14.13
C ASP A 113 0.35 -8.61 -14.48
N LYS A 114 -0.49 -9.50 -14.03
CA LYS A 114 -0.32 -10.91 -14.28
C LYS A 114 -1.00 -11.33 -15.57
N SER A 115 -1.90 -10.49 -16.05
CA SER A 115 -2.60 -10.78 -17.29
C SER A 115 -1.71 -10.46 -18.48
N THR A 116 -1.35 -9.21 -18.63
CA THR A 116 -0.50 -8.77 -19.71
C THR A 116 0.86 -8.31 -19.16
N GLY A 117 1.86 -8.22 -20.03
CA GLY A 117 3.19 -7.85 -19.60
C GLY A 117 3.35 -6.35 -19.38
N LYS A 118 2.48 -5.76 -18.58
CA LYS A 118 2.55 -4.35 -18.27
C LYS A 118 3.13 -4.14 -16.89
N ALA A 119 4.22 -3.39 -16.82
CA ALA A 119 4.88 -3.11 -15.57
C ALA A 119 5.61 -1.77 -15.63
N ASN A 120 5.51 -1.01 -14.56
CA ASN A 120 6.18 0.28 -14.46
C ASN A 120 6.98 0.36 -13.17
N LYS A 121 8.13 1.02 -13.23
CA LYS A 121 9.00 1.13 -12.07
C LYS A 121 9.19 2.59 -11.68
N ILE A 122 9.61 2.80 -10.46
CA ILE A 122 9.91 4.12 -9.95
C ILE A 122 10.72 4.02 -8.66
N THR A 123 11.79 4.77 -8.59
CA THR A 123 12.64 4.76 -7.42
C THR A 123 12.25 5.88 -6.47
N ILE A 124 11.60 5.51 -5.38
CA ILE A 124 11.15 6.48 -4.40
C ILE A 124 12.13 6.54 -3.23
N THR A 125 12.44 7.74 -2.80
CA THR A 125 13.32 7.94 -1.68
C THR A 125 12.62 8.75 -0.59
N ASN A 126 12.49 8.17 0.58
CA ASN A 126 11.84 8.85 1.69
C ASN A 126 12.61 10.10 2.08
N ASP A 127 11.96 11.24 1.95
CA ASP A 127 12.57 12.52 2.25
C ASP A 127 12.58 12.80 3.74
N LYS A 128 13.66 13.38 4.23
CA LYS A 128 13.77 13.72 5.64
C LYS A 128 12.98 14.97 5.95
N GLY A 129 13.23 16.03 5.16
CA GLY A 129 12.55 17.30 5.37
C GLY A 129 12.74 17.82 6.77
N ARG A 130 11.68 17.85 7.53
CA ARG A 130 11.74 18.26 8.92
C ARG A 130 11.14 17.19 9.82
N LEU A 131 11.02 15.98 9.30
CA LEU A 131 10.47 14.87 10.06
C LEU A 131 11.55 14.29 10.96
N SER A 132 11.78 14.97 12.07
CA SER A 132 12.80 14.57 13.02
C SER A 132 12.28 13.49 13.96
N LYS A 133 13.13 13.01 14.87
CA LYS A 133 12.75 11.94 15.79
C LYS A 133 11.55 12.31 16.66
N GLU A 134 11.39 13.59 16.97
CA GLU A 134 10.24 14.04 17.76
C GLU A 134 8.94 13.93 16.96
N GLU A 135 9.05 14.13 15.65
CA GLU A 135 7.89 14.10 14.76
C GLU A 135 7.41 12.66 14.54
N ILE A 136 8.35 11.75 14.33
CA ILE A 136 8.01 10.35 14.09
C ILE A 136 7.36 9.73 15.33
N GLU A 137 7.77 10.18 16.52
CA GLU A 137 7.20 9.70 17.78
C GLU A 137 5.74 10.10 17.91
N ARG A 138 5.36 11.14 17.20
CA ARG A 138 3.98 11.59 17.20
C ARG A 138 3.15 10.69 16.30
N MET A 139 3.61 10.54 15.06
CA MET A 139 2.92 9.75 14.05
C MET A 139 2.72 8.30 14.50
N VAL A 140 3.76 7.73 15.11
CA VAL A 140 3.70 6.34 15.55
C VAL A 140 2.72 6.16 16.72
N GLN A 141 2.54 7.20 17.52
CA GLN A 141 1.64 7.13 18.66
C GLN A 141 0.20 7.44 18.26
N GLU A 142 0.05 8.36 17.31
CA GLU A 142 -1.28 8.72 16.85
C GLU A 142 -1.88 7.61 16.00
N ALA A 143 -1.03 6.72 15.49
CA ALA A 143 -1.45 5.59 14.67
C ALA A 143 -2.51 4.76 15.40
N GLU A 144 -2.21 4.35 16.62
CA GLU A 144 -3.12 3.56 17.42
C GLU A 144 -4.18 4.45 18.08
N LYS A 145 -3.87 5.74 18.17
CA LYS A 145 -4.77 6.70 18.80
C LYS A 145 -6.05 6.89 17.97
N TYR A 146 -5.90 6.93 16.64
CA TYR A 146 -7.05 7.14 15.75
C TYR A 146 -7.94 5.90 15.62
N LYS A 147 -7.61 4.83 16.34
CA LYS A 147 -8.40 3.60 16.26
C LYS A 147 -9.83 3.82 16.74
N ALA A 148 -10.01 4.78 17.63
CA ALA A 148 -11.33 5.11 18.14
C ALA A 148 -12.23 5.61 17.01
N GLU A 149 -11.63 6.33 16.08
CA GLU A 149 -12.34 6.85 14.91
C GLU A 149 -12.37 5.80 13.82
N ASP A 150 -11.35 4.96 13.80
CA ASP A 150 -11.21 3.91 12.81
C ASP A 150 -12.35 2.91 12.90
N GLU A 151 -12.71 2.55 14.13
CA GLU A 151 -13.76 1.56 14.39
C GLU A 151 -15.11 1.95 13.79
N VAL A 152 -15.33 3.24 13.53
CA VAL A 152 -16.61 3.66 12.99
C VAL A 152 -16.57 3.84 11.46
N GLN A 153 -15.38 4.09 10.91
CA GLN A 153 -15.26 4.27 9.46
C GLN A 153 -14.87 3.00 8.71
N ARG A 154 -14.55 1.94 9.44
CA ARG A 154 -14.15 0.67 8.83
C ARG A 154 -15.29 0.04 8.02
N GLU A 155 -16.48 0.03 8.60
CA GLU A 155 -17.63 -0.55 7.94
C GLU A 155 -18.10 0.37 6.81
N ARG A 156 -17.73 1.64 6.91
CA ARG A 156 -18.10 2.63 5.90
C ARG A 156 -17.32 2.41 4.61
N VAL A 157 -16.05 2.03 4.73
CA VAL A 157 -15.22 1.80 3.55
C VAL A 157 -15.63 0.52 2.85
N SER A 158 -16.21 -0.42 3.60
CA SER A 158 -16.71 -1.66 3.05
C SER A 158 -17.89 -1.37 2.11
N ALA A 159 -18.80 -0.51 2.58
CA ALA A 159 -19.96 -0.13 1.79
C ALA A 159 -19.55 0.79 0.64
N LYS A 160 -18.41 1.45 0.80
CA LYS A 160 -17.85 2.31 -0.22
C LYS A 160 -17.50 1.47 -1.45
N ASN A 161 -16.97 0.28 -1.19
CA ASN A 161 -16.62 -0.66 -2.26
C ASN A 161 -17.87 -1.11 -3.01
N ALA A 162 -18.93 -1.33 -2.25
CA ALA A 162 -20.20 -1.74 -2.85
C ALA A 162 -20.75 -0.66 -3.75
N TYR A 163 -20.65 0.58 -3.31
CA TYR A 163 -21.12 1.72 -4.08
C TYR A 163 -20.20 2.00 -5.26
N GLU A 164 -18.93 1.65 -5.12
CA GLU A 164 -17.96 1.86 -6.18
C GLU A 164 -18.31 1.03 -7.40
N SER A 165 -18.90 -0.14 -7.17
CA SER A 165 -19.30 -1.02 -8.25
C SER A 165 -20.72 -0.70 -8.73
N TYR A 166 -21.30 0.35 -8.19
CA TYR A 166 -22.64 0.77 -8.58
C TYR A 166 -22.56 1.60 -9.85
N ALA A 167 -23.15 1.09 -10.91
CA ALA A 167 -23.13 1.77 -12.19
C ALA A 167 -24.05 2.98 -12.19
N PHE A 168 -23.45 4.15 -12.11
CA PHE A 168 -24.21 5.38 -12.12
C PHE A 168 -24.13 6.05 -13.48
N ASN A 169 -23.16 5.62 -14.28
CA ASN A 169 -22.99 6.15 -15.62
C ASN A 169 -23.88 5.42 -16.61
N MET A 170 -24.99 6.02 -16.93
CA MET A 170 -25.93 5.44 -17.87
C MET A 170 -25.71 6.01 -19.26
N LYS A 171 -25.11 5.23 -20.13
CA LYS A 171 -24.83 5.68 -21.49
C LYS A 171 -24.77 4.49 -22.44
N SER A 172 -25.04 4.76 -23.70
CA SER A 172 -24.99 3.73 -24.72
C SER A 172 -23.83 3.98 -25.68
N ALA A 173 -23.13 2.92 -26.04
CA ALA A 173 -22.02 3.03 -26.96
C ALA A 173 -22.53 3.26 -28.37
N VAL A 174 -22.16 4.39 -28.95
CA VAL A 174 -22.61 4.75 -30.28
C VAL A 174 -21.63 4.24 -31.33
N GLU A 175 -22.14 3.55 -32.33
CA GLU A 175 -21.33 3.02 -33.39
C GLU A 175 -21.51 3.88 -34.65
N ASP A 176 -20.55 3.83 -35.54
CA ASP A 176 -20.63 4.59 -36.78
C ASP A 176 -21.17 3.73 -37.92
N GLU A 177 -22.32 4.12 -38.45
CA GLU A 177 -22.93 3.42 -39.56
C GLU A 177 -22.18 3.71 -40.85
N GLY A 178 -21.47 2.72 -41.35
CA GLY A 178 -20.66 2.92 -42.54
C GLY A 178 -21.43 2.74 -43.84
N LEU A 179 -22.43 3.58 -44.07
CA LEU A 179 -23.19 3.52 -45.31
C LEU A 179 -22.40 4.15 -46.45
N LYS A 180 -22.46 3.53 -47.61
CA LYS A 180 -21.73 4.02 -48.77
C LYS A 180 -22.49 5.16 -49.45
N GLY A 181 -21.78 5.95 -50.24
CA GLY A 181 -22.39 7.05 -50.93
C GLY A 181 -23.09 6.62 -52.21
N LYS A 182 -23.72 7.56 -52.88
CA LYS A 182 -24.42 7.26 -54.10
C LYS A 182 -23.63 7.75 -55.31
N ILE A 183 -23.20 6.81 -56.13
CA ILE A 183 -22.43 7.13 -57.32
C ILE A 183 -23.12 6.59 -58.55
N SER A 184 -23.63 7.49 -59.37
CA SER A 184 -24.33 7.10 -60.58
C SER A 184 -23.34 6.80 -61.71
N GLU A 185 -22.90 5.55 -61.78
CA GLU A 185 -21.94 5.08 -62.80
C GLU A 185 -20.62 5.86 -62.71
N HIS A 1 19.37 -2.60 -18.53
CA HIS A 1 20.41 -1.55 -18.64
C HIS A 1 21.51 -1.97 -19.61
N MET A 2 22.17 -3.09 -19.31
CA MET A 2 23.26 -3.62 -20.15
C MET A 2 24.41 -2.64 -20.26
N GLY A 3 24.60 -1.85 -19.21
CA GLY A 3 25.65 -0.87 -19.20
C GLY A 3 26.76 -1.26 -18.26
N ASP A 4 27.79 -0.45 -18.20
CA ASP A 4 28.92 -0.71 -17.32
C ASP A 4 28.84 0.19 -16.11
N LYS A 5 28.53 -0.41 -14.97
CA LYS A 5 28.42 0.36 -13.74
C LYS A 5 29.79 0.66 -13.18
N SER A 6 30.31 1.82 -13.51
CA SER A 6 31.59 2.26 -13.05
C SER A 6 31.44 3.09 -11.78
N GLU A 7 32.56 3.61 -11.27
CA GLU A 7 32.52 4.45 -10.10
C GLU A 7 31.70 5.71 -10.37
N ASN A 8 30.58 5.80 -9.68
CA ASN A 8 29.66 6.91 -9.86
C ASN A 8 29.66 7.80 -8.63
N VAL A 9 28.58 8.58 -8.46
CA VAL A 9 28.46 9.50 -7.33
C VAL A 9 28.86 8.87 -6.01
N GLN A 10 29.75 9.52 -5.31
CA GLN A 10 30.24 9.04 -4.03
C GLN A 10 29.35 9.51 -2.90
N ASP A 11 28.45 10.44 -3.21
CA ASP A 11 27.50 10.92 -2.22
C ASP A 11 26.39 9.90 -2.05
N LEU A 12 25.88 9.78 -0.85
CA LEU A 12 24.87 8.79 -0.57
C LEU A 12 23.70 9.37 0.22
N LEU A 13 22.64 8.61 0.31
CA LEU A 13 21.47 9.00 1.07
C LEU A 13 21.63 8.53 2.51
N LEU A 14 21.06 9.27 3.44
CA LEU A 14 21.13 8.88 4.83
C LEU A 14 19.88 8.12 5.24
N LEU A 15 20.05 6.86 5.57
CA LEU A 15 18.94 6.03 5.98
C LEU A 15 19.29 5.23 7.22
N ASP A 16 18.29 4.67 7.85
CA ASP A 16 18.49 3.87 9.04
C ASP A 16 17.39 2.84 9.15
N VAL A 17 16.20 3.28 9.51
CA VAL A 17 15.06 2.42 9.61
C VAL A 17 13.83 3.14 9.06
N ALA A 18 12.83 2.37 8.65
CA ALA A 18 11.59 2.95 8.12
C ALA A 18 10.81 3.66 9.22
N PRO A 19 10.56 4.98 9.05
CA PRO A 19 9.82 5.77 10.04
C PRO A 19 8.44 5.19 10.32
N LEU A 20 7.62 5.11 9.28
CA LEU A 20 6.29 4.56 9.39
C LEU A 20 6.16 3.34 8.49
N SER A 21 5.08 2.62 8.64
CA SER A 21 4.83 1.48 7.80
C SER A 21 4.27 1.93 6.45
N LEU A 22 4.81 1.37 5.37
CA LEU A 22 4.36 1.73 4.03
C LEU A 22 3.39 0.67 3.51
N GLY A 23 2.40 1.11 2.76
CA GLY A 23 1.43 0.17 2.26
C GLY A 23 0.83 0.56 0.94
N LEU A 24 -0.28 -0.07 0.61
CA LEU A 24 -0.96 0.17 -0.64
C LEU A 24 -2.47 0.24 -0.38
N GLU A 25 -3.23 0.59 -1.41
CA GLU A 25 -4.66 0.74 -1.30
C GLU A 25 -5.34 -0.58 -1.70
N THR A 26 -6.44 -0.88 -1.04
CA THR A 26 -7.14 -2.13 -1.28
C THR A 26 -8.61 -1.87 -1.66
N ALA A 27 -9.41 -2.93 -1.64
CA ALA A 27 -10.82 -2.85 -1.98
C ALA A 27 -11.56 -1.94 -1.04
N GLY A 28 -12.37 -1.07 -1.60
CA GLY A 28 -13.13 -0.14 -0.80
C GLY A 28 -12.35 1.12 -0.49
N GLY A 29 -11.26 0.95 0.21
CA GLY A 29 -10.44 2.06 0.59
C GLY A 29 -9.82 1.88 1.94
N VAL A 30 -8.91 0.93 2.04
CA VAL A 30 -8.27 0.60 3.29
C VAL A 30 -6.76 0.54 3.11
N MET A 31 -6.05 1.35 3.88
CA MET A 31 -4.61 1.37 3.85
C MET A 31 -4.05 0.10 4.50
N THR A 32 -3.43 -0.74 3.70
CA THR A 32 -2.84 -1.96 4.18
C THR A 32 -1.32 -1.87 4.10
N ALA A 33 -0.67 -1.83 5.26
CA ALA A 33 0.77 -1.70 5.33
C ALA A 33 1.47 -3.02 5.05
N LEU A 34 2.14 -3.09 3.92
CA LEU A 34 2.86 -4.28 3.53
C LEU A 34 4.31 -4.22 4.00
N ILE A 35 4.80 -3.00 4.19
CA ILE A 35 6.13 -2.77 4.73
C ILE A 35 5.98 -2.32 6.17
N LYS A 36 6.56 -3.05 7.08
CA LYS A 36 6.43 -2.73 8.48
C LYS A 36 7.42 -1.66 8.91
N ARG A 37 6.98 -0.83 9.86
CA ARG A 37 7.81 0.24 10.39
C ARG A 37 9.10 -0.33 10.97
N ASN A 38 10.17 0.43 10.82
CA ASN A 38 11.50 0.06 11.30
C ASN A 38 12.04 -1.20 10.64
N SER A 39 11.35 -1.68 9.62
CA SER A 39 11.77 -2.88 8.92
C SER A 39 12.13 -2.53 7.48
N THR A 40 13.33 -2.00 7.29
CA THR A 40 13.79 -1.59 5.98
C THR A 40 14.68 -2.65 5.34
N ILE A 41 15.76 -2.98 6.02
CA ILE A 41 16.70 -3.97 5.51
C ILE A 41 17.14 -4.91 6.61
N PRO A 42 17.44 -6.17 6.27
CA PRO A 42 17.31 -6.68 4.91
C PRO A 42 15.96 -7.37 4.68
N THR A 43 15.17 -6.83 3.77
CA THR A 43 13.88 -7.42 3.46
C THR A 43 13.36 -6.92 2.12
N LYS A 44 12.52 -7.72 1.50
CA LYS A 44 11.91 -7.40 0.23
C LYS A 44 10.46 -7.87 0.23
N GLN A 45 9.54 -6.94 0.21
CA GLN A 45 8.13 -7.26 0.29
C GLN A 45 7.52 -7.40 -1.09
N THR A 46 6.79 -8.49 -1.30
CA THR A 46 6.13 -8.71 -2.57
C THR A 46 4.80 -9.43 -2.37
N GLN A 47 3.71 -8.73 -2.64
CA GLN A 47 2.37 -9.28 -2.47
C GLN A 47 1.43 -8.74 -3.53
N ILE A 48 0.24 -9.32 -3.61
CA ILE A 48 -0.74 -8.88 -4.57
C ILE A 48 -1.90 -8.19 -3.87
N PHE A 49 -2.20 -6.99 -4.31
CA PHE A 49 -3.27 -6.22 -3.73
C PHE A 49 -4.22 -5.73 -4.80
N THR A 50 -5.46 -5.52 -4.44
CA THR A 50 -6.46 -5.07 -5.37
C THR A 50 -7.43 -4.14 -4.70
N THR A 51 -7.83 -3.11 -5.42
CA THR A 51 -8.83 -2.20 -4.92
C THR A 51 -10.20 -2.66 -5.39
N TYR A 52 -11.23 -1.86 -5.19
CA TYR A 52 -12.57 -2.26 -5.57
C TYR A 52 -12.74 -2.24 -7.09
N SER A 53 -12.42 -1.11 -7.71
CA SER A 53 -12.48 -1.02 -9.16
C SER A 53 -11.45 -0.03 -9.68
N ASP A 54 -11.01 -0.22 -10.91
CA ASP A 54 -10.07 0.70 -11.52
C ASP A 54 -10.79 1.69 -12.45
N ASN A 55 -11.58 1.16 -13.39
CA ASN A 55 -12.37 1.97 -14.35
C ASN A 55 -11.47 2.75 -15.31
N GLN A 56 -10.18 2.49 -15.25
CA GLN A 56 -9.22 3.20 -16.06
C GLN A 56 -8.39 2.21 -16.89
N PRO A 57 -7.81 2.68 -18.02
CA PRO A 57 -6.93 1.84 -18.86
C PRO A 57 -5.57 1.58 -18.19
N GLY A 58 -5.59 1.57 -16.87
CA GLY A 58 -4.39 1.37 -16.09
C GLY A 58 -4.73 0.73 -14.77
N VAL A 59 -4.35 1.37 -13.66
CA VAL A 59 -4.61 0.83 -12.33
C VAL A 59 -4.11 1.81 -11.24
N LEU A 60 -4.63 1.67 -10.03
CA LEU A 60 -4.28 2.55 -8.93
C LEU A 60 -3.11 2.00 -8.12
N ILE A 61 -1.90 2.43 -8.46
CA ILE A 61 -0.73 2.02 -7.71
C ILE A 61 -0.11 3.24 -7.06
N GLN A 62 -0.48 3.47 -5.82
CA GLN A 62 0.01 4.61 -5.09
C GLN A 62 0.72 4.18 -3.80
N VAL A 63 1.95 4.63 -3.65
CA VAL A 63 2.72 4.33 -2.47
C VAL A 63 2.69 5.54 -1.56
N TYR A 64 2.27 5.33 -0.32
CA TYR A 64 2.15 6.41 0.63
C TYR A 64 2.66 6.02 2.01
N GLU A 65 3.00 7.01 2.80
CA GLU A 65 3.53 6.81 4.14
C GLU A 65 2.51 7.21 5.19
N GLY A 66 2.46 6.47 6.27
CA GLY A 66 1.56 6.78 7.35
C GLY A 66 0.68 5.61 7.69
N GLU A 67 0.29 5.53 8.94
CA GLU A 67 -0.57 4.45 9.37
C GLU A 67 -1.92 4.99 9.80
N ARG A 68 -2.96 4.43 9.21
CA ARG A 68 -4.33 4.84 9.43
C ARG A 68 -5.21 3.97 8.56
N ALA A 69 -6.48 3.85 8.87
CA ALA A 69 -7.38 3.07 8.03
C ALA A 69 -7.69 3.82 6.75
N MET A 70 -7.80 5.14 6.88
CA MET A 70 -8.08 6.02 5.75
C MET A 70 -6.78 6.38 5.02
N THR A 71 -6.77 6.17 3.71
CA THR A 71 -5.62 6.50 2.88
C THR A 71 -5.44 8.03 2.80
N LYS A 72 -6.55 8.75 2.88
CA LYS A 72 -6.55 10.22 2.79
C LYS A 72 -5.88 10.87 4.00
N ASP A 73 -5.59 10.08 5.03
CA ASP A 73 -4.95 10.58 6.24
C ASP A 73 -3.43 10.44 6.16
N ASN A 74 -2.97 9.77 5.11
CA ASN A 74 -1.54 9.51 4.95
C ASN A 74 -0.96 10.40 3.85
N ASN A 75 0.36 10.49 3.82
CA ASN A 75 1.03 11.33 2.83
C ASN A 75 1.50 10.49 1.64
N LEU A 76 1.23 10.99 0.44
CA LEU A 76 1.56 10.27 -0.78
C LEU A 76 3.02 10.46 -1.17
N LEU A 77 3.67 9.37 -1.58
CA LEU A 77 5.06 9.41 -2.00
C LEU A 77 5.13 9.36 -3.52
N GLY A 78 4.37 8.46 -4.11
CA GLY A 78 4.37 8.31 -5.56
C GLY A 78 3.21 7.46 -6.05
N ARG A 79 2.72 7.77 -7.25
CA ARG A 79 1.63 7.01 -7.83
C ARG A 79 1.86 6.82 -9.33
N PHE A 80 1.74 5.58 -9.76
CA PHE A 80 1.94 5.21 -11.16
C PHE A 80 0.97 4.12 -11.56
N GLU A 81 1.00 3.71 -12.83
CA GLU A 81 0.05 2.72 -13.31
C GLU A 81 0.63 1.89 -14.44
N LEU A 82 0.03 0.73 -14.67
CA LEU A 82 0.34 -0.09 -15.81
C LEU A 82 -0.72 0.19 -16.85
N SER A 83 -0.42 1.05 -17.79
CA SER A 83 -1.40 1.50 -18.75
C SER A 83 -1.35 0.69 -20.03
N GLY A 84 -2.52 0.53 -20.65
CA GLY A 84 -2.62 -0.21 -21.88
C GLY A 84 -3.45 -1.46 -21.71
N ILE A 85 -4.17 -1.54 -20.61
CA ILE A 85 -5.01 -2.69 -20.32
C ILE A 85 -6.48 -2.29 -20.24
N PRO A 86 -7.40 -3.22 -20.54
CA PRO A 86 -8.85 -2.97 -20.47
C PRO A 86 -9.34 -2.94 -19.03
N PRO A 87 -9.96 -1.82 -18.62
CA PRO A 87 -10.48 -1.64 -17.25
C PRO A 87 -11.60 -2.62 -16.92
N ALA A 88 -11.46 -3.31 -15.81
CA ALA A 88 -12.48 -4.24 -15.38
C ALA A 88 -12.97 -3.89 -13.99
N PRO A 89 -14.26 -4.13 -13.70
CA PRO A 89 -14.83 -3.88 -12.38
C PRO A 89 -14.00 -4.54 -11.28
N ARG A 90 -13.90 -5.86 -11.34
CA ARG A 90 -13.14 -6.62 -10.37
C ARG A 90 -12.07 -7.46 -11.07
N GLY A 91 -10.94 -7.71 -10.41
CA GLY A 91 -9.91 -8.56 -10.99
C GLY A 91 -8.69 -7.80 -11.46
N VAL A 92 -8.87 -6.98 -12.50
CA VAL A 92 -7.77 -6.19 -13.08
C VAL A 92 -7.03 -5.32 -12.05
N PRO A 93 -7.75 -4.62 -11.12
CA PRO A 93 -7.11 -3.78 -10.09
C PRO A 93 -6.12 -4.55 -9.17
N GLN A 94 -5.99 -5.86 -9.37
CA GLN A 94 -5.05 -6.66 -8.60
C GLN A 94 -3.67 -6.62 -9.23
N ILE A 95 -2.76 -5.93 -8.58
CA ILE A 95 -1.40 -5.80 -9.06
C ILE A 95 -0.42 -6.43 -8.09
N GLU A 96 0.61 -7.04 -8.63
CA GLU A 96 1.64 -7.65 -7.83
C GLU A 96 2.75 -6.64 -7.57
N VAL A 97 2.81 -6.13 -6.37
CA VAL A 97 3.77 -5.11 -6.02
C VAL A 97 4.98 -5.69 -5.28
N THR A 98 6.13 -5.54 -5.89
CA THR A 98 7.36 -6.01 -5.31
C THR A 98 8.25 -4.82 -4.93
N PHE A 99 8.39 -4.59 -3.65
CA PHE A 99 9.19 -3.48 -3.13
C PHE A 99 10.59 -3.95 -2.81
N ASP A 100 11.55 -3.52 -3.61
CA ASP A 100 12.94 -3.86 -3.39
C ASP A 100 13.63 -2.75 -2.62
N ILE A 101 13.90 -2.99 -1.35
CA ILE A 101 14.55 -2.02 -0.51
C ILE A 101 16.06 -2.25 -0.56
N ASP A 102 16.76 -1.36 -1.22
CA ASP A 102 18.20 -1.49 -1.37
C ASP A 102 18.92 -0.74 -0.26
N ALA A 103 20.08 -1.26 0.13
CA ALA A 103 20.91 -0.64 1.16
C ALA A 103 21.45 0.72 0.69
N ASN A 104 21.33 0.96 -0.61
CA ASN A 104 21.76 2.23 -1.20
C ASN A 104 20.84 3.37 -0.74
N GLY A 105 19.66 2.99 -0.25
CA GLY A 105 18.70 3.98 0.22
C GLY A 105 17.65 4.28 -0.83
N ILE A 106 17.66 3.50 -1.90
CA ILE A 106 16.73 3.69 -2.98
C ILE A 106 15.61 2.67 -2.90
N LEU A 107 14.38 3.15 -2.87
CA LEU A 107 13.22 2.28 -2.84
C LEU A 107 12.82 1.95 -4.28
N ASN A 108 13.08 0.72 -4.68
CA ASN A 108 12.75 0.28 -6.02
C ASN A 108 11.47 -0.51 -6.02
N VAL A 109 10.37 0.15 -6.34
CA VAL A 109 9.09 -0.52 -6.38
C VAL A 109 8.81 -1.07 -7.77
N THR A 110 8.66 -2.37 -7.85
CA THR A 110 8.39 -3.04 -9.09
C THR A 110 6.95 -3.55 -9.11
N ALA A 111 6.09 -2.84 -9.79
CA ALA A 111 4.69 -3.24 -9.89
C ALA A 111 4.48 -4.05 -11.15
N THR A 112 4.12 -5.29 -10.98
CA THR A 112 3.91 -6.18 -12.09
C THR A 112 2.44 -6.49 -12.26
N ASP A 113 1.92 -6.27 -13.46
CA ASP A 113 0.54 -6.60 -13.76
C ASP A 113 0.38 -8.11 -13.81
N LYS A 114 -0.75 -8.59 -13.35
CA LYS A 114 -0.98 -10.01 -13.34
C LYS A 114 -1.64 -10.48 -14.63
N SER A 115 -2.23 -9.56 -15.37
CA SER A 115 -2.85 -9.89 -16.64
C SER A 115 -1.78 -10.12 -17.70
N THR A 116 -0.91 -9.14 -17.87
CA THR A 116 0.19 -9.24 -18.79
C THR A 116 1.51 -9.10 -18.01
N GLY A 117 2.55 -9.77 -18.47
CA GLY A 117 3.83 -9.77 -17.77
C GLY A 117 4.62 -8.48 -17.91
N LYS A 118 3.98 -7.35 -17.69
CA LYS A 118 4.65 -6.06 -17.75
C LYS A 118 4.83 -5.51 -16.34
N ALA A 119 5.96 -4.86 -16.11
CA ALA A 119 6.26 -4.31 -14.80
C ALA A 119 6.83 -2.91 -14.92
N ASN A 120 6.42 -2.03 -14.02
CA ASN A 120 6.90 -0.66 -14.01
C ASN A 120 7.68 -0.40 -12.72
N LYS A 121 8.80 0.29 -12.85
CA LYS A 121 9.64 0.59 -11.71
C LYS A 121 9.95 2.08 -11.62
N ILE A 122 9.84 2.61 -10.43
CA ILE A 122 10.15 4.00 -10.19
C ILE A 122 10.98 4.12 -8.92
N THR A 123 12.02 4.93 -8.97
CA THR A 123 12.89 5.10 -7.83
C THR A 123 12.31 6.12 -6.87
N ILE A 124 11.78 5.65 -5.76
CA ILE A 124 11.21 6.52 -4.77
C ILE A 124 12.26 6.95 -3.76
N THR A 125 12.56 8.24 -3.76
CA THR A 125 13.53 8.80 -2.83
C THR A 125 12.82 9.62 -1.78
N ASN A 126 13.29 9.56 -0.55
CA ASN A 126 12.69 10.30 0.54
C ASN A 126 13.34 11.66 0.69
N ASP A 127 12.54 12.64 1.07
CA ASP A 127 13.04 13.98 1.32
C ASP A 127 13.65 14.04 2.69
N LYS A 128 14.79 14.69 2.81
CA LYS A 128 15.46 14.83 4.09
C LYS A 128 14.64 15.70 5.02
N GLY A 129 13.81 15.07 5.82
CA GLY A 129 12.93 15.78 6.69
C GLY A 129 13.59 16.23 7.96
N ARG A 130 13.12 17.34 8.50
CA ARG A 130 13.66 17.89 9.74
C ARG A 130 12.95 17.26 10.93
N LEU A 131 11.95 16.44 10.63
CA LEU A 131 11.13 15.78 11.64
C LEU A 131 11.98 14.86 12.51
N SER A 132 11.95 15.12 13.81
CA SER A 132 12.68 14.31 14.78
C SER A 132 12.01 12.94 14.92
N LYS A 133 12.68 12.02 15.61
CA LYS A 133 12.15 10.67 15.77
C LYS A 133 10.83 10.67 16.55
N GLU A 134 10.62 11.66 17.39
CA GLU A 134 9.38 11.77 18.15
C GLU A 134 8.25 12.29 17.26
N GLU A 135 8.63 13.05 16.23
CA GLU A 135 7.65 13.66 15.34
C GLU A 135 7.12 12.66 14.32
N ILE A 136 7.96 11.71 13.92
CA ILE A 136 7.53 10.69 12.97
C ILE A 136 6.60 9.68 13.65
N GLU A 137 6.67 9.62 14.98
CA GLU A 137 5.85 8.71 15.77
C GLU A 137 4.38 9.18 15.80
N ARG A 138 4.15 10.41 15.34
CA ARG A 138 2.80 11.00 15.34
C ARG A 138 1.81 10.13 14.56
N MET A 139 2.27 9.56 13.47
CA MET A 139 1.40 8.77 12.60
C MET A 139 1.18 7.36 13.13
N VAL A 140 2.10 6.85 13.94
CA VAL A 140 1.97 5.48 14.44
C VAL A 140 1.42 5.41 15.87
N GLN A 141 1.92 6.27 16.76
CA GLN A 141 1.48 6.25 18.15
C GLN A 141 0.03 6.66 18.27
N GLU A 142 -0.34 7.73 17.59
CA GLU A 142 -1.71 8.21 17.63
C GLU A 142 -2.63 7.30 16.82
N ALA A 143 -2.03 6.44 16.00
CA ALA A 143 -2.79 5.48 15.25
C ALA A 143 -3.38 4.44 16.19
N GLU A 144 -2.70 4.20 17.29
CA GLU A 144 -3.18 3.27 18.30
C GLU A 144 -4.11 4.00 19.28
N LYS A 145 -4.15 5.31 19.15
CA LYS A 145 -4.97 6.15 20.01
C LYS A 145 -6.37 6.28 19.42
N TYR A 146 -6.45 6.33 18.10
CA TYR A 146 -7.73 6.49 17.41
C TYR A 146 -8.05 5.25 16.57
N LYS A 147 -7.35 4.15 16.87
CA LYS A 147 -7.48 2.88 16.11
C LYS A 147 -8.92 2.37 16.02
N ALA A 148 -9.71 2.63 17.04
CA ALA A 148 -11.07 2.13 17.07
C ALA A 148 -12.05 3.12 16.47
N GLU A 149 -11.57 4.31 16.16
CA GLU A 149 -12.43 5.35 15.65
C GLU A 149 -12.39 5.45 14.14
N ASP A 150 -11.26 5.13 13.54
CA ASP A 150 -11.13 5.23 12.09
C ASP A 150 -11.32 3.90 11.39
N GLU A 151 -10.82 2.83 12.00
CA GLU A 151 -10.87 1.48 11.40
C GLU A 151 -12.31 1.01 11.17
N VAL A 152 -13.27 1.67 11.79
CA VAL A 152 -14.67 1.31 11.61
C VAL A 152 -15.14 1.50 10.15
N GLN A 153 -14.30 2.16 9.35
CA GLN A 153 -14.63 2.41 7.95
C GLN A 153 -14.49 1.15 7.10
N ARG A 154 -13.93 0.08 7.68
CA ARG A 154 -13.74 -1.20 6.96
C ARG A 154 -15.04 -1.67 6.31
N GLU A 155 -16.11 -1.63 7.08
CA GLU A 155 -17.41 -2.08 6.60
C GLU A 155 -18.01 -1.05 5.63
N ARG A 156 -17.72 0.22 5.87
CA ARG A 156 -18.28 1.31 5.08
C ARG A 156 -17.68 1.35 3.68
N VAL A 157 -16.36 1.22 3.60
CA VAL A 157 -15.68 1.27 2.31
C VAL A 157 -16.04 0.05 1.45
N SER A 158 -16.49 -1.01 2.10
CA SER A 158 -16.89 -2.21 1.40
C SER A 158 -18.19 -1.96 0.62
N ALA A 159 -18.90 -0.89 0.99
CA ALA A 159 -20.14 -0.53 0.33
C ALA A 159 -19.87 0.09 -1.04
N LYS A 160 -18.60 0.39 -1.33
CA LYS A 160 -18.21 0.93 -2.63
C LYS A 160 -18.59 -0.05 -3.73
N ASN A 161 -18.51 -1.33 -3.40
CA ASN A 161 -18.86 -2.40 -4.31
C ASN A 161 -20.33 -2.33 -4.65
N ALA A 162 -21.14 -1.94 -3.66
CA ALA A 162 -22.58 -1.84 -3.83
C ALA A 162 -22.94 -0.61 -4.66
N TYR A 163 -22.25 0.50 -4.40
CA TYR A 163 -22.51 1.75 -5.11
C TYR A 163 -22.26 1.60 -6.60
N GLU A 164 -21.18 0.90 -6.95
CA GLU A 164 -20.85 0.69 -8.35
C GLU A 164 -21.72 -0.41 -8.96
N SER A 165 -22.18 -1.32 -8.11
CA SER A 165 -23.06 -2.41 -8.54
C SER A 165 -24.36 -1.84 -9.09
N TYR A 166 -24.80 -0.74 -8.48
CA TYR A 166 -26.00 -0.05 -8.91
C TYR A 166 -25.74 0.58 -10.28
N ALA A 167 -26.40 0.05 -11.28
CA ALA A 167 -26.19 0.51 -12.64
C ALA A 167 -27.28 1.46 -13.10
N PHE A 168 -27.07 2.08 -14.22
CA PHE A 168 -28.03 2.99 -14.81
C PHE A 168 -28.82 2.26 -15.89
N ASN A 169 -30.06 2.68 -16.11
CA ASN A 169 -30.92 2.04 -17.10
C ASN A 169 -30.31 2.11 -18.50
N MET A 170 -30.59 1.10 -19.30
CA MET A 170 -30.07 1.05 -20.68
C MET A 170 -31.21 0.87 -21.67
N LYS A 171 -32.44 0.91 -21.17
CA LYS A 171 -33.61 0.77 -22.01
C LYS A 171 -33.83 2.05 -22.81
N SER A 172 -33.87 1.90 -24.13
CA SER A 172 -34.07 3.03 -25.01
C SER A 172 -35.55 3.32 -25.19
N ALA A 173 -35.86 4.51 -25.69
CA ALA A 173 -37.24 4.89 -25.94
C ALA A 173 -37.74 4.22 -27.20
N VAL A 174 -38.92 3.66 -27.14
CA VAL A 174 -39.50 2.97 -28.28
C VAL A 174 -40.45 3.88 -29.05
N GLU A 175 -40.21 3.98 -30.34
CA GLU A 175 -41.05 4.79 -31.20
C GLU A 175 -42.15 3.94 -31.82
N ASP A 176 -43.34 4.51 -31.90
CA ASP A 176 -44.50 3.82 -32.47
C ASP A 176 -44.77 4.31 -33.87
N GLU A 177 -44.28 5.52 -34.16
CA GLU A 177 -44.45 6.11 -35.47
C GLU A 177 -43.67 5.35 -36.52
N GLY A 178 -44.38 4.62 -37.35
CA GLY A 178 -43.75 3.86 -38.40
C GLY A 178 -44.75 3.04 -39.16
N LEU A 179 -45.92 3.62 -39.41
CA LEU A 179 -46.97 2.93 -40.13
C LEU A 179 -47.02 3.43 -41.57
N LYS A 180 -46.85 2.53 -42.49
CA LYS A 180 -46.91 2.85 -43.90
C LYS A 180 -48.11 2.18 -44.52
N GLY A 181 -48.87 2.93 -45.30
CA GLY A 181 -50.05 2.39 -45.92
C GLY A 181 -49.75 1.85 -47.30
N LYS A 182 -50.79 1.69 -48.09
CA LYS A 182 -50.64 1.21 -49.44
C LYS A 182 -50.19 2.34 -50.35
N ILE A 183 -48.97 2.25 -50.81
CA ILE A 183 -48.40 3.29 -51.64
C ILE A 183 -48.39 2.87 -53.10
N SER A 184 -48.44 3.86 -53.97
CA SER A 184 -48.43 3.62 -55.40
C SER A 184 -46.98 3.44 -55.89
N GLU A 185 -46.81 3.10 -57.15
CA GLU A 185 -45.49 2.91 -57.70
C GLU A 185 -44.91 4.25 -58.09
N HIS A 1 37.87 -21.67 2.46
CA HIS A 1 36.65 -20.83 2.48
C HIS A 1 37.02 -19.36 2.67
N MET A 2 36.53 -18.51 1.77
CA MET A 2 36.80 -17.09 1.86
C MET A 2 35.54 -16.28 1.63
N GLY A 3 34.98 -15.75 2.70
CA GLY A 3 33.81 -14.92 2.60
C GLY A 3 34.09 -13.54 3.14
N ASP A 4 35.32 -13.11 2.97
CA ASP A 4 35.77 -11.83 3.50
C ASP A 4 35.74 -10.75 2.45
N LYS A 5 34.61 -10.10 2.30
CA LYS A 5 34.49 -8.99 1.38
C LYS A 5 34.28 -7.71 2.15
N SER A 6 35.35 -7.19 2.70
CA SER A 6 35.30 -5.97 3.47
C SER A 6 35.29 -4.76 2.55
N GLU A 7 34.11 -4.25 2.28
CA GLU A 7 33.94 -3.10 1.42
C GLU A 7 33.31 -1.96 2.19
N ASN A 8 33.99 -0.85 2.25
CA ASN A 8 33.46 0.30 2.96
C ASN A 8 32.70 1.18 2.00
N VAL A 9 31.40 1.05 2.00
CA VAL A 9 30.56 1.85 1.13
C VAL A 9 30.39 3.25 1.70
N GLN A 10 30.69 4.25 0.89
CA GLN A 10 30.59 5.62 1.32
C GLN A 10 29.60 6.38 0.45
N ASP A 11 28.36 6.36 0.85
CA ASP A 11 27.30 7.04 0.13
C ASP A 11 26.85 8.28 0.86
N LEU A 12 25.96 9.02 0.25
CA LEU A 12 25.47 10.27 0.83
C LEU A 12 24.26 10.05 1.71
N LEU A 13 23.39 9.13 1.29
CA LEU A 13 22.17 8.85 2.03
C LEU A 13 22.31 7.58 2.87
N LEU A 14 22.28 7.75 4.17
CA LEU A 14 22.35 6.64 5.10
C LEU A 14 21.04 6.55 5.85
N LEU A 15 20.52 5.35 5.97
CA LEU A 15 19.26 5.12 6.66
C LEU A 15 19.40 4.01 7.68
N ASP A 16 18.62 4.09 8.74
CA ASP A 16 18.67 3.08 9.78
C ASP A 16 17.48 2.15 9.64
N VAL A 17 16.40 2.48 10.30
CA VAL A 17 15.21 1.67 10.26
C VAL A 17 14.01 2.53 9.91
N ALA A 18 13.16 2.01 9.04
CA ALA A 18 11.95 2.72 8.68
C ALA A 18 11.01 2.77 9.87
N PRO A 19 10.63 3.96 10.31
CA PRO A 19 9.75 4.14 11.46
C PRO A 19 8.28 4.03 11.08
N LEU A 20 8.02 3.75 9.81
CA LEU A 20 6.66 3.65 9.31
C LEU A 20 6.55 2.49 8.34
N SER A 21 5.39 1.84 8.34
CA SER A 21 5.14 0.74 7.44
C SER A 21 4.67 1.28 6.08
N LEU A 22 4.97 0.53 5.03
CA LEU A 22 4.60 0.94 3.67
C LEU A 22 3.67 -0.09 3.04
N GLY A 23 2.82 0.34 2.13
CA GLY A 23 1.91 -0.58 1.49
C GLY A 23 1.02 0.09 0.47
N LEU A 24 0.04 -0.67 -0.03
CA LEU A 24 -0.91 -0.18 -1.03
C LEU A 24 -2.27 0.03 -0.40
N GLU A 25 -3.18 0.57 -1.17
CA GLU A 25 -4.53 0.78 -0.71
C GLU A 25 -5.44 -0.39 -1.14
N THR A 26 -6.37 -0.76 -0.27
CA THR A 26 -7.29 -1.83 -0.58
C THR A 26 -8.74 -1.36 -0.46
N ALA A 27 -9.68 -2.28 -0.64
CA ALA A 27 -11.10 -1.98 -0.58
C ALA A 27 -11.48 -1.33 0.75
N GLY A 28 -12.15 -0.19 0.67
CA GLY A 28 -12.57 0.51 1.85
C GLY A 28 -11.68 1.69 2.19
N GLY A 29 -10.58 1.81 1.45
CA GLY A 29 -9.65 2.90 1.68
C GLY A 29 -8.81 2.68 2.92
N VAL A 30 -8.86 1.46 3.43
CA VAL A 30 -8.12 1.09 4.62
C VAL A 30 -6.64 0.89 4.32
N MET A 31 -5.82 1.12 5.31
CA MET A 31 -4.38 1.01 5.14
C MET A 31 -3.95 -0.45 5.21
N THR A 32 -3.06 -0.83 4.33
CA THR A 32 -2.56 -2.19 4.27
C THR A 32 -1.03 -2.18 4.26
N ALA A 33 -0.44 -2.71 5.32
CA ALA A 33 1.01 -2.73 5.46
C ALA A 33 1.63 -3.94 4.78
N LEU A 34 2.40 -3.70 3.74
CA LEU A 34 3.12 -4.75 3.04
C LEU A 34 4.54 -4.81 3.54
N ILE A 35 5.14 -3.65 3.72
CA ILE A 35 6.47 -3.55 4.25
C ILE A 35 6.39 -3.15 5.70
N LYS A 36 6.79 -4.05 6.57
CA LYS A 36 6.75 -3.78 8.00
C LYS A 36 7.94 -2.92 8.40
N ARG A 37 7.71 -2.02 9.32
CA ARG A 37 8.74 -1.11 9.76
C ARG A 37 9.72 -1.77 10.73
N ASN A 38 10.63 -0.94 11.27
CA ASN A 38 11.68 -1.37 12.23
C ASN A 38 12.79 -2.16 11.52
N SER A 39 12.68 -2.27 10.20
CA SER A 39 13.68 -2.96 9.39
C SER A 39 13.63 -2.44 7.95
N THR A 40 14.75 -1.93 7.47
CA THR A 40 14.81 -1.38 6.13
C THR A 40 15.60 -2.29 5.20
N ILE A 41 16.86 -2.54 5.55
CA ILE A 41 17.73 -3.36 4.72
C ILE A 41 18.44 -4.40 5.57
N PRO A 42 18.82 -5.54 4.98
CA PRO A 42 18.54 -5.87 3.60
C PRO A 42 17.29 -6.74 3.45
N THR A 43 16.29 -6.24 2.75
CA THR A 43 15.07 -7.00 2.58
C THR A 43 14.29 -6.55 1.34
N LYS A 44 13.53 -7.46 0.78
CA LYS A 44 12.68 -7.19 -0.37
C LYS A 44 11.40 -7.99 -0.23
N GLN A 45 10.27 -7.33 -0.44
CA GLN A 45 8.99 -7.98 -0.21
C GLN A 45 8.07 -7.91 -1.42
N THR A 46 7.67 -9.07 -1.91
CA THR A 46 6.73 -9.17 -3.00
C THR A 46 5.38 -9.66 -2.47
N GLN A 47 4.35 -8.88 -2.68
CA GLN A 47 3.03 -9.25 -2.20
C GLN A 47 1.99 -9.06 -3.31
N ILE A 48 0.88 -9.76 -3.20
CA ILE A 48 -0.16 -9.71 -4.22
C ILE A 48 -1.41 -8.99 -3.70
N PHE A 49 -1.69 -7.82 -4.26
CA PHE A 49 -2.85 -7.02 -3.88
C PHE A 49 -3.45 -6.32 -5.09
N THR A 50 -4.54 -5.59 -4.88
CA THR A 50 -5.19 -4.88 -5.96
C THR A 50 -6.11 -3.79 -5.39
N THR A 51 -6.42 -2.81 -6.21
CA THR A 51 -7.28 -1.71 -5.82
C THR A 51 -8.74 -2.09 -6.04
N TYR A 52 -9.65 -1.46 -5.31
CA TYR A 52 -11.06 -1.76 -5.45
C TYR A 52 -11.66 -0.93 -6.57
N SER A 53 -11.51 0.37 -6.50
CA SER A 53 -12.01 1.24 -7.53
C SER A 53 -10.87 2.01 -8.17
N ASP A 54 -10.65 1.81 -9.45
CA ASP A 54 -9.59 2.52 -10.14
C ASP A 54 -10.16 3.49 -11.17
N ASN A 55 -10.98 2.93 -12.09
CA ASN A 55 -11.66 3.71 -13.15
C ASN A 55 -10.69 4.30 -14.17
N GLN A 56 -9.43 3.95 -14.08
CA GLN A 56 -8.44 4.45 -15.01
C GLN A 56 -8.06 3.37 -16.01
N PRO A 57 -7.50 3.75 -17.18
CA PRO A 57 -7.02 2.79 -18.16
C PRO A 57 -5.76 2.07 -17.66
N GLY A 58 -5.96 1.18 -16.72
CA GLY A 58 -4.88 0.44 -16.12
C GLY A 58 -5.08 0.38 -14.63
N VAL A 59 -4.00 0.54 -13.87
CA VAL A 59 -4.08 0.57 -12.43
C VAL A 59 -3.21 1.67 -11.87
N LEU A 60 -3.76 2.41 -10.91
CA LEU A 60 -3.02 3.50 -10.28
C LEU A 60 -2.67 3.09 -8.85
N ILE A 61 -1.38 3.04 -8.57
CA ILE A 61 -0.91 2.65 -7.25
C ILE A 61 -0.23 3.82 -6.55
N GLN A 62 -0.63 4.07 -5.31
CA GLN A 62 -0.06 5.15 -4.53
C GLN A 62 0.71 4.61 -3.34
N VAL A 63 2.03 4.68 -3.42
CA VAL A 63 2.87 4.20 -2.34
C VAL A 63 2.97 5.27 -1.26
N TYR A 64 2.23 5.05 -0.19
CA TYR A 64 2.21 5.99 0.91
C TYR A 64 3.15 5.54 2.03
N GLU A 65 3.41 6.45 2.94
CA GLU A 65 4.29 6.19 4.05
C GLU A 65 3.54 6.37 5.36
N GLY A 66 3.47 5.30 6.14
CA GLY A 66 2.81 5.37 7.41
C GLY A 66 1.67 4.39 7.50
N GLU A 67 1.13 4.24 8.68
CA GLU A 67 0.02 3.37 8.92
C GLU A 67 -1.05 4.08 9.73
N ARG A 68 -2.29 3.88 9.33
CA ARG A 68 -3.42 4.56 9.95
C ARG A 68 -4.71 3.81 9.63
N ALA A 69 -5.84 4.43 9.95
CA ALA A 69 -7.13 3.82 9.68
C ALA A 69 -7.40 3.80 8.18
N MET A 70 -7.06 4.89 7.51
CA MET A 70 -7.21 4.99 6.07
C MET A 70 -5.89 5.36 5.42
N THR A 71 -5.77 5.07 4.15
CA THR A 71 -4.56 5.34 3.40
C THR A 71 -4.34 6.84 3.22
N LYS A 72 -5.45 7.56 3.06
CA LYS A 72 -5.42 8.99 2.82
C LYS A 72 -5.07 9.81 4.07
N ASP A 73 -4.74 9.14 5.15
CA ASP A 73 -4.34 9.82 6.37
C ASP A 73 -2.85 10.02 6.41
N ASN A 74 -2.15 9.17 5.67
CA ASN A 74 -0.70 9.18 5.65
C ASN A 74 -0.18 10.08 4.54
N ASN A 75 1.13 10.17 4.43
CA ASN A 75 1.75 10.99 3.40
C ASN A 75 2.15 10.11 2.23
N LEU A 76 2.24 10.70 1.06
CA LEU A 76 2.57 9.96 -0.14
C LEU A 76 4.07 10.01 -0.43
N LEU A 77 4.61 8.90 -0.88
CA LEU A 77 6.00 8.83 -1.28
C LEU A 77 6.12 8.91 -2.78
N GLY A 78 5.29 8.15 -3.46
CA GLY A 78 5.29 8.15 -4.90
C GLY A 78 4.07 7.47 -5.45
N ARG A 79 3.75 7.79 -6.69
CA ARG A 79 2.59 7.19 -7.34
C ARG A 79 2.95 6.80 -8.76
N PHE A 80 2.39 5.70 -9.21
CA PHE A 80 2.67 5.21 -10.55
C PHE A 80 1.50 4.43 -11.09
N GLU A 81 1.53 4.13 -12.37
CA GLU A 81 0.47 3.40 -13.01
C GLU A 81 1.02 2.35 -13.96
N LEU A 82 0.25 1.31 -14.20
CA LEU A 82 0.63 0.27 -15.13
C LEU A 82 -0.43 0.18 -16.22
N SER A 83 -0.04 0.49 -17.43
CA SER A 83 -0.96 0.44 -18.55
C SER A 83 -0.77 -0.87 -19.33
N GLY A 84 -1.88 -1.40 -19.81
CA GLY A 84 -1.83 -2.66 -20.54
C GLY A 84 -3.14 -3.40 -20.44
N ILE A 85 -3.98 -2.98 -19.51
CA ILE A 85 -5.28 -3.59 -19.32
C ILE A 85 -6.37 -2.54 -19.56
N PRO A 86 -7.59 -2.99 -19.93
CA PRO A 86 -8.73 -2.08 -20.16
C PRO A 86 -9.11 -1.30 -18.89
N PRO A 87 -9.76 -0.14 -19.05
CA PRO A 87 -10.19 0.69 -17.92
C PRO A 87 -11.27 -0.02 -17.10
N ALA A 88 -10.88 -0.58 -15.98
CA ALA A 88 -11.80 -1.33 -15.15
C ALA A 88 -12.22 -0.52 -13.93
N PRO A 89 -13.51 -0.55 -13.59
CA PRO A 89 -14.02 0.12 -12.40
C PRO A 89 -13.48 -0.54 -11.15
N ARG A 90 -13.59 -1.86 -11.09
CA ARG A 90 -13.06 -2.62 -9.99
C ARG A 90 -11.86 -3.42 -10.44
N GLY A 91 -10.92 -3.65 -9.53
CA GLY A 91 -9.72 -4.38 -9.86
C GLY A 91 -10.02 -5.82 -10.21
N VAL A 92 -10.02 -6.13 -11.50
CA VAL A 92 -10.27 -7.49 -11.96
C VAL A 92 -9.08 -8.41 -11.63
N PRO A 93 -7.83 -8.04 -12.02
CA PRO A 93 -6.66 -8.83 -11.72
C PRO A 93 -5.94 -8.31 -10.47
N GLN A 94 -4.94 -9.03 -10.03
CA GLN A 94 -4.16 -8.60 -8.88
C GLN A 94 -2.75 -8.23 -9.33
N ILE A 95 -2.16 -7.27 -8.66
CA ILE A 95 -0.86 -6.78 -9.04
C ILE A 95 0.22 -7.36 -8.15
N GLU A 96 1.25 -7.89 -8.78
CA GLU A 96 2.39 -8.43 -8.08
C GLU A 96 3.40 -7.32 -7.81
N VAL A 97 3.40 -6.79 -6.61
CA VAL A 97 4.29 -5.70 -6.27
C VAL A 97 5.53 -6.19 -5.53
N THR A 98 6.66 -6.09 -6.21
CA THR A 98 7.93 -6.47 -5.63
C THR A 98 8.66 -5.24 -5.11
N PHE A 99 8.70 -5.10 -3.80
CA PHE A 99 9.40 -4.00 -3.18
C PHE A 99 10.84 -4.37 -2.93
N ASP A 100 11.71 -3.99 -3.83
CA ASP A 100 13.12 -4.28 -3.71
C ASP A 100 13.84 -3.07 -3.13
N ILE A 101 14.26 -3.18 -1.89
CA ILE A 101 14.91 -2.09 -1.22
C ILE A 101 16.42 -2.12 -1.43
N ASP A 102 16.95 -1.03 -1.95
CA ASP A 102 18.38 -0.90 -2.20
C ASP A 102 19.07 -0.29 -0.98
N ALA A 103 20.33 -0.63 -0.77
CA ALA A 103 21.09 -0.16 0.38
C ALA A 103 21.28 1.36 0.37
N ASN A 104 21.19 1.98 -0.80
CA ASN A 104 21.36 3.43 -0.91
C ASN A 104 20.07 4.16 -0.56
N GLY A 105 19.05 3.40 -0.15
CA GLY A 105 17.79 4.00 0.22
C GLY A 105 16.85 4.14 -0.94
N ILE A 106 17.09 3.37 -1.98
CA ILE A 106 16.27 3.41 -3.16
C ILE A 106 15.19 2.34 -3.08
N LEU A 107 13.95 2.77 -2.96
CA LEU A 107 12.83 1.85 -2.92
C LEU A 107 12.38 1.56 -4.34
N ASN A 108 12.66 0.35 -4.80
CA ASN A 108 12.29 -0.03 -6.15
C ASN A 108 11.04 -0.89 -6.12
N VAL A 109 9.90 -0.27 -6.33
CA VAL A 109 8.66 -1.00 -6.36
C VAL A 109 8.34 -1.48 -7.77
N THR A 110 8.52 -2.77 -8.00
CA THR A 110 8.27 -3.35 -9.29
C THR A 110 6.89 -3.99 -9.33
N ALA A 111 5.97 -3.35 -10.00
CA ALA A 111 4.61 -3.85 -10.11
C ALA A 111 4.41 -4.63 -11.39
N THR A 112 4.20 -5.92 -11.25
CA THR A 112 3.98 -6.78 -12.38
C THR A 112 2.54 -7.26 -12.41
N ASP A 113 1.81 -6.89 -13.45
CA ASP A 113 0.42 -7.29 -13.59
C ASP A 113 0.32 -8.76 -13.98
N LYS A 114 -0.75 -9.41 -13.56
CA LYS A 114 -0.96 -10.81 -13.86
C LYS A 114 -1.78 -10.97 -15.14
N SER A 115 -2.49 -9.93 -15.54
CA SER A 115 -3.30 -9.97 -16.75
C SER A 115 -2.41 -9.82 -17.99
N THR A 116 -1.65 -8.75 -18.02
CA THR A 116 -0.72 -8.50 -19.10
C THR A 116 0.71 -8.76 -18.62
N GLY A 117 1.62 -9.06 -19.53
CA GLY A 117 2.99 -9.37 -19.14
C GLY A 117 3.86 -8.14 -19.01
N LYS A 118 3.29 -7.07 -18.50
CA LYS A 118 4.02 -5.82 -18.34
C LYS A 118 4.34 -5.56 -16.87
N ALA A 119 5.47 -4.90 -16.64
CA ALA A 119 5.89 -4.57 -15.29
C ALA A 119 6.45 -3.16 -15.25
N ASN A 120 6.02 -2.39 -14.26
CA ASN A 120 6.49 -1.02 -14.10
C ASN A 120 7.14 -0.83 -12.75
N LYS A 121 8.21 -0.05 -12.72
CA LYS A 121 8.90 0.20 -11.48
C LYS A 121 9.32 1.67 -11.39
N ILE A 122 9.24 2.21 -10.21
CA ILE A 122 9.62 3.59 -9.98
C ILE A 122 10.52 3.69 -8.75
N THR A 123 11.53 4.51 -8.83
CA THR A 123 12.46 4.69 -7.74
C THR A 123 11.94 5.71 -6.75
N ILE A 124 11.62 5.26 -5.56
CA ILE A 124 11.09 6.12 -4.52
C ILE A 124 12.07 6.23 -3.35
N THR A 125 12.13 7.40 -2.75
CA THR A 125 12.99 7.63 -1.60
C THR A 125 12.21 8.30 -0.49
N ASN A 126 12.61 8.07 0.75
CA ASN A 126 11.97 8.71 1.89
C ASN A 126 12.44 10.15 2.00
N ASP A 127 11.51 11.07 2.02
CA ASP A 127 11.83 12.49 2.06
C ASP A 127 11.88 12.98 3.50
N LYS A 128 12.90 13.77 3.80
CA LYS A 128 13.07 14.32 5.13
C LYS A 128 13.25 15.82 5.05
N GLY A 129 12.97 16.51 6.14
CA GLY A 129 13.12 17.94 6.14
C GLY A 129 12.22 18.61 7.15
N ARG A 130 11.10 19.13 6.67
CA ARG A 130 10.15 19.85 7.52
C ARG A 130 9.50 18.92 8.54
N LEU A 131 9.06 17.76 8.08
CA LEU A 131 8.42 16.79 8.95
C LEU A 131 9.44 16.20 9.93
N SER A 132 9.24 16.47 11.19
CA SER A 132 10.11 15.99 12.24
C SER A 132 9.93 14.47 12.44
N LYS A 133 10.91 13.83 13.07
CA LYS A 133 10.88 12.39 13.29
C LYS A 133 9.65 11.94 14.10
N GLU A 134 9.25 12.72 15.10
CA GLU A 134 8.10 12.34 15.93
C GLU A 134 6.80 12.58 15.18
N GLU A 135 6.83 13.55 14.27
CA GLU A 135 5.65 13.92 13.49
C GLU A 135 5.18 12.75 12.63
N ILE A 136 6.13 12.05 12.04
CA ILE A 136 5.80 10.91 11.20
C ILE A 136 5.46 9.68 12.06
N GLU A 137 6.08 9.60 13.23
CA GLU A 137 5.85 8.47 14.14
C GLU A 137 4.51 8.58 14.84
N ARG A 138 4.07 9.78 15.17
CA ARG A 138 2.81 9.96 15.88
C ARG A 138 1.61 9.61 15.01
N MET A 139 1.81 9.46 13.70
CA MET A 139 0.72 9.12 12.80
C MET A 139 0.11 7.76 13.16
N VAL A 140 0.97 6.80 13.51
CA VAL A 140 0.49 5.48 13.92
C VAL A 140 -0.08 5.54 15.35
N GLN A 141 0.49 6.42 16.16
CA GLN A 141 0.03 6.58 17.53
C GLN A 141 -1.38 7.18 17.54
N GLU A 142 -1.63 8.08 16.60
CA GLU A 142 -2.93 8.71 16.49
C GLU A 142 -3.96 7.77 15.87
N ALA A 143 -3.48 6.67 15.30
CA ALA A 143 -4.39 5.65 14.78
C ALA A 143 -5.09 5.00 15.96
N GLU A 144 -4.36 4.88 17.06
CA GLU A 144 -4.87 4.34 18.30
C GLU A 144 -5.74 5.38 19.01
N LYS A 145 -5.42 6.65 18.78
CA LYS A 145 -6.17 7.76 19.35
C LYS A 145 -7.56 7.84 18.72
N TYR A 146 -7.61 7.61 17.42
CA TYR A 146 -8.85 7.68 16.67
C TYR A 146 -9.38 6.29 16.33
N LYS A 147 -8.90 5.26 17.04
CA LYS A 147 -9.34 3.88 16.77
C LYS A 147 -10.85 3.72 16.92
N ALA A 148 -11.46 4.58 17.73
CA ALA A 148 -12.91 4.57 17.91
C ALA A 148 -13.59 4.90 16.58
N GLU A 149 -12.97 5.80 15.83
CA GLU A 149 -13.48 6.20 14.52
C GLU A 149 -13.08 5.18 13.47
N ASP A 150 -12.15 4.31 13.83
CA ASP A 150 -11.72 3.24 12.94
C ASP A 150 -12.75 2.11 12.98
N GLU A 151 -13.32 1.90 14.15
CA GLU A 151 -14.35 0.88 14.36
C GLU A 151 -15.57 1.12 13.46
N VAL A 152 -15.94 2.39 13.29
CA VAL A 152 -17.12 2.72 12.50
C VAL A 152 -16.89 2.51 11.00
N GLN A 153 -15.67 2.78 10.52
CA GLN A 153 -15.37 2.58 9.11
C GLN A 153 -15.29 1.09 8.80
N ARG A 154 -14.84 0.31 9.77
CA ARG A 154 -14.78 -1.14 9.61
C ARG A 154 -16.17 -1.72 9.43
N GLU A 155 -17.13 -1.10 10.08
CA GLU A 155 -18.51 -1.55 10.01
C GLU A 155 -19.08 -1.34 8.61
N ARG A 156 -18.94 -0.13 8.09
CA ARG A 156 -19.49 0.19 6.77
C ARG A 156 -18.82 -0.58 5.65
N VAL A 157 -17.52 -0.87 5.78
CA VAL A 157 -16.85 -1.65 4.75
C VAL A 157 -17.28 -3.11 4.83
N SER A 158 -17.65 -3.55 6.03
CA SER A 158 -18.14 -4.91 6.23
C SER A 158 -19.55 -5.03 5.65
N ALA A 159 -20.26 -3.92 5.62
CA ALA A 159 -21.60 -3.89 5.04
C ALA A 159 -21.49 -4.02 3.53
N LYS A 160 -20.36 -3.60 2.99
CA LYS A 160 -20.11 -3.69 1.57
C LYS A 160 -19.62 -5.11 1.24
N ASN A 161 -18.65 -5.60 2.00
CA ASN A 161 -18.11 -6.95 1.75
C ASN A 161 -19.11 -8.04 2.16
N ALA A 162 -20.24 -7.61 2.72
CA ALA A 162 -21.30 -8.52 3.10
C ALA A 162 -21.92 -9.15 1.87
N TYR A 163 -21.89 -8.42 0.75
CA TYR A 163 -22.43 -8.92 -0.49
C TYR A 163 -21.57 -10.07 -1.03
N GLU A 164 -20.34 -10.15 -0.55
CA GLU A 164 -19.44 -11.22 -0.92
C GLU A 164 -19.47 -12.33 0.14
N SER A 165 -19.93 -12.00 1.33
CA SER A 165 -19.90 -12.93 2.46
C SER A 165 -21.29 -13.43 2.85
N TYR A 166 -22.31 -13.11 2.07
CA TYR A 166 -23.67 -13.54 2.38
C TYR A 166 -23.88 -14.99 1.93
N ALA A 167 -24.97 -15.59 2.39
CA ALA A 167 -25.28 -16.96 2.03
C ALA A 167 -25.75 -17.03 0.59
N PHE A 168 -24.98 -17.71 -0.24
CA PHE A 168 -25.29 -17.84 -1.64
C PHE A 168 -26.41 -18.85 -1.82
N ASN A 169 -26.18 -20.07 -1.39
CA ASN A 169 -27.15 -21.15 -1.53
C ASN A 169 -27.09 -22.07 -0.34
N MET A 170 -27.87 -23.14 -0.39
CA MET A 170 -27.86 -24.15 0.66
C MET A 170 -26.71 -25.11 0.44
N LYS A 171 -26.62 -26.12 1.26
CA LYS A 171 -25.56 -27.12 1.14
C LYS A 171 -25.72 -27.91 -0.16
N SER A 172 -24.62 -28.40 -0.67
CA SER A 172 -24.63 -29.21 -1.86
C SER A 172 -24.49 -30.67 -1.47
N ALA A 173 -24.09 -31.51 -2.40
CA ALA A 173 -23.85 -32.91 -2.10
C ALA A 173 -22.77 -33.01 -1.04
N VAL A 174 -23.07 -33.70 0.05
CA VAL A 174 -22.15 -33.84 1.17
C VAL A 174 -20.78 -34.37 0.73
N GLU A 175 -19.75 -33.69 1.19
CA GLU A 175 -18.39 -34.06 0.89
C GLU A 175 -17.85 -34.90 2.04
N ASP A 176 -16.90 -35.78 1.74
CA ASP A 176 -16.32 -36.63 2.77
C ASP A 176 -15.30 -35.88 3.58
N GLU A 177 -15.68 -35.50 4.79
CA GLU A 177 -14.80 -34.77 5.68
C GLU A 177 -14.04 -35.73 6.55
N GLY A 178 -12.76 -35.48 6.73
CA GLY A 178 -11.96 -36.33 7.56
C GLY A 178 -12.25 -36.11 9.02
N LEU A 179 -11.71 -35.05 9.57
CA LEU A 179 -11.92 -34.71 10.96
C LEU A 179 -11.95 -33.19 11.10
N LYS A 180 -13.10 -32.64 11.46
CA LYS A 180 -13.22 -31.21 11.65
C LYS A 180 -13.97 -30.91 12.94
N GLY A 181 -13.66 -29.77 13.52
CA GLY A 181 -14.30 -29.38 14.75
C GLY A 181 -14.00 -27.94 15.09
N LYS A 182 -13.89 -27.67 16.37
CA LYS A 182 -13.61 -26.33 16.83
C LYS A 182 -12.55 -26.35 17.92
N ILE A 183 -11.40 -25.79 17.60
CA ILE A 183 -10.29 -25.72 18.54
C ILE A 183 -10.25 -24.33 19.17
N SER A 184 -10.32 -24.28 20.48
CA SER A 184 -10.32 -23.00 21.19
C SER A 184 -9.51 -23.10 22.49
N GLU A 185 -8.78 -24.19 22.63
CA GLU A 185 -7.97 -24.39 23.81
C GLU A 185 -6.54 -24.65 23.39
N HIS A 1 53.51 -10.97 14.91
CA HIS A 1 53.70 -10.78 13.46
C HIS A 1 52.93 -9.56 12.99
N MET A 2 52.88 -9.36 11.69
CA MET A 2 52.16 -8.25 11.12
C MET A 2 51.08 -8.75 10.17
N GLY A 3 50.11 -7.90 9.89
CA GLY A 3 49.03 -8.28 9.00
C GLY A 3 48.02 -9.17 9.68
N ASP A 4 47.32 -8.63 10.66
CA ASP A 4 46.32 -9.37 11.39
C ASP A 4 44.92 -8.98 10.96
N LYS A 5 44.48 -7.83 11.43
CA LYS A 5 43.15 -7.34 11.11
C LYS A 5 43.22 -6.05 10.34
N SER A 6 42.08 -5.58 9.89
CA SER A 6 41.99 -4.34 9.16
C SER A 6 41.51 -3.23 10.08
N GLU A 7 42.40 -2.31 10.42
CA GLU A 7 42.03 -1.21 11.28
C GLU A 7 41.24 -0.18 10.50
N ASN A 8 39.93 -0.33 10.53
CA ASN A 8 39.04 0.53 9.79
C ASN A 8 38.77 1.82 10.55
N VAL A 9 39.06 2.94 9.92
CA VAL A 9 38.83 4.24 10.51
C VAL A 9 37.74 4.96 9.71
N GLN A 10 37.13 4.24 8.78
CA GLN A 10 36.08 4.81 7.94
C GLN A 10 34.77 4.05 8.15
N ASP A 11 33.94 4.58 9.03
CA ASP A 11 32.66 3.96 9.31
C ASP A 11 31.60 5.01 9.59
N LEU A 12 30.68 5.17 8.66
CA LEU A 12 29.61 6.13 8.81
C LEU A 12 28.26 5.51 8.44
N LEU A 13 27.21 6.06 9.01
CA LEU A 13 25.86 5.56 8.76
C LEU A 13 25.00 6.67 8.15
N LEU A 14 24.13 6.28 7.26
CA LEU A 14 23.24 7.23 6.61
C LEU A 14 21.83 7.13 7.20
N LEU A 15 21.29 5.93 7.23
CA LEU A 15 19.97 5.70 7.79
C LEU A 15 19.97 4.42 8.62
N ASP A 16 19.14 4.38 9.64
CA ASP A 16 19.08 3.24 10.53
C ASP A 16 17.71 2.59 10.53
N VAL A 17 16.68 3.38 10.79
CA VAL A 17 15.32 2.87 10.86
C VAL A 17 14.37 3.68 10.01
N ALA A 18 13.42 2.99 9.39
CA ALA A 18 12.41 3.64 8.57
C ALA A 18 11.47 4.45 9.45
N PRO A 19 11.20 5.71 9.07
CA PRO A 19 10.34 6.62 9.84
C PRO A 19 8.96 6.03 10.11
N LEU A 20 8.28 5.63 9.05
CA LEU A 20 6.95 5.04 9.17
C LEU A 20 6.87 3.72 8.44
N SER A 21 5.69 3.14 8.43
CA SER A 21 5.44 1.90 7.74
C SER A 21 5.05 2.17 6.29
N LEU A 22 5.15 1.16 5.45
CA LEU A 22 4.82 1.31 4.03
C LEU A 22 3.80 0.25 3.62
N GLY A 23 2.84 0.64 2.80
CA GLY A 23 1.83 -0.29 2.38
C GLY A 23 1.01 0.17 1.21
N LEU A 24 -0.03 -0.57 0.90
CA LEU A 24 -0.92 -0.28 -0.19
C LEU A 24 -2.35 -0.53 0.27
N GLU A 25 -3.33 -0.29 -0.58
CA GLU A 25 -4.72 -0.46 -0.18
C GLU A 25 -5.22 -1.85 -0.52
N THR A 26 -6.21 -2.29 0.21
CA THR A 26 -6.80 -3.59 0.02
C THR A 26 -8.32 -3.45 -0.11
N ALA A 27 -8.98 -4.46 -0.67
CA ALA A 27 -10.43 -4.45 -0.87
C ALA A 27 -11.15 -4.10 0.43
N GLY A 28 -11.94 -3.04 0.38
CA GLY A 28 -12.63 -2.57 1.55
C GLY A 28 -12.35 -1.10 1.79
N GLY A 29 -11.30 -0.60 1.16
CA GLY A 29 -10.95 0.81 1.28
C GLY A 29 -9.98 1.07 2.40
N VAL A 30 -9.44 0.01 2.97
CA VAL A 30 -8.50 0.11 4.08
C VAL A 30 -7.08 -0.13 3.59
N MET A 31 -6.11 0.51 4.22
CA MET A 31 -4.71 0.35 3.85
C MET A 31 -4.06 -0.75 4.67
N THR A 32 -3.14 -1.47 4.05
CA THR A 32 -2.45 -2.56 4.70
C THR A 32 -0.94 -2.37 4.58
N ALA A 33 -0.28 -2.14 5.71
CA ALA A 33 1.15 -1.95 5.73
C ALA A 33 1.87 -3.30 5.79
N LEU A 34 2.39 -3.74 4.65
CA LEU A 34 3.12 -5.00 4.59
C LEU A 34 4.56 -4.79 5.02
N ILE A 35 5.00 -3.54 4.99
CA ILE A 35 6.33 -3.18 5.43
C ILE A 35 6.22 -2.50 6.79
N LYS A 36 6.66 -3.21 7.82
CA LYS A 36 6.57 -2.69 9.17
C LYS A 36 7.53 -1.55 9.42
N ARG A 37 7.15 -0.67 10.34
CA ARG A 37 7.92 0.50 10.68
C ARG A 37 9.30 0.11 11.20
N ASN A 38 10.30 0.93 10.86
CA ASN A 38 11.70 0.71 11.27
C ASN A 38 12.31 -0.50 10.58
N SER A 39 11.55 -1.13 9.70
CA SER A 39 12.02 -2.32 9.02
C SER A 39 11.95 -2.15 7.51
N THR A 40 12.98 -1.55 6.93
CA THR A 40 13.04 -1.35 5.50
C THR A 40 14.22 -2.10 4.88
N ILE A 41 15.29 -2.28 5.65
CA ILE A 41 16.46 -2.99 5.16
C ILE A 41 17.07 -3.85 6.28
N PRO A 42 17.44 -5.10 5.97
CA PRO A 42 17.24 -5.71 4.66
C PRO A 42 15.92 -6.48 4.61
N THR A 43 15.14 -6.26 3.57
CA THR A 43 13.87 -6.95 3.46
C THR A 43 13.34 -6.91 2.02
N LYS A 44 12.42 -7.80 1.73
CA LYS A 44 11.76 -7.88 0.44
C LYS A 44 10.30 -8.24 0.62
N GLN A 45 9.43 -7.45 0.03
CA GLN A 45 8.01 -7.69 0.14
C GLN A 45 7.38 -7.77 -1.25
N THR A 46 6.57 -8.77 -1.46
CA THR A 46 5.90 -8.94 -2.73
C THR A 46 4.50 -9.54 -2.53
N GLN A 47 3.49 -8.70 -2.63
CA GLN A 47 2.12 -9.14 -2.44
C GLN A 47 1.23 -8.65 -3.56
N ILE A 48 0.06 -9.26 -3.67
CA ILE A 48 -0.92 -8.89 -4.66
C ILE A 48 -2.08 -8.17 -3.97
N PHE A 49 -2.18 -6.89 -4.22
CA PHE A 49 -3.23 -6.10 -3.60
C PHE A 49 -4.39 -5.89 -4.56
N THR A 50 -5.41 -5.21 -4.08
CA THR A 50 -6.59 -4.96 -4.87
C THR A 50 -7.38 -3.80 -4.28
N THR A 51 -8.14 -3.13 -5.11
CA THR A 51 -8.96 -2.02 -4.68
C THR A 51 -10.43 -2.31 -4.98
N TYR A 52 -11.32 -1.57 -4.34
CA TYR A 52 -12.76 -1.73 -4.53
C TYR A 52 -13.16 -1.53 -6.00
N SER A 53 -12.67 -0.46 -6.58
CA SER A 53 -12.95 -0.13 -7.95
C SER A 53 -11.75 0.57 -8.56
N ASP A 54 -11.22 0.02 -9.62
CA ASP A 54 -10.08 0.64 -10.29
C ASP A 54 -10.55 1.78 -11.17
N ASN A 55 -11.46 1.46 -12.11
CA ASN A 55 -12.04 2.44 -13.07
C ASN A 55 -11.00 3.43 -13.65
N GLN A 56 -9.75 2.97 -13.75
CA GLN A 56 -8.66 3.81 -14.23
C GLN A 56 -8.39 3.56 -15.70
N PRO A 57 -7.64 4.48 -16.35
CA PRO A 57 -7.22 4.30 -17.75
C PRO A 57 -6.39 3.04 -17.90
N GLY A 58 -5.62 2.74 -16.86
CA GLY A 58 -4.80 1.54 -16.85
C GLY A 58 -4.98 0.77 -15.55
N VAL A 59 -4.31 1.23 -14.49
CA VAL A 59 -4.39 0.60 -13.17
C VAL A 59 -4.04 1.60 -12.06
N LEU A 60 -4.78 1.55 -10.97
CA LEU A 60 -4.56 2.44 -9.85
C LEU A 60 -3.50 1.87 -8.89
N ILE A 61 -2.33 2.49 -8.88
CA ILE A 61 -1.28 2.13 -7.93
C ILE A 61 -0.81 3.39 -7.20
N GLN A 62 -1.31 3.59 -6.00
CA GLN A 62 -0.93 4.75 -5.20
C GLN A 62 -0.07 4.33 -4.03
N VAL A 63 1.22 4.64 -4.09
CA VAL A 63 2.14 4.27 -3.03
C VAL A 63 2.23 5.40 -2.01
N TYR A 64 2.03 5.05 -0.75
CA TYR A 64 2.06 6.03 0.31
C TYR A 64 2.77 5.48 1.56
N GLU A 65 3.14 6.39 2.44
CA GLU A 65 3.85 6.04 3.67
C GLU A 65 3.02 6.39 4.90
N GLY A 66 3.13 5.56 5.93
CA GLY A 66 2.44 5.83 7.17
C GLY A 66 1.39 4.81 7.50
N GLU A 67 0.99 4.78 8.76
CA GLU A 67 -0.08 3.94 9.22
C GLU A 67 -1.29 4.84 9.40
N ARG A 68 -2.40 4.50 8.79
CA ARG A 68 -3.58 5.36 8.82
C ARG A 68 -4.85 4.56 8.89
N ALA A 69 -5.94 5.24 9.17
CA ALA A 69 -7.24 4.62 9.19
C ALA A 69 -7.85 4.72 7.80
N MET A 70 -7.49 5.78 7.09
CA MET A 70 -7.97 5.99 5.74
C MET A 70 -6.78 6.04 4.78
N THR A 71 -6.98 5.53 3.58
CA THR A 71 -5.92 5.47 2.57
C THR A 71 -5.42 6.85 2.15
N LYS A 72 -6.33 7.81 2.08
CA LYS A 72 -5.98 9.17 1.62
C LYS A 72 -5.40 10.05 2.71
N ASP A 73 -5.20 9.49 3.90
CA ASP A 73 -4.67 10.29 5.02
C ASP A 73 -3.16 10.07 5.19
N ASN A 74 -2.57 9.37 4.23
CA ASN A 74 -1.12 9.11 4.24
C ASN A 74 -0.40 10.15 3.42
N ASN A 75 0.92 10.04 3.33
CA ASN A 75 1.68 10.93 2.47
C ASN A 75 2.01 10.20 1.18
N LEU A 76 1.78 10.88 0.06
CA LEU A 76 1.97 10.28 -1.25
C LEU A 76 3.44 10.18 -1.63
N LEU A 77 3.90 8.95 -1.85
CA LEU A 77 5.27 8.72 -2.26
C LEU A 77 5.38 8.81 -3.78
N GLY A 78 4.29 8.46 -4.44
CA GLY A 78 4.27 8.53 -5.88
C GLY A 78 3.28 7.58 -6.48
N ARG A 79 2.98 7.77 -7.76
CA ARG A 79 2.06 6.91 -8.47
C ARG A 79 2.65 6.49 -9.80
N PHE A 80 2.72 5.22 -10.04
CA PHE A 80 3.18 4.70 -11.30
C PHE A 80 2.14 3.77 -11.87
N GLU A 81 1.70 4.06 -13.07
CA GLU A 81 0.64 3.32 -13.69
C GLU A 81 1.17 2.51 -14.86
N LEU A 82 0.56 1.37 -15.10
CA LEU A 82 0.91 0.55 -16.23
C LEU A 82 -0.09 0.83 -17.34
N SER A 83 0.39 1.27 -18.47
CA SER A 83 -0.47 1.59 -19.57
C SER A 83 -0.59 0.39 -20.50
N GLY A 84 -1.80 0.14 -20.94
CA GLY A 84 -2.07 -1.02 -21.77
C GLY A 84 -2.78 -2.09 -20.98
N ILE A 85 -3.53 -1.66 -19.98
CA ILE A 85 -4.26 -2.57 -19.12
C ILE A 85 -5.76 -2.31 -19.25
N PRO A 86 -6.57 -3.36 -19.46
CA PRO A 86 -8.03 -3.24 -19.52
C PRO A 86 -8.61 -2.76 -18.18
N PRO A 87 -9.32 -1.62 -18.18
CA PRO A 87 -9.89 -1.02 -16.95
C PRO A 87 -10.88 -1.94 -16.26
N ALA A 88 -10.82 -1.97 -14.94
CA ALA A 88 -11.70 -2.83 -14.17
C ALA A 88 -12.69 -2.02 -13.35
N PRO A 89 -13.99 -2.15 -13.66
CA PRO A 89 -15.05 -1.49 -12.88
C PRO A 89 -15.07 -2.01 -11.45
N ARG A 90 -15.20 -3.31 -11.32
CA ARG A 90 -15.18 -3.95 -10.02
C ARG A 90 -13.82 -4.57 -9.77
N GLY A 91 -13.15 -4.12 -8.74
CA GLY A 91 -11.85 -4.64 -8.42
C GLY A 91 -10.76 -4.02 -9.26
N VAL A 92 -9.72 -4.78 -9.49
CA VAL A 92 -8.57 -4.33 -10.27
C VAL A 92 -7.79 -5.56 -10.74
N PRO A 93 -7.19 -5.52 -11.95
CA PRO A 93 -6.36 -6.62 -12.43
C PRO A 93 -5.31 -7.03 -11.40
N GLN A 94 -4.89 -8.27 -11.43
CA GLN A 94 -3.94 -8.75 -10.45
C GLN A 94 -2.54 -8.30 -10.80
N ILE A 95 -2.08 -7.29 -10.09
CA ILE A 95 -0.77 -6.73 -10.29
C ILE A 95 0.18 -7.22 -9.20
N GLU A 96 1.29 -7.79 -9.63
CA GLU A 96 2.30 -8.25 -8.70
C GLU A 96 3.13 -7.06 -8.23
N VAL A 97 3.02 -6.73 -6.96
CA VAL A 97 3.73 -5.60 -6.39
C VAL A 97 5.01 -6.07 -5.71
N THR A 98 6.14 -5.86 -6.36
CA THR A 98 7.41 -6.28 -5.81
C THR A 98 8.22 -5.08 -5.29
N PHE A 99 8.50 -5.08 -4.00
CA PHE A 99 9.27 -4.02 -3.39
C PHE A 99 10.74 -4.41 -3.32
N ASP A 100 11.54 -3.84 -4.20
CA ASP A 100 12.98 -4.09 -4.21
C ASP A 100 13.69 -2.91 -3.58
N ILE A 101 14.03 -3.06 -2.32
CA ILE A 101 14.67 -1.99 -1.59
C ILE A 101 16.17 -2.21 -1.51
N ASP A 102 16.92 -1.21 -1.94
CA ASP A 102 18.37 -1.27 -1.91
C ASP A 102 18.88 -1.02 -0.48
N ALA A 103 20.07 -1.52 -0.18
CA ALA A 103 20.67 -1.38 1.15
C ALA A 103 20.89 0.09 1.54
N ASN A 104 20.89 0.97 0.55
CA ASN A 104 21.06 2.39 0.80
C ASN A 104 19.73 3.06 1.13
N GLY A 105 18.67 2.27 1.14
CA GLY A 105 17.36 2.80 1.46
C GLY A 105 16.61 3.28 0.23
N ILE A 106 16.92 2.69 -0.92
CA ILE A 106 16.27 3.08 -2.15
C ILE A 106 15.15 2.11 -2.46
N LEU A 107 13.92 2.59 -2.39
CA LEU A 107 12.76 1.76 -2.64
C LEU A 107 12.45 1.72 -4.13
N ASN A 108 12.66 0.57 -4.73
CA ASN A 108 12.35 0.37 -6.14
C ASN A 108 11.20 -0.62 -6.26
N VAL A 109 10.00 -0.11 -6.41
CA VAL A 109 8.84 -0.96 -6.50
C VAL A 109 8.50 -1.26 -7.96
N THR A 110 8.24 -2.51 -8.25
CA THR A 110 7.92 -2.94 -9.59
C THR A 110 6.50 -3.50 -9.64
N ALA A 111 5.71 -2.98 -10.56
CA ALA A 111 4.35 -3.46 -10.76
C ALA A 111 4.30 -4.27 -12.04
N THR A 112 3.92 -5.52 -11.92
CA THR A 112 3.85 -6.40 -13.07
C THR A 112 2.45 -6.98 -13.24
N ASP A 113 1.90 -6.81 -14.43
CA ASP A 113 0.58 -7.35 -14.76
C ASP A 113 0.71 -8.80 -15.18
N LYS A 114 -0.31 -9.58 -14.91
CA LYS A 114 -0.31 -10.98 -15.26
C LYS A 114 -0.88 -11.18 -16.66
N SER A 115 -1.70 -10.24 -17.10
CA SER A 115 -2.33 -10.32 -18.40
C SER A 115 -1.28 -10.13 -19.50
N THR A 116 -0.57 -9.01 -19.45
CA THR A 116 0.46 -8.72 -20.42
C THR A 116 1.84 -8.86 -19.74
N GLY A 117 2.88 -8.97 -20.54
CA GLY A 117 4.22 -9.13 -19.99
C GLY A 117 4.89 -7.79 -19.75
N LYS A 118 4.14 -6.82 -19.25
CA LYS A 118 4.66 -5.50 -19.00
C LYS A 118 4.86 -5.25 -17.51
N ALA A 119 5.92 -4.54 -17.19
CA ALA A 119 6.25 -4.18 -15.82
C ALA A 119 6.75 -2.75 -15.76
N ASN A 120 6.36 -2.03 -14.73
CA ASN A 120 6.80 -0.65 -14.56
C ASN A 120 7.48 -0.47 -13.21
N LYS A 121 8.49 0.37 -13.19
CA LYS A 121 9.25 0.62 -11.97
C LYS A 121 9.31 2.10 -11.66
N ILE A 122 9.50 2.42 -10.40
CA ILE A 122 9.65 3.80 -9.96
C ILE A 122 10.62 3.87 -8.78
N THR A 123 11.53 4.82 -8.84
CA THR A 123 12.49 4.98 -7.77
C THR A 123 11.97 5.92 -6.71
N ILE A 124 11.52 5.36 -5.60
CA ILE A 124 10.99 6.14 -4.51
C ILE A 124 12.05 6.32 -3.45
N THR A 125 12.49 7.53 -3.27
CA THR A 125 13.50 7.83 -2.29
C THR A 125 13.20 9.16 -1.60
N ASN A 126 12.92 9.09 -0.31
CA ASN A 126 12.64 10.27 0.47
C ASN A 126 13.92 11.04 0.75
N ASP A 127 13.85 12.35 0.72
CA ASP A 127 15.03 13.18 0.94
C ASP A 127 15.14 13.56 2.40
N LYS A 128 16.30 14.09 2.77
CA LYS A 128 16.54 14.50 4.14
C LYS A 128 15.64 15.68 4.50
N GLY A 129 14.88 15.53 5.56
CA GLY A 129 13.97 16.56 5.97
C GLY A 129 14.17 16.98 7.40
N ARG A 130 13.38 17.94 7.83
CA ARG A 130 13.46 18.45 9.19
C ARG A 130 12.47 17.72 10.10
N LEU A 131 12.04 16.54 9.64
CA LEU A 131 11.07 15.74 10.38
C LEU A 131 11.67 15.25 11.69
N SER A 132 11.25 15.84 12.78
CA SER A 132 11.71 15.46 14.09
C SER A 132 10.98 14.20 14.54
N LYS A 133 11.45 13.59 15.63
CA LYS A 133 10.81 12.40 16.16
C LYS A 133 9.33 12.63 16.45
N GLU A 134 8.99 13.86 16.83
CA GLU A 134 7.61 14.24 17.11
C GLU A 134 6.68 13.87 15.96
N GLU A 135 7.16 14.05 14.74
CA GLU A 135 6.37 13.77 13.54
C GLU A 135 6.13 12.27 13.39
N ILE A 136 7.21 11.50 13.30
CA ILE A 136 7.12 10.07 13.06
C ILE A 136 6.45 9.33 14.23
N GLU A 137 6.60 9.86 15.43
CA GLU A 137 6.01 9.24 16.60
C GLU A 137 4.50 9.44 16.63
N ARG A 138 4.05 10.67 16.43
CA ARG A 138 2.62 10.96 16.48
C ARG A 138 1.87 10.22 15.38
N MET A 139 2.49 10.10 14.21
CA MET A 139 1.87 9.43 13.07
C MET A 139 1.53 7.98 13.37
N VAL A 140 2.36 7.31 14.17
CA VAL A 140 2.11 5.93 14.52
C VAL A 140 1.30 5.83 15.81
N GLN A 141 1.41 6.84 16.67
CA GLN A 141 0.65 6.85 17.93
C GLN A 141 -0.84 7.10 17.65
N GLU A 142 -1.13 7.84 16.59
CA GLU A 142 -2.51 8.10 16.21
C GLU A 142 -3.22 6.80 15.85
N ALA A 143 -2.44 5.82 15.38
CA ALA A 143 -2.97 4.51 14.99
C ALA A 143 -3.63 3.83 16.18
N GLU A 144 -3.19 4.18 17.36
CA GLU A 144 -3.74 3.65 18.58
C GLU A 144 -4.90 4.53 19.05
N LYS A 145 -4.75 5.82 18.82
CA LYS A 145 -5.74 6.81 19.24
C LYS A 145 -7.06 6.66 18.49
N TYR A 146 -7.01 6.67 17.17
CA TYR A 146 -8.24 6.64 16.35
C TYR A 146 -8.92 5.28 16.34
N LYS A 147 -8.33 4.27 17.01
CA LYS A 147 -8.93 2.93 17.01
C LYS A 147 -10.33 2.93 17.58
N ALA A 148 -10.62 3.87 18.46
CA ALA A 148 -11.94 3.99 19.05
C ALA A 148 -12.99 4.26 17.98
N GLU A 149 -12.58 4.99 16.94
CA GLU A 149 -13.47 5.34 15.84
C GLU A 149 -13.28 4.37 14.67
N ASP A 150 -12.02 4.02 14.41
CA ASP A 150 -11.65 3.14 13.29
C ASP A 150 -12.18 1.73 13.45
N GLU A 151 -12.42 1.33 14.69
CA GLU A 151 -12.88 -0.03 15.00
C GLU A 151 -14.14 -0.39 14.21
N VAL A 152 -14.95 0.61 13.87
CA VAL A 152 -16.19 0.37 13.13
C VAL A 152 -15.91 -0.25 11.76
N GLN A 153 -14.83 0.17 11.10
CA GLN A 153 -14.50 -0.37 9.80
C GLN A 153 -13.57 -1.56 9.96
N ARG A 154 -12.79 -1.54 11.03
CA ARG A 154 -11.86 -2.61 11.32
C ARG A 154 -12.61 -3.90 11.58
N GLU A 155 -13.77 -3.77 12.22
CA GLU A 155 -14.61 -4.90 12.55
C GLU A 155 -15.15 -5.59 11.29
N ARG A 156 -15.61 -4.80 10.33
CA ARG A 156 -16.19 -5.36 9.10
C ARG A 156 -15.11 -6.00 8.21
N VAL A 157 -13.91 -5.44 8.23
CA VAL A 157 -12.81 -6.01 7.45
C VAL A 157 -12.06 -7.07 8.25
N SER A 158 -12.46 -7.22 9.52
CA SER A 158 -11.84 -8.18 10.40
C SER A 158 -12.16 -9.60 9.97
N ALA A 159 -13.22 -9.78 9.19
CA ALA A 159 -13.60 -11.10 8.71
C ALA A 159 -12.44 -11.74 7.95
N LYS A 160 -11.65 -10.93 7.28
CA LYS A 160 -10.49 -11.39 6.55
C LYS A 160 -9.19 -11.18 7.36
N ASN A 161 -9.15 -10.14 8.18
CA ASN A 161 -7.92 -9.75 8.88
C ASN A 161 -7.77 -10.38 10.29
N ALA A 162 -8.85 -10.93 10.84
CA ALA A 162 -8.84 -11.48 12.20
C ALA A 162 -8.03 -12.76 12.31
N TYR A 163 -7.58 -13.30 11.20
CA TYR A 163 -6.79 -14.52 11.24
C TYR A 163 -5.34 -14.22 11.62
N GLU A 164 -4.79 -13.17 11.01
CA GLU A 164 -3.41 -12.78 11.27
C GLU A 164 -3.31 -11.87 12.49
N SER A 165 -4.22 -10.91 12.57
CA SER A 165 -4.21 -9.91 13.63
C SER A 165 -4.99 -10.37 14.86
N TYR A 166 -5.35 -11.67 14.89
CA TYR A 166 -6.13 -12.25 16.00
C TYR A 166 -5.54 -11.88 17.37
N ALA A 167 -4.23 -11.80 17.45
CA ALA A 167 -3.55 -11.48 18.68
C ALA A 167 -2.86 -10.13 18.57
N PHE A 168 -3.44 -9.13 19.21
CA PHE A 168 -2.87 -7.80 19.21
C PHE A 168 -1.68 -7.77 20.13
N ASN A 169 -1.85 -8.35 21.31
CA ASN A 169 -0.78 -8.45 22.27
C ASN A 169 0.03 -9.69 22.02
N MET A 170 1.07 -9.53 21.25
CA MET A 170 1.95 -10.62 20.93
C MET A 170 3.35 -10.30 21.37
N LYS A 171 3.83 -11.02 22.38
CA LYS A 171 5.17 -10.83 22.93
C LYS A 171 5.28 -9.47 23.62
N SER A 172 4.18 -9.02 24.20
CA SER A 172 4.16 -7.76 24.92
C SER A 172 5.07 -7.85 26.15
N ALA A 173 5.79 -6.78 26.42
CA ALA A 173 6.72 -6.74 27.54
C ALA A 173 5.98 -6.53 28.85
N VAL A 174 6.37 -7.29 29.87
CA VAL A 174 5.75 -7.18 31.18
C VAL A 174 6.64 -6.38 32.11
N GLU A 175 6.12 -6.04 33.28
CA GLU A 175 6.88 -5.28 34.26
C GLU A 175 7.82 -6.19 35.04
N ASP A 176 8.68 -5.60 35.85
CA ASP A 176 9.62 -6.38 36.64
C ASP A 176 10.02 -5.62 37.89
N GLU A 177 9.50 -6.06 39.01
CA GLU A 177 9.78 -5.41 40.29
C GLU A 177 11.08 -5.93 40.87
N GLY A 178 11.80 -5.06 41.54
CA GLY A 178 13.05 -5.44 42.16
C GLY A 178 12.85 -5.78 43.63
N LEU A 179 13.91 -5.66 44.40
CA LEU A 179 13.84 -5.92 45.82
C LEU A 179 14.62 -4.84 46.56
N LYS A 180 13.90 -3.84 47.03
CA LYS A 180 14.52 -2.75 47.75
C LYS A 180 14.43 -2.98 49.25
N GLY A 181 15.42 -2.51 49.97
CA GLY A 181 15.44 -2.67 51.40
C GLY A 181 16.81 -2.99 51.92
N LYS A 182 17.08 -2.58 53.14
CA LYS A 182 18.37 -2.83 53.77
C LYS A 182 18.30 -4.06 54.67
N ILE A 183 19.40 -4.39 55.32
CA ILE A 183 19.46 -5.53 56.20
C ILE A 183 19.70 -5.11 57.63
N SER A 184 19.10 -5.81 58.56
CA SER A 184 19.24 -5.50 59.97
C SER A 184 20.59 -5.98 60.48
N GLU A 185 21.36 -5.07 61.03
CA GLU A 185 22.67 -5.39 61.55
C GLU A 185 22.76 -5.04 63.03
N HIS A 1 41.69 -9.24 -16.45
CA HIS A 1 43.13 -9.53 -16.31
C HIS A 1 43.74 -8.68 -15.21
N MET A 2 45.03 -8.87 -14.96
CA MET A 2 45.74 -8.10 -13.96
C MET A 2 45.94 -6.67 -14.43
N GLY A 3 45.05 -5.79 -14.01
CA GLY A 3 45.10 -4.42 -14.44
C GLY A 3 43.71 -3.85 -14.55
N ASP A 4 42.73 -4.73 -14.67
CA ASP A 4 41.33 -4.33 -14.72
C ASP A 4 40.85 -4.06 -13.32
N LYS A 5 40.88 -2.80 -12.93
CA LYS A 5 40.53 -2.40 -11.59
C LYS A 5 39.40 -1.37 -11.60
N SER A 6 38.52 -1.47 -10.62
CA SER A 6 37.42 -0.54 -10.50
C SER A 6 37.57 0.27 -9.22
N GLU A 7 38.06 1.48 -9.34
CA GLU A 7 38.29 2.33 -8.19
C GLU A 7 37.55 3.65 -8.37
N ASN A 8 36.49 3.84 -7.59
CA ASN A 8 35.69 5.05 -7.66
C ASN A 8 34.72 5.08 -6.47
N VAL A 9 34.62 6.22 -5.82
CA VAL A 9 33.72 6.36 -4.68
C VAL A 9 32.27 6.47 -5.16
N GLN A 10 31.37 5.77 -4.47
CA GLN A 10 29.96 5.81 -4.83
C GLN A 10 29.23 6.85 -4.01
N ASP A 11 28.19 7.42 -4.58
CA ASP A 11 27.37 8.40 -3.87
C ASP A 11 26.01 7.81 -3.56
N LEU A 12 25.75 7.60 -2.28
CA LEU A 12 24.49 7.04 -1.83
C LEU A 12 23.82 7.96 -0.81
N LEU A 13 22.59 7.67 -0.49
CA LEU A 13 21.84 8.48 0.45
C LEU A 13 22.02 7.96 1.87
N LEU A 14 21.43 8.66 2.83
CA LEU A 14 21.52 8.26 4.22
C LEU A 14 20.27 7.50 4.64
N LEU A 15 20.46 6.31 5.17
CA LEU A 15 19.35 5.48 5.60
C LEU A 15 19.79 4.51 6.70
N ASP A 16 18.90 4.28 7.63
CA ASP A 16 19.16 3.37 8.73
C ASP A 16 17.88 2.64 9.12
N VAL A 17 16.90 3.41 9.58
CA VAL A 17 15.61 2.85 9.96
C VAL A 17 14.48 3.58 9.25
N ALA A 18 13.52 2.83 8.75
CA ALA A 18 12.38 3.40 8.05
C ALA A 18 11.49 4.20 9.00
N PRO A 19 11.23 5.48 8.69
CA PRO A 19 10.40 6.35 9.53
C PRO A 19 8.98 5.81 9.69
N LEU A 20 8.30 5.62 8.57
CA LEU A 20 6.93 5.11 8.58
C LEU A 20 6.86 3.78 7.87
N SER A 21 5.67 3.24 7.76
CA SER A 21 5.44 2.00 7.07
C SER A 21 4.95 2.28 5.64
N LEU A 22 5.24 1.38 4.72
CA LEU A 22 4.87 1.58 3.32
C LEU A 22 3.89 0.50 2.87
N GLY A 23 2.91 0.90 2.07
CA GLY A 23 1.93 -0.02 1.58
C GLY A 23 1.24 0.47 0.33
N LEU A 24 0.29 -0.31 -0.15
CA LEU A 24 -0.47 0.04 -1.34
C LEU A 24 -1.97 -0.06 -1.03
N GLU A 25 -2.80 0.28 -2.00
CA GLU A 25 -4.24 0.27 -1.80
C GLU A 25 -4.85 -1.06 -2.24
N THR A 26 -5.95 -1.41 -1.61
CA THR A 26 -6.67 -2.63 -1.92
C THR A 26 -8.17 -2.34 -1.99
N ALA A 27 -8.98 -3.39 -2.07
CA ALA A 27 -10.44 -3.26 -2.17
C ALA A 27 -11.01 -2.38 -1.06
N GLY A 28 -11.74 -1.35 -1.46
CA GLY A 28 -12.36 -0.46 -0.51
C GLY A 28 -11.54 0.79 -0.26
N GLY A 29 -10.26 0.73 -0.63
CA GLY A 29 -9.38 1.85 -0.43
C GLY A 29 -8.76 1.83 0.95
N VAL A 30 -8.76 0.67 1.58
CA VAL A 30 -8.19 0.51 2.89
C VAL A 30 -6.69 0.28 2.80
N MET A 31 -5.98 0.64 3.84
CA MET A 31 -4.54 0.51 3.86
C MET A 31 -4.08 -0.93 4.03
N THR A 32 -3.07 -1.30 3.26
CA THR A 32 -2.43 -2.60 3.35
C THR A 32 -0.92 -2.42 3.19
N ALA A 33 -0.19 -2.50 4.28
CA ALA A 33 1.24 -2.30 4.25
C ALA A 33 1.99 -3.61 4.20
N LEU A 34 3.15 -3.58 3.55
CA LEU A 34 4.00 -4.75 3.45
C LEU A 34 5.38 -4.45 4.02
N ILE A 35 5.66 -3.17 4.18
CA ILE A 35 6.91 -2.71 4.77
C ILE A 35 6.59 -1.99 6.07
N LYS A 36 7.11 -2.49 7.16
CA LYS A 36 6.85 -1.88 8.46
C LYS A 36 7.98 -0.95 8.86
N ARG A 37 7.64 0.09 9.62
CA ARG A 37 8.61 1.08 10.08
C ARG A 37 9.76 0.43 10.85
N ASN A 38 10.90 1.12 10.89
CA ASN A 38 12.11 0.66 11.60
C ASN A 38 12.76 -0.53 10.92
N SER A 39 12.28 -0.87 9.74
CA SER A 39 12.83 -1.98 8.98
C SER A 39 13.20 -1.51 7.57
N THR A 40 14.49 -1.31 7.34
CA THR A 40 14.97 -0.83 6.06
C THR A 40 15.71 -1.93 5.31
N ILE A 41 16.76 -2.45 5.91
CA ILE A 41 17.59 -3.47 5.29
C ILE A 41 18.08 -4.48 6.32
N PRO A 42 18.17 -5.77 5.94
CA PRO A 42 17.80 -6.24 4.61
C PRO A 42 16.36 -6.76 4.58
N THR A 43 15.60 -6.34 3.59
CA THR A 43 14.24 -6.79 3.44
C THR A 43 13.78 -6.69 1.98
N LYS A 44 13.02 -7.67 1.56
CA LYS A 44 12.47 -7.71 0.21
C LYS A 44 11.08 -8.30 0.30
N GLN A 45 10.06 -7.49 0.12
CA GLN A 45 8.69 -7.96 0.27
C GLN A 45 7.91 -7.92 -1.02
N THR A 46 7.24 -9.02 -1.34
CA THR A 46 6.39 -9.10 -2.50
C THR A 46 4.96 -9.43 -2.08
N GLN A 47 4.03 -8.56 -2.42
CA GLN A 47 2.65 -8.76 -2.04
C GLN A 47 1.72 -8.38 -3.18
N ILE A 48 0.64 -9.13 -3.34
CA ILE A 48 -0.35 -8.86 -4.36
C ILE A 48 -1.46 -7.99 -3.80
N PHE A 49 -1.85 -6.99 -4.57
CA PHE A 49 -2.90 -6.09 -4.15
C PHE A 49 -4.09 -6.17 -5.08
N THR A 50 -5.22 -6.58 -4.53
CA THR A 50 -6.43 -6.73 -5.28
C THR A 50 -7.42 -5.61 -4.97
N THR A 51 -7.90 -4.96 -6.01
CA THR A 51 -8.89 -3.91 -5.86
C THR A 51 -10.25 -4.42 -6.32
N TYR A 52 -11.32 -3.91 -5.74
CA TYR A 52 -12.65 -4.36 -6.11
C TYR A 52 -13.17 -3.52 -7.27
N SER A 53 -12.54 -2.39 -7.51
CA SER A 53 -12.93 -1.53 -8.61
C SER A 53 -11.69 -0.81 -9.18
N ASP A 54 -11.48 -0.93 -10.48
CA ASP A 54 -10.39 -0.21 -11.13
C ASP A 54 -10.93 1.04 -11.81
N ASN A 55 -11.88 0.86 -12.72
CA ASN A 55 -12.58 1.96 -13.43
C ASN A 55 -11.63 2.81 -14.28
N GLN A 56 -10.37 2.46 -14.31
CA GLN A 56 -9.38 3.22 -15.04
C GLN A 56 -8.68 2.35 -16.08
N PRO A 57 -8.01 2.97 -17.07
CA PRO A 57 -7.23 2.23 -18.07
C PRO A 57 -5.93 1.69 -17.46
N GLY A 58 -5.71 2.05 -16.21
CA GLY A 58 -4.55 1.62 -15.49
C GLY A 58 -4.86 1.45 -14.02
N VAL A 59 -3.83 1.32 -13.22
CA VAL A 59 -4.01 1.14 -11.79
C VAL A 59 -3.27 2.22 -11.02
N LEU A 60 -3.91 2.72 -9.97
CA LEU A 60 -3.32 3.74 -9.12
C LEU A 60 -2.34 3.14 -8.15
N ILE A 61 -1.10 3.04 -8.56
CA ILE A 61 -0.07 2.53 -7.69
C ILE A 61 0.50 3.67 -6.87
N GLN A 62 -0.08 3.87 -5.71
CA GLN A 62 0.30 4.97 -4.84
C GLN A 62 1.07 4.46 -3.63
N VAL A 63 2.36 4.73 -3.62
CA VAL A 63 3.21 4.34 -2.50
C VAL A 63 3.12 5.41 -1.41
N TYR A 64 2.28 5.16 -0.43
CA TYR A 64 2.09 6.10 0.65
C TYR A 64 2.95 5.76 1.85
N GLU A 65 3.27 6.77 2.62
CA GLU A 65 4.10 6.63 3.80
C GLU A 65 3.27 6.90 5.06
N GLY A 66 3.10 5.90 5.89
CA GLY A 66 2.35 6.08 7.11
C GLY A 66 1.55 4.86 7.50
N GLU A 67 0.56 5.05 8.37
CA GLU A 67 -0.31 3.98 8.86
C GLU A 67 -1.66 4.55 9.29
N ARG A 68 -2.74 3.97 8.78
CA ARG A 68 -4.09 4.42 9.11
C ARG A 68 -5.12 3.51 8.43
N ALA A 69 -6.41 3.79 8.64
CA ALA A 69 -7.47 3.02 8.01
C ALA A 69 -7.50 3.25 6.50
N MET A 70 -7.57 4.52 6.11
CA MET A 70 -7.61 4.88 4.70
C MET A 70 -6.23 5.14 4.16
N THR A 71 -6.02 4.76 2.91
CA THR A 71 -4.74 4.94 2.24
C THR A 71 -4.43 6.41 2.00
N LYS A 72 -5.48 7.17 1.71
CA LYS A 72 -5.35 8.58 1.38
C LYS A 72 -5.18 9.46 2.62
N ASP A 73 -5.07 8.85 3.79
CA ASP A 73 -4.90 9.60 5.03
C ASP A 73 -3.44 9.97 5.22
N ASN A 74 -2.56 9.17 4.65
CA ASN A 74 -1.14 9.37 4.81
C ASN A 74 -0.58 10.17 3.64
N ASN A 75 0.73 10.36 3.61
CA ASN A 75 1.35 11.15 2.57
C ASN A 75 1.89 10.26 1.45
N LEU A 76 1.79 10.74 0.23
CA LEU A 76 2.20 10.00 -0.95
C LEU A 76 3.66 10.28 -1.29
N LEU A 77 4.46 9.22 -1.40
CA LEU A 77 5.87 9.38 -1.75
C LEU A 77 6.08 9.28 -3.25
N GLY A 78 5.31 8.41 -3.89
CA GLY A 78 5.45 8.21 -5.31
C GLY A 78 4.26 7.51 -5.89
N ARG A 79 3.72 8.04 -6.96
CA ARG A 79 2.57 7.46 -7.61
C ARG A 79 2.83 7.27 -9.09
N PHE A 80 2.68 6.03 -9.53
CA PHE A 80 2.84 5.72 -10.94
C PHE A 80 1.72 4.81 -11.37
N GLU A 81 1.08 5.17 -12.45
CA GLU A 81 -0.06 4.42 -12.94
C GLU A 81 0.34 3.50 -14.05
N LEU A 82 0.17 2.22 -13.83
CA LEU A 82 0.47 1.23 -14.84
C LEU A 82 -0.76 1.04 -15.70
N SER A 83 -0.71 1.57 -16.90
CA SER A 83 -1.83 1.54 -17.80
C SER A 83 -1.70 0.35 -18.74
N GLY A 84 -2.83 -0.20 -19.14
CA GLY A 84 -2.81 -1.33 -20.03
C GLY A 84 -3.97 -2.28 -19.80
N ILE A 85 -4.76 -1.98 -18.78
CA ILE A 85 -5.90 -2.81 -18.47
C ILE A 85 -7.17 -2.20 -19.06
N PRO A 86 -8.18 -3.02 -19.35
CA PRO A 86 -9.45 -2.54 -19.84
C PRO A 86 -10.35 -2.09 -18.69
N PRO A 87 -10.70 -0.79 -18.64
CA PRO A 87 -11.52 -0.22 -17.55
C PRO A 87 -12.76 -1.04 -17.28
N ALA A 88 -12.85 -1.59 -16.08
CA ALA A 88 -13.98 -2.40 -15.70
C ALA A 88 -14.68 -1.82 -14.49
N PRO A 89 -15.96 -2.15 -14.28
CA PRO A 89 -16.72 -1.70 -13.11
C PRO A 89 -16.20 -2.37 -11.85
N ARG A 90 -15.65 -3.56 -12.03
CA ARG A 90 -15.07 -4.33 -10.93
C ARG A 90 -13.60 -4.60 -11.21
N GLY A 91 -12.82 -4.68 -10.15
CA GLY A 91 -11.39 -4.88 -10.27
C GLY A 91 -11.01 -6.16 -10.99
N VAL A 92 -10.52 -6.00 -12.19
CA VAL A 92 -10.06 -7.13 -13.00
C VAL A 92 -8.56 -7.44 -12.77
N PRO A 93 -7.65 -6.43 -12.80
CA PRO A 93 -6.20 -6.64 -12.65
C PRO A 93 -5.79 -7.19 -11.28
N GLN A 94 -4.55 -7.63 -11.20
CA GLN A 94 -3.96 -8.15 -9.99
C GLN A 94 -2.53 -7.67 -9.92
N ILE A 95 -2.29 -6.68 -9.10
CA ILE A 95 -0.99 -6.05 -9.05
C ILE A 95 -0.09 -6.66 -8.00
N GLU A 96 0.94 -7.33 -8.45
CA GLU A 96 1.93 -7.91 -7.57
C GLU A 96 3.07 -6.91 -7.42
N VAL A 97 3.25 -6.40 -6.22
CA VAL A 97 4.26 -5.40 -6.00
C VAL A 97 5.38 -5.91 -5.12
N THR A 98 6.60 -5.72 -5.60
CA THR A 98 7.78 -6.09 -4.88
C THR A 98 8.53 -4.85 -4.39
N PHE A 99 8.61 -4.70 -3.09
CA PHE A 99 9.32 -3.60 -2.48
C PHE A 99 10.73 -4.02 -2.12
N ASP A 100 11.69 -3.57 -2.90
CA ASP A 100 13.08 -3.90 -2.66
C ASP A 100 13.83 -2.66 -2.22
N ILE A 101 14.11 -2.59 -0.94
CA ILE A 101 14.83 -1.45 -0.40
C ILE A 101 16.32 -1.64 -0.59
N ASP A 102 16.91 -0.78 -1.37
CA ASP A 102 18.34 -0.87 -1.64
C ASP A 102 19.14 -0.14 -0.57
N ALA A 103 20.30 -0.69 -0.23
CA ALA A 103 21.16 -0.15 0.82
C ALA A 103 21.73 1.23 0.48
N ASN A 104 21.58 1.67 -0.77
CA ASN A 104 22.06 2.99 -1.17
C ASN A 104 21.01 4.05 -0.88
N GLY A 105 19.86 3.63 -0.37
CA GLY A 105 18.79 4.56 -0.06
C GLY A 105 17.81 4.71 -1.19
N ILE A 106 17.57 3.62 -1.89
CA ILE A 106 16.64 3.62 -3.01
C ILE A 106 15.51 2.64 -2.78
N LEU A 107 14.30 3.14 -2.77
CA LEU A 107 13.12 2.31 -2.61
C LEU A 107 12.66 1.85 -3.98
N ASN A 108 12.96 0.59 -4.28
CA ASN A 108 12.59 0.03 -5.58
C ASN A 108 11.25 -0.64 -5.51
N VAL A 109 10.23 0.07 -5.92
CA VAL A 109 8.89 -0.48 -5.96
C VAL A 109 8.59 -1.03 -7.36
N THR A 110 8.52 -2.33 -7.45
CA THR A 110 8.27 -2.99 -8.72
C THR A 110 6.86 -3.56 -8.74
N ALA A 111 6.01 -2.97 -9.55
CA ALA A 111 4.64 -3.42 -9.68
C ALA A 111 4.44 -4.15 -10.98
N THR A 112 3.85 -5.32 -10.92
CA THR A 112 3.59 -6.12 -12.10
C THR A 112 2.21 -6.77 -12.02
N ASP A 113 1.43 -6.62 -13.08
CA ASP A 113 0.11 -7.23 -13.11
C ASP A 113 0.23 -8.72 -13.45
N LYS A 114 -0.69 -9.51 -12.91
CA LYS A 114 -0.64 -10.96 -13.11
C LYS A 114 -1.43 -11.40 -14.33
N SER A 115 -2.09 -10.47 -15.00
CA SER A 115 -2.84 -10.78 -16.20
C SER A 115 -2.05 -10.34 -17.42
N THR A 116 -1.56 -9.11 -17.40
CA THR A 116 -0.73 -8.58 -18.46
C THR A 116 0.72 -8.51 -17.99
N GLY A 117 1.64 -8.86 -18.88
CA GLY A 117 3.05 -8.86 -18.52
C GLY A 117 3.69 -7.48 -18.52
N LYS A 118 3.05 -6.53 -17.87
CA LYS A 118 3.59 -5.19 -17.77
C LYS A 118 4.15 -4.93 -16.39
N ALA A 119 5.32 -4.31 -16.34
CA ALA A 119 5.98 -4.01 -15.08
C ALA A 119 6.76 -2.72 -15.20
N ASN A 120 6.54 -1.80 -14.29
CA ASN A 120 7.25 -0.54 -14.30
C ASN A 120 7.91 -0.30 -12.94
N LYS A 121 9.11 0.25 -12.98
CA LYS A 121 9.85 0.53 -11.76
C LYS A 121 10.13 2.01 -11.63
N ILE A 122 10.10 2.50 -10.43
CA ILE A 122 10.42 3.89 -10.15
C ILE A 122 11.34 3.97 -8.94
N THR A 123 12.42 4.70 -9.09
CA THR A 123 13.39 4.83 -8.03
C THR A 123 13.02 5.94 -7.05
N ILE A 124 12.37 5.56 -5.97
CA ILE A 124 11.99 6.52 -4.95
C ILE A 124 13.15 6.67 -3.96
N THR A 125 13.60 7.87 -3.76
CA THR A 125 14.71 8.12 -2.88
C THR A 125 14.24 8.38 -1.45
N ASN A 126 15.06 7.97 -0.48
CA ASN A 126 14.75 8.18 0.92
C ASN A 126 14.78 9.67 1.25
N ASP A 127 13.65 10.19 1.69
CA ASP A 127 13.53 11.61 2.02
C ASP A 127 14.28 11.93 3.31
N LYS A 128 14.67 13.19 3.48
CA LYS A 128 15.42 13.62 4.65
C LYS A 128 14.58 13.52 5.92
N GLY A 129 13.28 13.64 5.76
CA GLY A 129 12.40 13.58 6.90
C GLY A 129 12.13 14.95 7.47
N ARG A 130 10.94 15.47 7.21
CA ARG A 130 10.55 16.78 7.72
C ARG A 130 10.12 16.69 9.17
N LEU A 131 9.63 15.53 9.58
CA LEU A 131 9.18 15.33 10.94
C LEU A 131 10.26 14.66 11.75
N SER A 132 10.28 14.93 13.05
CA SER A 132 11.25 14.32 13.93
C SER A 132 10.85 12.88 14.27
N LYS A 133 11.78 12.13 14.84
CA LYS A 133 11.55 10.71 15.17
C LYS A 133 10.36 10.50 16.12
N GLU A 134 9.98 11.53 16.88
CA GLU A 134 8.81 11.42 17.74
C GLU A 134 7.54 11.71 16.95
N GLU A 135 7.62 12.71 16.08
CA GLU A 135 6.48 13.13 15.28
C GLU A 135 6.04 12.06 14.28
N ILE A 136 6.99 11.24 13.83
CA ILE A 136 6.67 10.17 12.89
C ILE A 136 6.03 8.98 13.60
N GLU A 137 6.21 8.91 14.91
CA GLU A 137 5.64 7.83 15.70
C GLU A 137 4.26 8.19 16.21
N ARG A 138 4.12 9.43 16.67
CA ARG A 138 2.86 9.92 17.25
C ARG A 138 1.68 9.78 16.29
N MET A 139 1.95 9.82 14.98
CA MET A 139 0.88 9.75 13.98
C MET A 139 0.08 8.45 14.07
N VAL A 140 0.73 7.36 14.49
CA VAL A 140 0.04 6.09 14.63
C VAL A 140 -0.47 5.93 16.06
N GLN A 141 0.19 6.60 16.99
CA GLN A 141 -0.21 6.58 18.38
C GLN A 141 -1.52 7.34 18.54
N GLU A 142 -1.63 8.45 17.84
CA GLU A 142 -2.85 9.24 17.83
C GLU A 142 -3.97 8.49 17.12
N ALA A 143 -3.58 7.66 16.15
CA ALA A 143 -4.55 6.83 15.45
C ALA A 143 -5.14 5.81 16.41
N GLU A 144 -4.31 5.34 17.33
CA GLU A 144 -4.74 4.41 18.36
C GLU A 144 -5.49 5.14 19.48
N LYS A 145 -5.25 6.44 19.58
CA LYS A 145 -5.94 7.27 20.56
C LYS A 145 -7.37 7.54 20.10
N TYR A 146 -7.50 7.91 18.84
CA TYR A 146 -8.79 8.17 18.23
C TYR A 146 -9.33 6.90 17.57
N LYS A 147 -8.77 5.77 17.99
CA LYS A 147 -9.11 4.45 17.44
C LYS A 147 -10.60 4.17 17.43
N ALA A 148 -11.32 4.69 18.43
CA ALA A 148 -12.76 4.53 18.52
C ALA A 148 -13.44 5.08 17.26
N GLU A 149 -12.85 6.13 16.70
CA GLU A 149 -13.36 6.75 15.50
C GLU A 149 -12.81 6.04 14.26
N ASP A 150 -11.61 5.49 14.39
CA ASP A 150 -10.97 4.75 13.31
C ASP A 150 -11.82 3.55 12.95
N GLU A 151 -12.35 2.88 13.97
CA GLU A 151 -13.21 1.73 13.78
C GLU A 151 -14.51 2.11 13.06
N VAL A 152 -14.90 3.38 13.18
CA VAL A 152 -16.10 3.87 12.53
C VAL A 152 -15.88 4.02 11.03
N GLN A 153 -14.74 4.59 10.65
CA GLN A 153 -14.44 4.76 9.24
C GLN A 153 -14.19 3.41 8.57
N ARG A 154 -13.84 2.40 9.39
CA ARG A 154 -13.67 1.03 8.90
C ARG A 154 -14.99 0.54 8.34
N GLU A 155 -16.08 0.89 9.02
CA GLU A 155 -17.42 0.49 8.62
C GLU A 155 -17.79 1.12 7.29
N ARG A 156 -17.45 2.40 7.13
CA ARG A 156 -17.75 3.11 5.90
C ARG A 156 -17.04 2.49 4.70
N VAL A 157 -15.77 2.14 4.87
CA VAL A 157 -15.01 1.53 3.79
C VAL A 157 -15.34 0.05 3.65
N SER A 158 -16.06 -0.49 4.63
CA SER A 158 -16.49 -1.88 4.59
C SER A 158 -17.78 -1.99 3.79
N ALA A 159 -18.69 -1.05 4.03
CA ALA A 159 -19.97 -1.03 3.34
C ALA A 159 -19.83 -0.42 1.95
N LYS A 160 -18.70 0.25 1.72
CA LYS A 160 -18.43 0.89 0.43
C LYS A 160 -18.39 -0.14 -0.69
N ASN A 161 -18.03 -1.37 -0.34
CA ASN A 161 -17.93 -2.46 -1.31
C ASN A 161 -19.25 -2.68 -2.05
N ALA A 162 -20.36 -2.54 -1.34
CA ALA A 162 -21.68 -2.71 -1.93
C ALA A 162 -21.98 -1.56 -2.88
N TYR A 163 -21.45 -0.39 -2.56
CA TYR A 163 -21.66 0.79 -3.39
C TYR A 163 -20.77 0.74 -4.62
N GLU A 164 -19.73 -0.08 -4.57
CA GLU A 164 -18.85 -0.27 -5.72
C GLU A 164 -19.56 -1.12 -6.76
N SER A 165 -20.43 -2.00 -6.28
CA SER A 165 -21.18 -2.91 -7.13
C SER A 165 -22.42 -2.23 -7.72
N TYR A 166 -22.50 -0.91 -7.55
CA TYR A 166 -23.64 -0.14 -8.03
C TYR A 166 -23.86 -0.35 -9.54
N ALA A 167 -25.11 -0.23 -9.96
CA ALA A 167 -25.47 -0.37 -11.35
C ALA A 167 -25.37 0.99 -12.03
N PHE A 168 -25.12 1.00 -13.32
CA PHE A 168 -24.98 2.24 -14.04
C PHE A 168 -26.10 2.43 -15.07
N ASN A 169 -26.04 3.55 -15.78
CA ASN A 169 -27.08 3.89 -16.75
C ASN A 169 -27.07 2.98 -17.97
N MET A 170 -28.16 3.03 -18.73
CA MET A 170 -28.35 2.21 -19.93
C MET A 170 -27.49 2.74 -21.09
N LYS A 171 -27.35 1.93 -22.13
CA LYS A 171 -26.60 2.33 -23.33
C LYS A 171 -27.42 3.33 -24.15
N SER A 172 -26.88 3.75 -25.28
CA SER A 172 -27.55 4.69 -26.16
C SER A 172 -28.85 4.10 -26.71
N ALA A 173 -29.78 4.97 -27.07
CA ALA A 173 -31.05 4.56 -27.61
C ALA A 173 -30.92 4.08 -29.05
N VAL A 174 -31.86 3.26 -29.49
CA VAL A 174 -31.84 2.73 -30.84
C VAL A 174 -32.76 3.55 -31.74
N GLU A 175 -32.19 4.16 -32.76
CA GLU A 175 -32.94 4.96 -33.71
C GLU A 175 -33.73 4.06 -34.65
N ASP A 176 -34.99 4.41 -34.88
CA ASP A 176 -35.84 3.62 -35.77
C ASP A 176 -35.81 4.19 -37.18
N GLU A 177 -35.34 5.41 -37.29
CA GLU A 177 -35.21 6.06 -38.58
C GLU A 177 -33.92 5.57 -39.24
N GLY A 178 -34.04 4.60 -40.12
CA GLY A 178 -32.89 4.07 -40.82
C GLY A 178 -33.14 3.91 -42.29
N LEU A 179 -34.30 4.35 -42.74
CA LEU A 179 -34.69 4.24 -44.13
C LEU A 179 -35.89 5.13 -44.40
N LYS A 180 -35.77 5.99 -45.40
CA LYS A 180 -36.85 6.88 -45.78
C LYS A 180 -37.04 6.88 -47.28
N GLY A 181 -38.09 7.53 -47.74
CA GLY A 181 -38.38 7.60 -49.15
C GLY A 181 -37.59 8.69 -49.83
N LYS A 182 -36.37 8.37 -50.23
CA LYS A 182 -35.51 9.32 -50.88
C LYS A 182 -35.89 9.46 -52.36
N ILE A 183 -36.52 10.57 -52.70
CA ILE A 183 -36.91 10.85 -54.07
C ILE A 183 -36.28 12.15 -54.52
N SER A 184 -36.16 12.31 -55.84
CA SER A 184 -35.57 13.52 -56.42
C SER A 184 -34.13 13.71 -55.95
N GLU A 185 -33.57 14.91 -56.16
CA GLU A 185 -32.21 15.25 -55.74
C GLU A 185 -31.18 14.33 -56.38
N HIS A 1 39.67 11.65 -14.46
CA HIS A 1 38.72 10.60 -14.05
C HIS A 1 37.77 10.26 -15.20
N MET A 2 37.97 9.10 -15.80
CA MET A 2 37.13 8.68 -16.93
C MET A 2 37.13 7.17 -17.05
N GLY A 3 36.30 6.66 -17.96
CA GLY A 3 36.23 5.24 -18.15
C GLY A 3 34.81 4.75 -18.29
N ASP A 4 33.90 5.38 -17.56
CA ASP A 4 32.51 5.01 -17.60
C ASP A 4 31.67 6.19 -18.06
N LYS A 5 30.46 5.92 -18.53
CA LYS A 5 29.56 6.96 -19.03
C LYS A 5 28.76 7.60 -17.89
N SER A 6 29.02 7.15 -16.68
CA SER A 6 28.39 7.69 -15.50
C SER A 6 29.33 7.49 -14.31
N GLU A 7 28.94 7.99 -13.16
CA GLU A 7 29.76 7.82 -11.97
C GLU A 7 28.91 7.84 -10.73
N ASN A 8 29.43 7.26 -9.67
CA ASN A 8 28.75 7.25 -8.39
C ASN A 8 29.17 8.45 -7.58
N VAL A 9 28.32 9.46 -7.56
CA VAL A 9 28.62 10.69 -6.85
C VAL A 9 27.35 11.29 -6.24
N GLN A 10 27.51 11.91 -5.07
CA GLN A 10 26.39 12.57 -4.36
C GLN A 10 25.28 11.57 -4.03
N ASP A 11 25.67 10.37 -3.68
CA ASP A 11 24.72 9.33 -3.34
C ASP A 11 24.15 9.57 -1.95
N LEU A 12 23.10 8.86 -1.61
CA LEU A 12 22.44 9.04 -0.33
C LEU A 12 22.71 7.85 0.58
N LEU A 13 22.52 8.05 1.87
CA LEU A 13 22.77 7.01 2.85
C LEU A 13 21.49 6.26 3.20
N LEU A 14 21.66 5.13 3.84
CA LEU A 14 20.55 4.29 4.25
C LEU A 14 20.03 4.75 5.60
N LEU A 15 18.72 4.68 5.77
CA LEU A 15 18.10 5.04 7.02
C LEU A 15 18.38 3.97 8.06
N ASP A 16 18.37 4.35 9.32
CA ASP A 16 18.64 3.40 10.39
C ASP A 16 17.43 2.53 10.63
N VAL A 17 16.28 3.15 10.69
CA VAL A 17 15.02 2.46 10.87
C VAL A 17 13.96 3.09 9.98
N ALA A 18 12.93 2.33 9.65
CA ALA A 18 11.85 2.86 8.84
C ALA A 18 10.98 3.78 9.67
N PRO A 19 10.97 5.09 9.34
CA PRO A 19 10.21 6.10 10.09
C PRO A 19 8.74 5.74 10.22
N LEU A 20 8.15 5.33 9.12
CA LEU A 20 6.75 4.99 9.09
C LEU A 20 6.53 3.74 8.27
N SER A 21 5.35 3.16 8.42
CA SER A 21 4.99 1.98 7.66
C SER A 21 4.57 2.38 6.25
N LEU A 22 4.79 1.50 5.30
CA LEU A 22 4.47 1.79 3.92
C LEU A 22 3.49 0.75 3.37
N GLY A 23 2.59 1.17 2.50
CA GLY A 23 1.64 0.26 1.95
C GLY A 23 0.77 0.85 0.88
N LEU A 24 -0.31 0.15 0.57
CA LEU A 24 -1.24 0.54 -0.46
C LEU A 24 -2.67 0.39 0.09
N GLU A 25 -3.65 0.78 -0.69
CA GLU A 25 -5.03 0.67 -0.27
C GLU A 25 -5.66 -0.62 -0.77
N THR A 26 -6.57 -1.16 0.01
CA THR A 26 -7.29 -2.35 -0.39
C THR A 26 -8.76 -2.01 -0.64
N ALA A 27 -9.54 -3.00 -1.09
CA ALA A 27 -10.96 -2.79 -1.39
C ALA A 27 -11.69 -2.14 -0.22
N GLY A 28 -12.15 -0.92 -0.44
CA GLY A 28 -12.83 -0.19 0.59
C GLY A 28 -12.25 1.19 0.76
N GLY A 29 -10.95 1.30 0.55
CA GLY A 29 -10.29 2.59 0.69
C GLY A 29 -9.48 2.68 1.96
N VAL A 30 -9.26 1.55 2.60
CA VAL A 30 -8.48 1.50 3.83
C VAL A 30 -7.00 1.33 3.52
N MET A 31 -6.16 1.69 4.47
CA MET A 31 -4.73 1.64 4.29
C MET A 31 -4.18 0.30 4.77
N THR A 32 -3.45 -0.37 3.90
CA THR A 32 -2.85 -1.65 4.23
C THR A 32 -1.33 -1.57 4.10
N ALA A 33 -0.66 -1.52 5.24
CA ALA A 33 0.79 -1.42 5.28
C ALA A 33 1.44 -2.80 5.26
N LEU A 34 2.02 -3.16 4.12
CA LEU A 34 2.71 -4.43 4.00
C LEU A 34 4.12 -4.31 4.54
N ILE A 35 4.62 -3.08 4.58
CA ILE A 35 5.94 -2.80 5.12
C ILE A 35 5.79 -2.14 6.48
N LYS A 36 6.17 -2.86 7.52
CA LYS A 36 6.06 -2.33 8.87
C LYS A 36 7.22 -1.39 9.17
N ARG A 37 6.95 -0.42 10.01
CA ARG A 37 7.94 0.57 10.39
C ARG A 37 9.05 -0.05 11.26
N ASN A 38 10.07 0.75 11.55
CA ASN A 38 11.22 0.34 12.38
C ASN A 38 12.11 -0.70 11.68
N SER A 39 11.80 -1.00 10.44
CA SER A 39 12.59 -1.94 9.65
C SER A 39 12.66 -1.48 8.21
N THR A 40 13.79 -0.94 7.81
CA THR A 40 13.94 -0.44 6.45
C THR A 40 14.82 -1.36 5.60
N ILE A 41 15.91 -1.87 6.15
CA ILE A 41 16.81 -2.73 5.40
C ILE A 41 17.23 -3.94 6.22
N PRO A 42 17.29 -5.13 5.59
CA PRO A 42 16.90 -5.33 4.21
C PRO A 42 15.41 -5.68 4.09
N THR A 43 14.69 -4.92 3.30
CA THR A 43 13.28 -5.16 3.13
C THR A 43 12.92 -5.43 1.67
N LYS A 44 12.28 -6.55 1.44
CA LYS A 44 11.79 -6.90 0.13
C LYS A 44 10.44 -7.57 0.28
N GLN A 45 9.40 -6.88 -0.11
CA GLN A 45 8.05 -7.39 0.06
C GLN A 45 7.38 -7.64 -1.28
N THR A 46 6.91 -8.85 -1.45
CA THR A 46 6.19 -9.24 -2.64
C THR A 46 4.82 -9.80 -2.25
N GLN A 47 3.79 -9.02 -2.47
CA GLN A 47 2.44 -9.43 -2.09
C GLN A 47 1.43 -9.10 -3.20
N ILE A 48 0.36 -9.87 -3.24
CA ILE A 48 -0.68 -9.70 -4.24
C ILE A 48 -1.73 -8.70 -3.79
N PHE A 49 -1.96 -7.68 -4.61
CA PHE A 49 -2.98 -6.69 -4.36
C PHE A 49 -3.92 -6.60 -5.53
N THR A 50 -5.19 -6.87 -5.28
CA THR A 50 -6.19 -6.81 -6.32
C THR A 50 -7.15 -5.66 -6.05
N THR A 51 -7.55 -4.98 -7.10
CA THR A 51 -8.50 -3.89 -6.97
C THR A 51 -9.84 -4.32 -7.55
N TYR A 52 -10.92 -3.86 -6.95
CA TYR A 52 -12.24 -4.23 -7.41
C TYR A 52 -12.64 -3.36 -8.59
N SER A 53 -12.38 -2.08 -8.48
CA SER A 53 -12.70 -1.15 -9.55
C SER A 53 -11.69 -0.02 -9.63
N ASP A 54 -11.02 0.10 -10.75
CA ASP A 54 -10.11 1.21 -10.98
C ASP A 54 -10.69 2.11 -12.05
N ASN A 55 -11.26 1.46 -13.08
CA ASN A 55 -11.93 2.14 -14.20
C ASN A 55 -10.97 2.91 -15.09
N GLN A 56 -9.71 2.60 -14.98
CA GLN A 56 -8.69 3.19 -15.83
C GLN A 56 -7.98 2.08 -16.58
N PRO A 57 -7.29 2.39 -17.69
CA PRO A 57 -6.51 1.40 -18.44
C PRO A 57 -5.41 0.82 -17.56
N GLY A 58 -5.68 -0.34 -17.00
CA GLY A 58 -4.74 -0.94 -16.11
C GLY A 58 -5.09 -0.64 -14.68
N VAL A 59 -4.15 -0.06 -13.94
CA VAL A 59 -4.37 0.29 -12.53
C VAL A 59 -3.61 1.55 -12.14
N LEU A 60 -4.07 2.19 -11.08
CA LEU A 60 -3.40 3.35 -10.52
C LEU A 60 -2.88 3.00 -9.13
N ILE A 61 -1.60 3.23 -8.89
CA ILE A 61 -1.00 2.90 -7.60
C ILE A 61 -0.41 4.12 -6.93
N GLN A 62 -0.88 4.40 -5.73
CA GLN A 62 -0.40 5.53 -4.95
C GLN A 62 0.29 5.03 -3.67
N VAL A 63 1.58 5.29 -3.56
CA VAL A 63 2.34 4.85 -2.39
C VAL A 63 2.26 5.89 -1.27
N TYR A 64 1.74 5.46 -0.13
CA TYR A 64 1.58 6.36 1.01
C TYR A 64 2.59 6.08 2.11
N GLU A 65 2.97 7.13 2.82
CA GLU A 65 3.90 7.05 3.93
C GLU A 65 3.16 7.29 5.23
N GLY A 66 3.22 6.33 6.13
CA GLY A 66 2.56 6.48 7.40
C GLY A 66 1.68 5.31 7.72
N GLU A 67 1.37 5.15 8.98
CA GLU A 67 0.49 4.09 9.38
C GLU A 67 -0.78 4.69 9.95
N ARG A 68 -1.90 4.27 9.40
CA ARG A 68 -3.20 4.81 9.77
C ARG A 68 -4.31 3.90 9.27
N ALA A 69 -5.54 4.25 9.56
CA ALA A 69 -6.68 3.47 9.13
C ALA A 69 -6.98 3.69 7.65
N MET A 70 -6.97 4.95 7.22
CA MET A 70 -7.22 5.28 5.83
C MET A 70 -6.00 5.92 5.21
N THR A 71 -5.95 5.91 3.89
CA THR A 71 -4.84 6.48 3.15
C THR A 71 -4.88 8.01 3.18
N LYS A 72 -6.07 8.54 3.41
CA LYS A 72 -6.29 9.99 3.45
C LYS A 72 -5.53 10.64 4.61
N ASP A 73 -5.19 9.86 5.62
CA ASP A 73 -4.48 10.38 6.79
C ASP A 73 -2.99 10.40 6.55
N ASN A 74 -2.53 9.63 5.59
CA ASN A 74 -1.10 9.53 5.29
C ASN A 74 -0.73 10.45 4.15
N ASN A 75 0.55 10.70 3.98
CA ASN A 75 1.04 11.54 2.90
C ASN A 75 1.53 10.68 1.75
N LEU A 76 1.57 11.26 0.56
CA LEU A 76 1.96 10.53 -0.64
C LEU A 76 3.48 10.57 -0.86
N LEU A 77 4.05 9.42 -1.18
CA LEU A 77 5.47 9.33 -1.49
C LEU A 77 5.66 9.45 -2.99
N GLY A 78 4.78 8.80 -3.71
CA GLY A 78 4.83 8.82 -5.15
C GLY A 78 3.71 8.02 -5.75
N ARG A 79 3.35 8.34 -6.96
CA ARG A 79 2.27 7.64 -7.63
C ARG A 79 2.68 7.28 -9.04
N PHE A 80 2.14 6.18 -9.53
CA PHE A 80 2.42 5.73 -10.87
C PHE A 80 1.25 4.93 -11.39
N GLU A 81 1.22 4.70 -12.68
CA GLU A 81 0.13 3.98 -13.30
C GLU A 81 0.66 2.93 -14.27
N LEU A 82 -0.13 1.91 -14.47
CA LEU A 82 0.23 0.83 -15.36
C LEU A 82 -0.88 0.63 -16.39
N SER A 83 -0.61 0.99 -17.63
CA SER A 83 -1.58 0.83 -18.68
C SER A 83 -1.25 -0.38 -19.55
N GLY A 84 -2.18 -1.30 -19.63
CA GLY A 84 -1.99 -2.49 -20.43
C GLY A 84 -3.32 -3.04 -20.88
N ILE A 85 -4.21 -3.24 -19.93
CA ILE A 85 -5.55 -3.70 -20.21
C ILE A 85 -6.49 -2.51 -20.23
N PRO A 86 -7.64 -2.63 -20.91
CA PRO A 86 -8.65 -1.54 -20.97
C PRO A 86 -9.20 -1.22 -19.57
N PRO A 87 -9.90 -0.06 -19.41
CA PRO A 87 -10.48 0.36 -18.13
C PRO A 87 -11.17 -0.79 -17.41
N ALA A 88 -10.62 -1.19 -16.27
CA ALA A 88 -11.15 -2.31 -15.52
C ALA A 88 -12.05 -1.88 -14.36
N PRO A 89 -13.36 -2.08 -14.51
CA PRO A 89 -14.32 -1.81 -13.45
C PRO A 89 -14.57 -3.08 -12.62
N ARG A 90 -13.91 -4.14 -13.01
CA ARG A 90 -14.04 -5.43 -12.36
C ARG A 90 -12.69 -5.86 -11.82
N GLY A 91 -12.71 -6.66 -10.75
CA GLY A 91 -11.47 -7.12 -10.14
C GLY A 91 -10.73 -8.17 -10.96
N VAL A 92 -10.50 -7.86 -12.22
CA VAL A 92 -9.78 -8.75 -13.11
C VAL A 92 -8.23 -8.62 -12.98
N PRO A 93 -7.65 -7.39 -12.73
CA PRO A 93 -6.21 -7.25 -12.59
C PRO A 93 -5.70 -7.82 -11.27
N GLN A 94 -4.46 -8.21 -11.26
CA GLN A 94 -3.83 -8.75 -10.10
C GLN A 94 -2.42 -8.23 -10.01
N ILE A 95 -2.21 -7.27 -9.16
CA ILE A 95 -0.94 -6.61 -9.06
C ILE A 95 -0.03 -7.27 -8.04
N GLU A 96 1.06 -7.79 -8.52
CA GLU A 96 2.06 -8.38 -7.67
C GLU A 96 3.12 -7.33 -7.39
N VAL A 97 3.05 -6.71 -6.24
CA VAL A 97 3.98 -5.66 -5.89
C VAL A 97 5.26 -6.24 -5.33
N THR A 98 6.37 -5.72 -5.80
CA THR A 98 7.66 -6.16 -5.34
C THR A 98 8.48 -4.95 -4.91
N PHE A 99 8.60 -4.76 -3.61
CA PHE A 99 9.38 -3.66 -3.06
C PHE A 99 10.82 -4.10 -2.84
N ASP A 100 11.71 -3.64 -3.69
CA ASP A 100 13.11 -3.98 -3.57
C ASP A 100 13.91 -2.73 -3.19
N ILE A 101 14.81 -2.87 -2.23
CA ILE A 101 15.56 -1.72 -1.75
C ILE A 101 17.06 -1.92 -1.94
N ASP A 102 17.66 -1.09 -2.79
CA ASP A 102 19.10 -1.13 -3.00
C ASP A 102 19.80 -0.51 -1.80
N ALA A 103 21.02 -0.95 -1.53
CA ALA A 103 21.78 -0.45 -0.39
C ALA A 103 22.29 0.98 -0.63
N ASN A 104 21.86 1.57 -1.74
CA ASN A 104 22.21 2.94 -2.06
C ASN A 104 21.08 3.87 -1.63
N GLY A 105 20.05 3.30 -1.03
CA GLY A 105 18.92 4.09 -0.58
C GLY A 105 17.87 4.28 -1.66
N ILE A 106 17.63 3.24 -2.43
CA ILE A 106 16.67 3.30 -3.51
C ILE A 106 15.51 2.34 -3.27
N LEU A 107 14.32 2.89 -3.10
CA LEU A 107 13.11 2.10 -2.93
C LEU A 107 12.51 1.83 -4.31
N ASN A 108 12.55 0.58 -4.72
CA ASN A 108 12.04 0.20 -6.02
C ASN A 108 10.75 -0.58 -5.88
N VAL A 109 9.64 0.10 -6.03
CA VAL A 109 8.35 -0.56 -5.98
C VAL A 109 7.96 -1.01 -7.39
N THR A 110 8.11 -2.30 -7.64
CA THR A 110 7.83 -2.84 -8.95
C THR A 110 6.43 -3.45 -8.97
N ALA A 111 5.57 -2.89 -9.81
CA ALA A 111 4.22 -3.39 -9.95
C ALA A 111 4.07 -4.15 -11.25
N THR A 112 3.50 -5.34 -11.15
CA THR A 112 3.29 -6.17 -12.31
C THR A 112 1.93 -6.85 -12.24
N ASP A 113 1.18 -6.78 -13.33
CA ASP A 113 -0.14 -7.38 -13.38
C ASP A 113 -0.08 -8.80 -13.94
N LYS A 114 -1.08 -9.60 -13.63
CA LYS A 114 -1.14 -10.98 -14.08
C LYS A 114 -1.89 -11.11 -15.41
N SER A 115 -2.72 -10.12 -15.72
CA SER A 115 -3.43 -10.13 -16.98
C SER A 115 -2.51 -9.59 -18.07
N THR A 116 -1.90 -8.46 -17.78
CA THR A 116 -0.91 -7.88 -18.65
C THR A 116 0.46 -7.92 -17.98
N GLY A 117 1.39 -8.65 -18.57
CA GLY A 117 2.70 -8.83 -17.98
C GLY A 117 3.61 -7.63 -18.13
N LYS A 118 3.15 -6.49 -17.71
CA LYS A 118 3.93 -5.27 -17.75
C LYS A 118 4.41 -4.91 -16.36
N ALA A 119 5.64 -4.47 -16.26
CA ALA A 119 6.22 -4.10 -14.99
C ALA A 119 6.61 -2.64 -14.97
N ASN A 120 6.06 -1.89 -14.04
CA ASN A 120 6.39 -0.48 -13.90
C ASN A 120 6.85 -0.20 -12.49
N LYS A 121 7.86 0.62 -12.36
CA LYS A 121 8.42 0.94 -11.06
C LYS A 121 8.80 2.41 -10.97
N ILE A 122 8.93 2.88 -9.76
CA ILE A 122 9.36 4.23 -9.50
C ILE A 122 10.48 4.22 -8.46
N THR A 123 11.60 4.83 -8.81
CA THR A 123 12.75 4.85 -7.92
C THR A 123 12.60 5.95 -6.88
N ILE A 124 12.13 5.58 -5.71
CA ILE A 124 11.95 6.53 -4.63
C ILE A 124 13.18 6.54 -3.74
N THR A 125 13.83 7.68 -3.67
CA THR A 125 15.00 7.83 -2.84
C THR A 125 14.58 8.11 -1.40
N ASN A 126 15.38 7.66 -0.44
CA ASN A 126 15.09 7.88 0.99
C ASN A 126 14.96 9.38 1.28
N ASP A 127 16.06 10.10 1.07
CA ASP A 127 16.12 11.55 1.30
C ASP A 127 16.00 11.92 2.77
N LYS A 128 16.24 13.18 3.08
CA LYS A 128 16.21 13.65 4.45
C LYS A 128 15.86 15.14 4.49
N GLY A 129 15.81 15.70 5.69
CA GLY A 129 15.49 17.09 5.84
C GLY A 129 15.18 17.46 7.27
N ARG A 130 13.95 17.89 7.51
CA ARG A 130 13.52 18.27 8.86
C ARG A 130 12.73 17.15 9.52
N LEU A 131 12.87 15.94 8.97
CA LEU A 131 12.14 14.77 9.46
C LEU A 131 12.41 14.57 10.95
N SER A 132 11.43 14.91 11.75
CA SER A 132 11.53 14.74 13.17
C SER A 132 10.86 13.44 13.56
N LYS A 133 11.51 12.66 14.40
CA LYS A 133 10.97 11.37 14.81
C LYS A 133 9.72 11.53 15.66
N GLU A 134 9.54 12.69 16.27
CA GLU A 134 8.37 12.96 17.08
C GLU A 134 7.09 12.83 16.25
N GLU A 135 7.15 13.33 15.01
CA GLU A 135 5.99 13.33 14.14
C GLU A 135 5.59 11.92 13.74
N ILE A 136 6.58 11.08 13.42
CA ILE A 136 6.30 9.72 13.00
C ILE A 136 5.77 8.89 14.18
N GLU A 137 6.22 9.22 15.38
CA GLU A 137 5.77 8.55 16.58
C GLU A 137 4.31 8.90 16.87
N ARG A 138 3.99 10.18 16.74
CA ARG A 138 2.63 10.65 17.02
C ARG A 138 1.60 9.93 16.15
N MET A 139 1.75 10.06 14.84
CA MET A 139 0.79 9.51 13.87
C MET A 139 0.53 8.01 14.07
N VAL A 140 1.57 7.26 14.36
CA VAL A 140 1.42 5.82 14.54
C VAL A 140 0.69 5.49 15.86
N GLN A 141 0.90 6.33 16.87
CA GLN A 141 0.27 6.12 18.17
C GLN A 141 -1.15 6.65 18.18
N GLU A 142 -1.41 7.69 17.39
CA GLU A 142 -2.75 8.26 17.32
C GLU A 142 -3.73 7.25 16.72
N ALA A 143 -3.23 6.37 15.88
CA ALA A 143 -4.06 5.31 15.31
C ALA A 143 -4.50 4.35 16.41
N GLU A 144 -3.70 4.29 17.46
CA GLU A 144 -3.99 3.48 18.63
C GLU A 144 -4.94 4.23 19.56
N LYS A 145 -4.79 5.55 19.59
CA LYS A 145 -5.61 6.40 20.45
C LYS A 145 -7.03 6.52 19.90
N TYR A 146 -7.16 6.56 18.60
CA TYR A 146 -8.46 6.70 17.95
C TYR A 146 -8.91 5.38 17.33
N LYS A 147 -8.28 4.29 17.76
CA LYS A 147 -8.55 2.95 17.23
C LYS A 147 -10.03 2.58 17.28
N ALA A 148 -10.77 3.15 18.23
CA ALA A 148 -12.20 2.85 18.34
C ALA A 148 -12.97 3.54 17.23
N GLU A 149 -12.65 4.80 16.99
CA GLU A 149 -13.30 5.58 15.94
C GLU A 149 -12.90 5.05 14.57
N ASP A 150 -11.70 4.50 14.49
CA ASP A 150 -11.21 3.91 13.26
C ASP A 150 -11.70 2.48 13.10
N GLU A 151 -12.27 1.95 14.16
CA GLU A 151 -12.76 0.57 14.16
C GLU A 151 -14.17 0.52 13.63
N VAL A 152 -14.98 1.52 13.96
CA VAL A 152 -16.36 1.56 13.52
C VAL A 152 -16.46 1.72 12.00
N GLN A 153 -15.40 2.22 11.38
CA GLN A 153 -15.39 2.38 9.93
C GLN A 153 -14.97 1.09 9.25
N ARG A 154 -14.37 0.18 10.01
CA ARG A 154 -13.91 -1.10 9.46
C ARG A 154 -15.11 -1.94 9.02
N GLU A 155 -16.27 -1.55 9.49
CA GLU A 155 -17.50 -2.23 9.15
C GLU A 155 -17.75 -2.15 7.64
N ARG A 156 -17.13 -1.15 7.00
CA ARG A 156 -17.27 -0.96 5.55
C ARG A 156 -16.71 -2.17 4.78
N VAL A 157 -15.74 -2.85 5.37
CA VAL A 157 -15.17 -4.04 4.74
C VAL A 157 -15.78 -5.30 5.35
N SER A 158 -16.60 -5.12 6.37
CA SER A 158 -17.25 -6.23 7.04
C SER A 158 -18.63 -6.49 6.42
N ALA A 159 -19.43 -5.44 6.30
CA ALA A 159 -20.79 -5.55 5.77
C ALA A 159 -20.80 -6.08 4.34
N LYS A 160 -19.83 -5.64 3.54
CA LYS A 160 -19.73 -6.06 2.15
C LYS A 160 -19.44 -7.56 2.02
N ASN A 161 -18.92 -8.15 3.09
CA ASN A 161 -18.58 -9.57 3.09
C ASN A 161 -19.65 -10.40 3.81
N ALA A 162 -20.67 -9.72 4.34
CA ALA A 162 -21.76 -10.40 5.02
C ALA A 162 -22.61 -11.19 4.05
N TYR A 163 -22.57 -10.80 2.78
CA TYR A 163 -23.33 -11.47 1.73
C TYR A 163 -22.91 -12.94 1.61
N GLU A 164 -21.62 -13.18 1.50
CA GLU A 164 -21.07 -14.52 1.38
C GLU A 164 -21.25 -15.29 2.68
N SER A 165 -21.36 -14.57 3.77
CA SER A 165 -21.51 -15.17 5.08
C SER A 165 -22.91 -15.74 5.27
N TYR A 166 -23.89 -15.16 4.61
CA TYR A 166 -25.27 -15.60 4.74
C TYR A 166 -25.45 -17.00 4.17
N ALA A 167 -26.26 -17.80 4.83
CA ALA A 167 -26.53 -19.15 4.40
C ALA A 167 -28.02 -19.44 4.40
N PHE A 168 -28.42 -20.49 3.73
CA PHE A 168 -29.82 -20.87 3.65
C PHE A 168 -30.26 -21.50 4.98
N ASN A 169 -31.54 -21.35 5.32
CA ASN A 169 -32.09 -21.87 6.59
C ASN A 169 -31.50 -21.13 7.77
N MET A 170 -31.19 -19.86 7.57
CA MET A 170 -30.63 -19.01 8.61
C MET A 170 -31.74 -18.36 9.43
N LYS A 171 -32.96 -18.55 8.97
CA LYS A 171 -34.13 -17.98 9.64
C LYS A 171 -34.34 -18.62 11.00
N SER A 172 -35.04 -17.93 11.87
CA SER A 172 -35.31 -18.41 13.21
C SER A 172 -36.37 -19.51 13.18
N ALA A 173 -37.14 -19.56 12.08
CA ALA A 173 -38.21 -20.54 11.90
C ALA A 173 -39.22 -20.42 13.03
N VAL A 174 -39.98 -19.34 13.01
CA VAL A 174 -40.96 -19.08 14.04
C VAL A 174 -42.37 -19.40 13.55
N GLU A 175 -43.09 -20.21 14.30
CA GLU A 175 -44.45 -20.58 13.96
C GLU A 175 -45.43 -19.62 14.62
N ASP A 176 -45.02 -19.09 15.77
CA ASP A 176 -45.84 -18.13 16.51
C ASP A 176 -46.08 -16.89 15.68
N GLU A 177 -47.30 -16.42 15.70
CA GLU A 177 -47.69 -15.25 14.93
C GLU A 177 -47.47 -13.99 15.75
N GLY A 178 -47.31 -12.87 15.06
CA GLY A 178 -47.06 -11.62 15.71
C GLY A 178 -48.25 -11.09 16.48
N LEU A 179 -49.40 -11.02 15.83
CA LEU A 179 -50.58 -10.48 16.46
C LEU A 179 -51.80 -11.35 16.20
N LYS A 180 -52.42 -11.81 17.26
CA LYS A 180 -53.65 -12.59 17.19
C LYS A 180 -54.45 -12.41 18.46
N GLY A 181 -55.64 -12.95 18.50
CA GLY A 181 -56.47 -12.85 19.67
C GLY A 181 -57.92 -12.70 19.31
N LYS A 182 -58.45 -11.51 19.50
CA LYS A 182 -59.84 -11.23 19.19
C LYS A 182 -59.97 -10.78 17.74
N ILE A 183 -61.17 -10.89 17.20
CA ILE A 183 -61.44 -10.50 15.83
C ILE A 183 -61.67 -8.99 15.72
N SER A 184 -62.26 -8.55 14.60
CA SER A 184 -62.56 -7.14 14.32
C SER A 184 -61.31 -6.38 13.88
N GLU A 185 -60.18 -7.10 13.83
CA GLU A 185 -58.90 -6.52 13.42
C GLU A 185 -58.54 -5.30 14.25
#